data_5FUR
#
_entry.id   5FUR
#
_cell.length_a   1.000
_cell.length_b   1.000
_cell.length_c   1.000
_cell.angle_alpha   90.00
_cell.angle_beta   90.00
_cell.angle_gamma   90.00
#
_symmetry.space_group_name_H-M   'P 1'
#
loop_
_entity.id
_entity.type
_entity.pdbx_description
1 polymer 'TATA-BOX-BINDING PROTEIN'
2 polymer 'TRANSCRIPTION INITIATION FACTOR IIA SUBUNIT 1'
3 polymer 'TRANSCRIPTION INITIATION FACTOR IIA SUBUNIT 1'
4 polymer 'TRANSCRIPTION INITIATION FACTOR IIA SUBUNIT 2'
5 polymer 'SUPER CORE PROMOTER'
6 polymer 'SUPER CORE PROMOTER'
7 polymer 'TRANSCRIPTION INITIATION FACTOR TFIID SUBUNIT 1'
8 polymer 'TRANSCRIPTION INITIATION FACTOR TFIID SUBUNIT 7'
9 polymer 'TRANSCRIPTION INITIATION FACTOR TFIID SUBUNIT 2'
10 polymer 'TRANSCRIPTION INITIATION FACTOR TFIID SUBUNIT 6'
11 polymer 'TRANSCRIPTION INITIATION FACTOR TFIID SUBUNIT 8'
#
loop_
_entity_poly.entity_id
_entity_poly.type
_entity_poly.pdbx_seq_one_letter_code
_entity_poly.pdbx_strand_id
1 'polypeptide(L)'
;MDQNNSLPPYAQGLASPQGAMTPGIPIFSPMMPYGTGLTPQPIQNTNSLSILEEQQRQQQQQQQQQQQQQQQQQQQQQQQ
QQQQQQQQQQQQQQQAVAAAAVQQSTSQQATQGTSGQAPQLFHSQTLTTAPLPGTTPLYPSPMTPMTPITPATPASESSG
IVPQLQNIVSTVNLGCKLDLKTIALRARNAEYNPKRFAAVIMRIREPRTTALIFSSGKMVCTGAKSEEQSRLAARKYARV
VQKLGFPAKFLDFKIQNMVGSCDVKFPIRLEGLVLTHQQFSSYEPELFPGLIYRMIKPRIVLLIFVSGKVVLTGAKVRAE
IYEAFENIYPILKGFRKTT
;
A
2 'polypeptide(L)' TVPKLYRSVIEDVINDVRDIFLDDGVDEQVLMELKTLWENKLM B
3 'polypeptide(L)' DTENVVVCQYDKIHRSKNKWKFHLKDGIMNLNGRDYIFSKAIGDAEW C
4 'polypeptide(L)'
;YQLYRNTTLGNSLQESLDELIQSQQITPQLALQVLLQFDKAINAALAQRVRNRVNFRGSLNTYRFCDNVWTFVLNDVEFR
EVTELIKVDKVKIVACD
;
D
5 'polydeoxyribonucleotide'
;(DG)(DA)(DA)(DG)(DG)(DG)(DC)(DG)(DC)(DC)(DT)(DA)(DT)(DA)(DA)(DA)(DA)(DG)(DG)(DG)
(DG)(DG)(DT)(DG)(DG)(DG)(DG)(DG)(DC)(DG)(DC)(DG)(DT)(DT)(DC)(DG)(DT)(DC)(DC)(DT)
(DC)(DA)(DG)(DT)(DC)(DG)(DC)(DG)(DA)(DT)(DC)(DG)(DA)(DA)(DC)(DA)(DC)(DT)(DC)(DG)
(DA)(DG)(DC)(DC)(DG)(DA)(DG)(DC)(DA)(DG)(DA)(DC)(DG)(DT)(DG)(DC)(DC)(DT)(DA)(DC)
(DG)(DG)(DA)(DC)(DC)(DA)(DT)(DG)(DG)
;
E
6 'polydeoxyribonucleotide'
;(DA)(DA)(DT)(DT)(DC)(DC)(DA)(DT)(DG)(DG)(DT)(DC)(DC)(DG)(DT)(DA)(DG)(DG)(DC)(DA)
(DC)(DG)(DT)(DC)(DT)(DG)(DC)(DT)(DC)(DG)(DG)(DC)(DT)(DC)(DG)(DA)(DG)(DT)(DG)(DT)
(DT)(DC)(DG)(DA)(DT)(DC)(DG)(DC)(DG)(DA)(DC)(DT)(DG)(DA)(DG)(DG)(DA)(DC)(DG)(DA)
(DA)(DC)(DG)(DC)(DG)(DC)(DC)(DC)(DC)(DC)(DA)(DC)(DC)(DC)(DC)(DC)(DT)(DT)(DT)(DT)
(DA)(DT)(DA)(DG)(DG)(DC)(DG)(DC)(DC)(DC)(DT)(DT)(DC)
;
F
7 'polypeptide(L)'
;MGPGCDLLLRTAATITAAAIMSDTDSDEDSAGGGPFSLAGFLFGNINGAGQLEGESVLDDECKKHLAGLGALGLGSLITE
LTANEELTGTDGALVNDEGWVRSTEDAVDYSDINEVAEDESRRYQQTMGSLQPLCHSDYDEDDYDADCEDIDCKLMPPPP
PPPGPMKKDKDQDSITGVSENGEGIILPSIIAPSSLASEKVDFSSSSDSESEMGPQEATQAESEDGKLTLPLAGIMQHDA
TKLLPSVTELFPEFRPGKVLRFLRLFGPGKNVPSVWRSARRKRKKKHRELIQEEQIQEVECSVESEVSQKSLWNYDYAPP
PPPEQCLSDDEITMMAPVESKFSQSTGDIDKVTDTKPRVAEWRYGPARLWYDMLGVPEDGSGFDYGFKLRKTEHEPVIKS
RMIEEFRKLEENNGTDLLADENFLMVTQLHWEDDIIWDGEDVKHKGTKPQRASLAGWLPSSMTRNAMAYNVQQGFAATLD
DDKPWYSIFPIDNEDLVYGRWEDNIIWDAQAMPRLLEPPVLTLDPNDENLILEIPDEKEEATSNSPSKESKKESSLKKSR
ILLGKTGVIKEEPQQNMSQPEVKDPWNLSNDEYYYPKQQGLRGTFGGNIIQHSIPAVELRQPFFPTHMGPIKLRQFHRPP
LKKYSFGALSQPGPHSVQPLLKHIKKKAKMREQERQASGGGEMFFMRTPQDLTGKDGDLILAEYSEENGPLMMQVGMATK
IKNYYKRKPGKDPGAPDCKYGETVYCHTSPFLGSLHPGQLLQAFENNLFRAPIYLHKMPETDFLIIRTRQGYYIRELVDI
FVVGQQCPLFEVPGPNSKRANTHIRDFLQVFIYRLFWKSKDRPRRIRMEDIKKAFPSHSESSIRKRLKLCADFKRTGMDS
NWWVLKSDFRLPTEEEIRAMVSPEQCCAYYSMIAAEQRLKDAGYGEKSFFAPEEENEEDFQMKIDDEVRTAPWNTTRAFI
AAMKGKCLLEVTGVADPTGCGEGFSYVKIPNKPTQQKDDKEPQPVKKTVTGTDADLRRLSLKNAKQLLRKFGVPEEEIKK
LSRWEVIDVVRTMSTEQARSGEGPMSKFARGSRFSVAEHQERYKEECQRIFDLQNKVLSSTEVL(SEP)(TPO)DTDSSS
AEDSDFEEMGKNIENMLQNKKTSSQLSREREEQERKELQRMLLAAGSAASGNNHRDDDTASVTSLNSSATGRCLKIYRTF
RDEEGKEYVRCETVRKPAVIDAYVRIRTTKDEEFIRKFALFDEQHREEMRKERRRIQEQLRRLKRNQEKEKLKGPPEKKP
KKMKERPDLKLKCGACGAIGHMRTNKFCPLYYQTNAPPSNPVAMTEEQEEELEKTVIHNDNEELIKVEGTKIVLGKQLIE
SADEVRRKSLVLKFPKQQLPPKKKRRVGTTVHCDYLNRPHKSIHRRRTDPMVTLSSILESIINDMRDLPNTYPFHTPVNA
KVVKDYYKIITRPMDLQTLRENVRKRLYPSREEFREHLELIVKNSATYNGPKHSLTQISQSMLDLCDEKLKEKEDKLARL
EKAINPLLDDDDQVAFSFILDNIVTQKMMAVPDSWPFHHPVNKKFVPDYYKVIVNPMDLETIRKNISKHKYQSRESFLDD
VNLILANSVKYNGPESQYTKTAQEIVNVCYQTLTEYDEHLTQLEKDICTAKEAALEEAELESLDPMTPGPYTPQPPDLYD
TNTSLSMSRDASVFQDESNMSVLDIPSATPEKQVTQEGEDGDGDLADEEEGTVQQPQASVLYEDLLMSEGEDDEEDAGSD
EEGDNPFSAIQLSESGSDSDVGSGGIRPKQPRMLQENTRMDMENEESMMSYEGDGGEASHGLEDSNISYGSYEEPDPKSN
TQDTSFSSIGGYEVSEEEEDEEEEEQRSGPSVLSQVHLSEDEEDSEDFHSIAGDSDLDSDE
;
G
8 'polypeptide(L)'
;MSKSKDDAPHELESQFILRLPPEYASTVRRAVQSGHVNLKDRLTIELHPDGRHGIVRVDRVPLASKLVDLPCVMESLKTI
DKKTFYKTADICQMLVSTVDGDLYPPVEEPVASTDPKASKKKDKDKEKKFIWNHGITLPLKNVRKRRFRKTAKKKYIESP
DVEKEVKRLLSTDAEAVSTRWEIIAEDETKEAENQGLDISSPGMSGHRQGHDSLEHDELREIFNDLSSSSEDEDETQHQD
EEDINIIDTEEDLERQLQDKLNESDEQHQENEGTNQLVMGIQKQIDNMKGKLQETQDRAKRQEDLIMKVENLALKNRFQA
VLDELKQKEDREKEQLSSLQEELESLLEK
;
H
9 'polypeptide(L)'
;MPLTGVEPARMNRKKGDKGFESPRPYKLTHQVVCINNINFQRKSVVGFVELTIFPTVANLNRIKLNSKQCRIYRVRINDL
EAAFIYNDPTLEVCHSESKQRNLNYFSNAYAAAVSAVDPDAGNGELCIKVPSELWKHVDELKVLKIHINFSLDQPKGGLH
FVVPSVEGSMAERGAHVFSCGYQNSTRFWFPCVDSYSELCTWKLEFTVDAAMVAVSNGDLVETVYTHDMRKKTFHYMLTI
PTAASNISLAIGPFEILVDPYMHEVTHFCLPQLLPLLKHTTSYLHEVFEFYEEILTCRYPYSCFKTVFIDEAYVEVAAYA
SMSIFSTNLLHSAMIIDETPLTRRCLAQSLAQQFFGCFISRMSWSDEWVLKGISGYIYGLWMKKTFGVNEYRHWIKEELD
KIVAYELKTGGVLLHPIFGGGKEKDNPASHLHFSIKHPHTLSWEYYSMFQCKAHLVMRLIENRISMEFMLQVFNKLLSLA
STASSQKFQSHMWSQMLVSTSGFLKSISNVSGKDIQPLIKQWVDQSGVVKFYGSFAFNRKRNVLELEIKQDYTSPGTQKY
VGPLKVTVQELDGSFNHTLQIEENSLKHDIPCHSKSRRNKKKKIPLMNGEEVDMDLSAMDADSPLLWIRIDPDMSVLRKV
EFEQADFMWQYQLRYERDVVAQQESILALEKFPTPASRLALTDILEQEQCFYRVRMSACFCLAKIANSMVSTWTGPPAMK
SLFTRMFCCKSCPNIVKTNNFMSFQSYFLQKTMPVAMALLRDVHNLCPKEVLTFILDLIKYNDNRKNKFSDNYYRAEMID
ALANSVTPAVSVNNEVRTLDNLNPDVRLILEEITRFLNMEKLLPSYRHTITVSCLRAIRVLQKNGHVPSDPALFKSYAEY
GHFVDIRIAALEAVVDYTKVDRSYEELQWLLNMIQNDPVPYVRHKILNMLTKNPPFTKNMESPLCNEALVDQLWKLMNSG
TSHDWRLRCGAVDLYFTLFGLSRPSCLPLPELGLVLNLKEKKAVLNPTIIPESVAGNQEAANNPSSHPQLVGFQNPFSSS
QDEEEIDMDTVHDSQAFISHHLNMLERPSTPGLSKYRPASSRSALIPQHSAGCDSTPTTKPQWSLELARKGTGKEQAPLE
MSMHPAASAPLSVFTKESTASKHSDHHHHHHHEHKKKKKKHKHKHKHKHKHDSKEKDKEPFTFSSPASGRSIRSPSLSD
;
I
10 'polypeptide(L)'
;MAEEKKLKLSNTVLPSESMKVVAESMGIAQIQEETCQLLTDEVSYRIKEIAQDALKFMHMGKRQKLTTSDIDYALKLKNV
EPLYGFHAQEFIPFRFASGGGRELYFYEEKEVDLSDIINTPLPRVPLDVCLKAHWLSIEGCQPAIPENPPPAPKEQQKAE
ATEPLKSAKPGQEEDGPLKGKGQGATTADGKGKEKKAPPLLEGAPLRLKPRSIHELSVEQQLYYKEITEACVGSCEAKRA
EALQSIATDPGLYQMLPRFSTFISEGVRVNVVQNNLALLIYLMRMVKALMDNPTLYLEKYVHELIPAVMTCIVSRQLCLR
PDVDNHWALRDFAARLVAQICKHFSTTTNNIQSRITKTFTKSWVDEKTPWTTRYGSIAGLAELGHDVIKTLILPRLQQEG
ERIRSVLDGPVLSNIDRIGADHVQSLLLKHCAPVLAKLRPPPDNQDAYRAEFGSLGPLLCSQVVKARAQAALQAQQVNRT
TLTITQPRPTLTLSQAPQPGPRTPGLLKVPGSIALPVQTLVSARAAAPPQPSPPPTKFIVMSSSSSAPSTQQVLSLSTSA
PGSGSTTTSPVTTTVPSVQPIVKLVSTATTAPPSTAPSGPGSVQKYIVVSLPPTGEGKGGPTSHPSPVPPPASSPSPLSG
SALCGGKQEAGDSPPPAPGTPKANGSQPNSGSPQPAP
;
J,K
11 'polypeptide(L)'
;MADAAATAGAGGSGTRSGSKQSTNPADNYHLARRRTLQVVVSSLLTEAGFESAEKASVETLTEMLQSYISEIGRSAKSYC
EHTARTQPTLSDIVVTLVEMGFNVDTLPAYAKRSQRMVITAPPVTNQPVTPKALTAGQNRPHPPHIPSHFPEFPDPHTYI
KTPTYREPVSDYQVLREKAASQRRDVERALTRFMAKTGETQSLFKDDVSTFPLIAARPFTIPYLTALLPSELEMQQMEET
DSSEQDEQTDTENLALHISMEDSGAEKENTSVLQQNPSLSGSRNGEENIIDNPYLRPVKKPKIRRKKSLS
;
L
#
loop_
_chem_comp.id
_chem_comp.type
_chem_comp.name
_chem_comp.formula
DA DNA linking 2'-DEOXYADENOSINE-5'-MONOPHOSPHATE 'C10 H14 N5 O6 P'
DC DNA linking 2'-DEOXYCYTIDINE-5'-MONOPHOSPHATE 'C9 H14 N3 O7 P'
DG DNA linking 2'-DEOXYGUANOSINE-5'-MONOPHOSPHATE 'C10 H14 N5 O7 P'
DT DNA linking THYMIDINE-5'-MONOPHOSPHATE 'C10 H15 N2 O8 P'
#
# COMPACT_ATOMS: atom_id res chain seq x y z
N SER A 159 118.17 -56.48 -68.19
CA SER A 159 118.12 -55.71 -69.46
C SER A 159 119.28 -54.74 -69.65
N GLY A 160 119.65 -54.59 -70.92
CA GLY A 160 120.63 -53.59 -71.26
C GLY A 160 119.79 -52.32 -71.37
N ILE A 161 118.58 -52.42 -70.85
CA ILE A 161 117.61 -51.33 -70.86
C ILE A 161 117.74 -50.52 -69.58
N VAL A 162 118.00 -49.24 -69.74
CA VAL A 162 118.15 -48.35 -68.59
C VAL A 162 117.11 -47.23 -68.59
N PRO A 163 116.33 -47.12 -67.50
CA PRO A 163 115.33 -46.05 -67.44
C PRO A 163 116.03 -44.68 -67.48
N GLN A 164 115.54 -43.78 -68.32
CA GLN A 164 116.12 -42.44 -68.40
C GLN A 164 115.27 -41.48 -67.57
N LEU A 165 115.91 -40.68 -66.73
CA LEU A 165 115.18 -39.73 -65.89
C LEU A 165 114.66 -38.62 -66.79
N GLN A 166 113.40 -38.24 -66.57
CA GLN A 166 112.75 -37.23 -67.40
C GLN A 166 112.25 -36.00 -66.67
N ASN A 167 112.04 -36.14 -65.36
CA ASN A 167 111.48 -35.05 -64.60
C ASN A 167 111.72 -35.30 -63.12
N ILE A 168 112.03 -34.23 -62.42
CA ILE A 168 112.26 -34.28 -61.00
C ILE A 168 111.59 -33.06 -60.40
N VAL A 169 110.92 -33.26 -59.27
CA VAL A 169 110.26 -32.17 -58.54
C VAL A 169 110.97 -32.11 -57.20
N SER A 170 111.43 -30.93 -56.84
CA SER A 170 112.11 -30.71 -55.58
C SER A 170 111.50 -29.52 -54.87
N THR A 171 111.81 -29.36 -53.60
CA THR A 171 111.29 -28.23 -52.87
C THR A 171 112.44 -27.73 -52.05
N VAL A 172 112.34 -26.49 -51.62
CA VAL A 172 113.36 -25.89 -50.79
C VAL A 172 112.73 -24.70 -50.07
N ASN A 173 113.26 -24.39 -48.91
CA ASN A 173 112.73 -23.29 -48.16
C ASN A 173 113.70 -22.11 -48.11
N LEU A 174 113.29 -21.02 -48.71
CA LEU A 174 114.13 -19.81 -48.76
C LEU A 174 114.20 -19.15 -47.43
N GLY A 175 113.38 -19.61 -46.53
CA GLY A 175 113.41 -19.11 -45.17
C GLY A 175 112.93 -17.71 -44.83
N CYS A 176 112.25 -17.03 -45.75
CA CYS A 176 111.75 -15.70 -45.44
C CYS A 176 110.54 -15.40 -46.22
N LYS A 177 109.62 -14.62 -45.66
CA LYS A 177 108.40 -14.25 -46.38
C LYS A 177 108.75 -13.48 -47.64
N LEU A 178 107.98 -13.71 -48.69
CA LEU A 178 108.22 -13.05 -49.96
C LEU A 178 107.05 -12.21 -50.43
N ASP A 179 107.38 -11.05 -51.00
CA ASP A 179 106.39 -10.13 -51.55
C ASP A 179 106.33 -10.55 -53.00
N LEU A 180 105.34 -11.37 -53.32
CA LEU A 180 105.18 -11.90 -54.68
C LEU A 180 104.91 -10.89 -55.78
N LYS A 181 104.21 -9.81 -55.45
CA LYS A 181 103.92 -8.80 -56.45
C LYS A 181 105.23 -8.18 -56.93
N THR A 182 106.09 -7.83 -55.98
CA THR A 182 107.38 -7.24 -56.30
C THR A 182 108.17 -8.14 -57.24
N ILE A 183 108.25 -9.42 -56.89
CA ILE A 183 108.96 -10.40 -57.70
C ILE A 183 108.40 -10.50 -59.10
N ALA A 184 107.07 -10.53 -59.22
CA ALA A 184 106.45 -10.66 -60.53
C ALA A 184 106.67 -9.44 -61.42
N LEU A 185 106.77 -8.27 -60.80
CA LEU A 185 106.97 -7.03 -61.54
C LEU A 185 108.42 -6.77 -61.94
N ARG A 186 109.36 -7.17 -61.09
CA ARG A 186 110.77 -6.94 -61.35
C ARG A 186 111.58 -8.09 -61.96
N ALA A 187 111.19 -9.34 -61.69
CA ALA A 187 111.92 -10.49 -62.24
C ALA A 187 111.51 -10.77 -63.67
N ARG A 188 112.42 -11.37 -64.44
CA ARG A 188 112.10 -11.70 -65.82
C ARG A 188 111.49 -13.10 -65.88
N ASN A 189 110.69 -13.34 -66.91
CA ASN A 189 110.07 -14.62 -67.13
C ASN A 189 109.28 -15.11 -65.91
N ALA A 190 108.38 -14.26 -65.45
CA ALA A 190 107.55 -14.55 -64.30
C ALA A 190 106.06 -14.32 -64.60
N GLU A 191 105.22 -15.14 -63.97
CA GLU A 191 103.78 -15.07 -64.11
C GLU A 191 103.17 -15.05 -62.72
N TYR A 192 102.25 -14.11 -62.51
CA TYR A 192 101.59 -13.99 -61.22
C TYR A 192 100.15 -13.58 -61.45
N ASN A 193 99.25 -14.47 -61.05
CA ASN A 193 97.82 -14.26 -61.20
C ASN A 193 97.15 -14.82 -59.95
N PRO A 194 97.33 -14.15 -58.81
CA PRO A 194 96.77 -14.58 -57.52
C PRO A 194 95.31 -15.03 -57.53
N LYS A 195 94.49 -14.47 -58.40
CA LYS A 195 93.10 -14.85 -58.44
C LYS A 195 92.93 -16.30 -58.90
N ARG A 196 93.91 -16.80 -59.65
CA ARG A 196 93.83 -18.18 -60.14
C ARG A 196 94.80 -19.13 -59.42
N PHE A 197 96.01 -18.64 -59.13
CA PHE A 197 97.02 -19.45 -58.45
C PHE A 197 97.81 -18.52 -57.54
N ALA A 198 97.95 -18.91 -56.27
CA ALA A 198 98.63 -18.10 -55.28
C ALA A 198 100.15 -17.98 -55.38
N ALA A 199 100.75 -18.61 -56.37
CA ALA A 199 102.20 -18.55 -56.45
C ALA A 199 102.72 -17.96 -57.74
N VAL A 200 103.94 -17.43 -57.68
CA VAL A 200 104.58 -16.91 -58.87
C VAL A 200 105.18 -18.11 -59.60
N ILE A 201 105.00 -18.14 -60.91
CA ILE A 201 105.57 -19.17 -61.75
C ILE A 201 106.73 -18.53 -62.53
N MET A 202 107.96 -19.00 -62.27
CA MET A 202 109.16 -18.48 -62.92
C MET A 202 109.91 -19.61 -63.66
N ARG A 203 110.52 -19.28 -64.79
CA ARG A 203 111.29 -20.24 -65.57
C ARG A 203 112.70 -19.72 -65.82
N ILE A 204 113.64 -20.64 -66.06
CA ILE A 204 115.01 -20.27 -66.42
C ILE A 204 115.35 -21.25 -67.50
N ARG A 205 116.40 -20.96 -68.27
CA ARG A 205 116.77 -21.81 -69.36
C ARG A 205 117.84 -22.86 -69.07
N GLU A 206 118.60 -22.65 -68.00
CA GLU A 206 119.68 -23.57 -67.70
C GLU A 206 119.93 -23.72 -66.21
N PRO A 207 119.52 -24.86 -65.63
CA PRO A 207 118.83 -25.94 -66.36
C PRO A 207 117.42 -25.49 -66.68
N ARG A 208 116.89 -25.94 -67.81
CA ARG A 208 115.55 -25.59 -68.22
C ARG A 208 114.54 -26.19 -67.23
N THR A 209 114.00 -25.33 -66.37
CA THR A 209 113.04 -25.70 -65.32
C THR A 209 112.03 -24.58 -65.00
N THR A 210 110.97 -24.98 -64.28
CA THR A 210 109.91 -24.05 -63.85
C THR A 210 109.80 -24.14 -62.34
N ALA A 211 109.72 -22.98 -61.70
CA ALA A 211 109.58 -22.93 -60.26
C ALA A 211 108.22 -22.36 -59.87
N LEU A 212 107.78 -22.71 -58.68
CA LEU A 212 106.53 -22.24 -58.12
C LEU A 212 107.00 -21.61 -56.84
N ILE A 213 106.87 -20.30 -56.72
CA ILE A 213 107.35 -19.63 -55.51
C ILE A 213 106.19 -19.08 -54.70
N PHE A 214 106.13 -19.48 -53.43
CA PHE A 214 105.05 -19.08 -52.55
C PHE A 214 105.47 -17.95 -51.62
N SER A 215 104.51 -17.13 -51.22
CA SER A 215 104.79 -15.99 -50.35
C SER A 215 105.36 -16.41 -49.03
N SER A 216 105.22 -17.70 -48.71
CA SER A 216 105.75 -18.21 -47.45
C SER A 216 107.27 -18.28 -47.55
N GLY A 217 107.78 -18.41 -48.77
CA GLY A 217 109.22 -18.51 -48.95
C GLY A 217 109.57 -19.92 -49.43
N LYS A 218 108.57 -20.80 -49.47
CA LYS A 218 108.82 -22.16 -49.91
C LYS A 218 108.67 -22.16 -51.41
N MET A 219 109.41 -23.04 -52.06
CA MET A 219 109.42 -23.11 -53.50
C MET A 219 109.44 -24.55 -54.01
N VAL A 220 108.87 -24.76 -55.20
CA VAL A 220 108.86 -26.06 -55.83
C VAL A 220 109.60 -25.87 -57.14
N CYS A 221 110.51 -26.80 -57.46
CA CYS A 221 111.29 -26.74 -58.70
C CYS A 221 110.96 -27.97 -59.53
N THR A 222 110.59 -27.74 -60.79
CA THR A 222 110.21 -28.83 -61.66
C THR A 222 110.93 -28.84 -62.99
N GLY A 223 110.87 -29.99 -63.65
CA GLY A 223 111.44 -30.15 -64.98
C GLY A 223 112.87 -30.62 -65.21
N ALA A 224 113.71 -30.55 -64.18
CA ALA A 224 115.09 -30.97 -64.32
C ALA A 224 115.19 -32.48 -64.55
N LYS A 225 116.27 -32.92 -65.20
CA LYS A 225 116.46 -34.34 -65.48
C LYS A 225 117.55 -35.03 -64.66
N SER A 226 118.06 -34.38 -63.64
CA SER A 226 119.08 -34.99 -62.79
C SER A 226 118.98 -34.32 -61.44
N GLU A 227 119.40 -35.02 -60.38
CA GLU A 227 119.37 -34.47 -59.03
C GLU A 227 120.21 -33.19 -58.96
N GLU A 228 121.38 -33.24 -59.57
CA GLU A 228 122.25 -32.08 -59.56
C GLU A 228 121.60 -30.91 -60.32
N GLN A 229 120.98 -31.15 -61.45
CA GLN A 229 120.32 -30.08 -62.18
C GLN A 229 119.17 -29.48 -61.36
N SER A 230 118.51 -30.34 -60.57
CA SER A 230 117.41 -29.87 -59.76
C SER A 230 117.88 -28.95 -58.66
N ARG A 231 118.98 -29.30 -58.02
CA ARG A 231 119.49 -28.47 -56.96
C ARG A 231 120.07 -27.15 -57.53
N LEU A 232 120.77 -27.25 -58.67
CA LEU A 232 121.36 -26.07 -59.29
C LEU A 232 120.25 -25.08 -59.65
N ALA A 233 119.25 -25.56 -60.39
CA ALA A 233 118.12 -24.73 -60.79
C ALA A 233 117.53 -24.02 -59.59
N ALA A 234 117.23 -24.77 -58.53
CA ALA A 234 116.66 -24.17 -57.34
C ALA A 234 117.57 -23.12 -56.74
N ARG A 235 118.88 -23.34 -56.83
CA ARG A 235 119.85 -22.37 -56.31
C ARG A 235 119.76 -21.05 -57.10
N LYS A 236 119.54 -21.16 -58.40
CA LYS A 236 119.43 -20.00 -59.27
C LYS A 236 118.16 -19.21 -58.96
N TYR A 237 117.03 -19.92 -58.84
CA TYR A 237 115.78 -19.26 -58.50
C TYR A 237 115.99 -18.52 -57.22
N ALA A 238 116.65 -19.16 -56.26
CA ALA A 238 116.89 -18.52 -54.98
C ALA A 238 117.81 -17.31 -55.10
N ARG A 239 118.72 -17.34 -56.07
CA ARG A 239 119.65 -16.23 -56.25
C ARG A 239 118.89 -15.06 -56.90
N VAL A 240 117.96 -15.36 -57.80
CA VAL A 240 117.16 -14.32 -58.46
C VAL A 240 116.40 -13.57 -57.35
N VAL A 241 115.66 -14.32 -56.54
CA VAL A 241 114.90 -13.74 -55.44
C VAL A 241 115.84 -12.94 -54.52
N GLN A 242 117.02 -13.51 -54.30
CA GLN A 242 118.01 -12.86 -53.44
C GLN A 242 118.40 -11.49 -53.98
N LYS A 243 118.68 -11.43 -55.28
CA LYS A 243 119.08 -10.18 -55.92
C LYS A 243 118.00 -9.11 -55.99
N LEU A 244 116.74 -9.49 -55.87
CA LEU A 244 115.66 -8.52 -55.89
C LEU A 244 115.54 -7.87 -54.52
N GLY A 245 116.44 -8.23 -53.62
CA GLY A 245 116.42 -7.64 -52.30
C GLY A 245 115.94 -8.45 -51.10
N PHE A 246 115.54 -9.71 -51.31
CA PHE A 246 115.09 -10.52 -50.19
C PHE A 246 116.23 -11.38 -49.65
N PRO A 247 116.36 -11.50 -48.32
CA PRO A 247 117.40 -12.27 -47.64
C PRO A 247 117.18 -13.79 -47.71
N ALA A 248 117.04 -14.32 -48.93
CA ALA A 248 116.79 -15.73 -49.13
C ALA A 248 117.92 -16.65 -48.63
N LYS A 249 117.52 -17.78 -48.06
CA LYS A 249 118.44 -18.79 -47.65
C LYS A 249 118.20 -19.99 -48.52
N PHE A 250 118.69 -21.16 -48.21
CA PHE A 250 118.50 -22.35 -49.00
C PHE A 250 118.34 -23.52 -48.08
N LEU A 251 117.21 -23.56 -47.38
CA LEU A 251 116.96 -24.57 -46.38
C LEU A 251 116.18 -25.81 -46.81
N ASP A 252 116.63 -26.96 -46.31
CA ASP A 252 115.99 -28.24 -46.54
C ASP A 252 115.64 -28.57 -47.97
N PHE A 253 116.60 -28.42 -48.88
CA PHE A 253 116.34 -28.78 -50.26
C PHE A 253 115.98 -30.27 -50.23
N LYS A 254 115.08 -30.72 -51.04
CA LYS A 254 114.71 -32.13 -51.07
C LYS A 254 113.97 -32.52 -52.30
N ILE A 255 114.41 -33.64 -52.89
CA ILE A 255 113.78 -34.15 -54.08
C ILE A 255 112.51 -34.85 -53.57
N GLN A 256 111.39 -34.57 -54.22
CA GLN A 256 110.10 -35.12 -53.81
C GLN A 256 109.54 -36.15 -54.77
N ASN A 257 109.93 -36.08 -56.02
CA ASN A 257 109.41 -36.99 -56.99
C ASN A 257 110.33 -37.06 -58.20
N MET A 258 110.42 -38.25 -58.81
CA MET A 258 111.27 -38.48 -59.96
C MET A 258 110.54 -39.36 -60.92
N VAL A 259 110.67 -39.03 -62.21
CA VAL A 259 110.01 -39.70 -63.29
C VAL A 259 111.03 -40.27 -64.27
N GLY A 260 110.80 -41.51 -64.67
CA GLY A 260 111.68 -42.18 -65.61
C GLY A 260 110.87 -42.78 -66.72
N SER A 261 111.52 -43.16 -67.79
CA SER A 261 110.82 -43.77 -68.90
C SER A 261 111.78 -44.68 -69.65
N CYS A 262 111.22 -45.64 -70.37
CA CYS A 262 112.04 -46.55 -71.18
C CYS A 262 111.17 -47.38 -72.09
N ASP A 263 111.85 -48.20 -72.90
CA ASP A 263 111.18 -49.03 -73.88
C ASP A 263 111.66 -50.49 -73.79
N VAL A 264 110.74 -51.43 -73.61
CA VAL A 264 111.12 -52.84 -73.52
C VAL A 264 111.30 -53.43 -74.91
N LYS A 265 111.02 -52.62 -75.92
CA LYS A 265 111.18 -53.02 -77.32
C LYS A 265 110.28 -54.14 -77.85
N PHE A 266 109.13 -54.38 -77.20
CA PHE A 266 108.20 -55.39 -77.67
C PHE A 266 106.79 -55.11 -77.17
N PRO A 267 105.76 -55.53 -77.94
CA PRO A 267 104.36 -55.29 -77.55
C PRO A 267 103.96 -56.06 -76.30
N ILE A 268 102.88 -55.60 -75.67
CA ILE A 268 102.42 -56.23 -74.43
C ILE A 268 100.93 -56.52 -74.43
N ARG A 269 100.56 -57.65 -73.83
CA ARG A 269 99.17 -58.06 -73.71
C ARG A 269 98.67 -57.38 -72.43
N LEU A 270 98.19 -56.14 -72.54
CA LEU A 270 97.73 -55.42 -71.36
C LEU A 270 96.57 -56.11 -70.64
N GLU A 271 95.52 -56.43 -71.40
CA GLU A 271 94.34 -57.08 -70.83
C GLU A 271 94.74 -58.33 -70.06
N GLY A 272 95.76 -59.03 -70.56
CA GLY A 272 96.22 -60.22 -69.90
C GLY A 272 96.88 -59.86 -68.58
N LEU A 273 97.74 -58.85 -68.62
CA LEU A 273 98.47 -58.41 -67.43
C LEU A 273 97.53 -57.92 -66.33
N VAL A 274 96.52 -57.15 -66.69
CA VAL A 274 95.60 -56.64 -65.68
C VAL A 274 94.72 -57.74 -65.08
N LEU A 275 94.39 -58.75 -65.89
CA LEU A 275 93.57 -59.86 -65.41
C LEU A 275 94.30 -60.69 -64.35
N THR A 276 95.62 -60.85 -64.52
CA THR A 276 96.40 -61.64 -63.58
C THR A 276 97.03 -60.82 -62.46
N HIS A 277 96.98 -59.49 -62.59
CA HIS A 277 97.57 -58.62 -61.57
C HIS A 277 96.54 -57.60 -61.09
N GLN A 278 95.35 -58.12 -60.80
CA GLN A 278 94.21 -57.32 -60.34
C GLN A 278 94.43 -56.56 -59.04
N GLN A 279 95.38 -57.02 -58.21
CA GLN A 279 95.61 -56.34 -56.93
C GLN A 279 96.65 -55.21 -57.01
N PHE A 280 97.28 -55.05 -58.17
CA PHE A 280 98.30 -54.00 -58.33
C PHE A 280 98.00 -53.06 -59.48
N SER A 281 97.15 -53.49 -60.41
CA SER A 281 96.89 -52.66 -61.56
C SER A 281 95.43 -52.45 -61.92
N SER A 282 95.23 -51.59 -62.89
CA SER A 282 93.91 -51.26 -63.40
C SER A 282 94.18 -50.85 -64.82
N TYR A 283 93.24 -51.15 -65.71
CA TYR A 283 93.43 -50.83 -67.10
C TYR A 283 92.08 -50.64 -67.78
N GLU A 284 91.81 -49.40 -68.18
CA GLU A 284 90.56 -49.08 -68.87
C GLU A 284 90.91 -48.36 -70.16
N PRO A 285 91.12 -49.14 -71.24
CA PRO A 285 91.47 -48.70 -72.60
C PRO A 285 90.70 -47.51 -73.13
N GLU A 286 89.40 -47.47 -72.88
CA GLU A 286 88.56 -46.37 -73.37
C GLU A 286 88.90 -45.06 -72.66
N LEU A 287 89.27 -45.18 -71.38
CA LEU A 287 89.60 -44.02 -70.56
C LEU A 287 91.01 -43.48 -70.77
N PHE A 288 91.99 -44.38 -70.70
CA PHE A 288 93.41 -44.05 -70.89
C PHE A 288 94.05 -45.32 -71.44
N PRO A 289 94.73 -45.21 -72.59
CA PRO A 289 95.37 -46.38 -73.21
C PRO A 289 96.49 -47.09 -72.45
N GLY A 290 96.89 -46.56 -71.30
CA GLY A 290 97.94 -47.19 -70.55
C GLY A 290 97.49 -47.94 -69.30
N LEU A 291 98.17 -49.03 -68.99
CA LEU A 291 97.84 -49.81 -67.81
C LEU A 291 98.60 -49.16 -66.66
N ILE A 292 97.93 -48.99 -65.53
CA ILE A 292 98.53 -48.40 -64.35
C ILE A 292 98.84 -49.49 -63.33
N TYR A 293 100.13 -49.64 -63.01
CA TYR A 293 100.61 -50.66 -62.08
C TYR A 293 101.18 -50.03 -60.83
N ARG A 294 100.52 -50.25 -59.70
CA ARG A 294 100.99 -49.70 -58.44
C ARG A 294 101.86 -50.71 -57.70
N MET A 295 103.15 -50.58 -57.88
CA MET A 295 104.10 -51.46 -57.24
C MET A 295 104.22 -51.15 -55.78
N ILE A 296 104.37 -52.19 -54.96
CA ILE A 296 104.49 -51.99 -53.57
C ILE A 296 105.93 -51.77 -53.14
N LYS A 297 106.84 -52.50 -53.77
CA LYS A 297 108.25 -52.37 -53.44
C LYS A 297 109.10 -52.32 -54.71
N PRO A 298 109.68 -51.15 -54.99
CA PRO A 298 109.52 -49.94 -54.17
C PRO A 298 108.13 -49.37 -54.42
N ARG A 299 107.72 -48.33 -53.70
CA ARG A 299 106.40 -47.76 -53.90
C ARG A 299 106.51 -46.85 -55.10
N ILE A 300 106.24 -47.43 -56.26
CA ILE A 300 106.37 -46.72 -57.51
C ILE A 300 105.18 -47.03 -58.40
N VAL A 301 104.72 -46.05 -59.16
CA VAL A 301 103.60 -46.27 -60.07
C VAL A 301 104.12 -46.33 -61.48
N LEU A 302 103.73 -47.35 -62.23
CA LEU A 302 104.19 -47.45 -63.60
C LEU A 302 103.03 -47.34 -64.55
N LEU A 303 103.30 -46.77 -65.72
CA LEU A 303 102.30 -46.64 -66.77
C LEU A 303 102.88 -47.51 -67.87
N ILE A 304 102.17 -48.56 -68.21
CA ILE A 304 102.64 -49.50 -69.22
C ILE A 304 101.77 -49.46 -70.44
N PHE A 305 102.39 -49.34 -71.61
CA PHE A 305 101.65 -49.25 -72.85
C PHE A 305 101.87 -50.48 -73.72
N VAL A 306 100.91 -50.76 -74.59
CA VAL A 306 101.01 -51.92 -75.46
C VAL A 306 102.21 -51.81 -76.40
N SER A 307 102.62 -50.58 -76.68
CA SER A 307 103.76 -50.35 -77.55
C SER A 307 105.02 -50.89 -76.90
N GLY A 308 105.02 -50.99 -75.57
CA GLY A 308 106.19 -51.49 -74.86
C GLY A 308 106.85 -50.36 -74.09
N LYS A 309 106.39 -49.14 -74.33
CA LYS A 309 106.92 -47.96 -73.65
C LYS A 309 106.45 -47.98 -72.21
N VAL A 310 107.35 -47.61 -71.29
CA VAL A 310 107.04 -47.60 -69.87
C VAL A 310 107.43 -46.30 -69.16
N VAL A 311 106.56 -45.85 -68.27
CA VAL A 311 106.84 -44.66 -67.48
C VAL A 311 106.81 -45.07 -66.02
N LEU A 312 107.75 -44.55 -65.26
CA LEU A 312 107.81 -44.84 -63.84
C LEU A 312 107.82 -43.54 -63.08
N THR A 313 106.97 -43.41 -62.08
CA THR A 313 106.94 -42.18 -61.30
C THR A 313 106.62 -42.46 -59.85
N GLY A 314 106.91 -41.47 -59.00
CA GLY A 314 106.64 -41.60 -57.58
C GLY A 314 107.90 -41.78 -56.75
N ALA A 315 109.03 -41.93 -57.41
CA ALA A 315 110.30 -42.12 -56.72
C ALA A 315 110.81 -40.92 -55.94
N LYS A 316 111.48 -41.21 -54.83
CA LYS A 316 112.12 -40.22 -53.97
C LYS A 316 113.63 -40.23 -54.29
N VAL A 317 114.11 -41.34 -54.84
CA VAL A 317 115.53 -41.49 -55.20
C VAL A 317 115.66 -42.30 -56.48
N ARG A 318 116.77 -42.10 -57.17
CA ARG A 318 117.04 -42.78 -58.43
C ARG A 318 116.96 -44.34 -58.36
N ALA A 319 117.42 -44.92 -57.25
CA ALA A 319 117.43 -46.38 -57.11
C ALA A 319 116.03 -47.00 -57.22
N GLU A 320 115.03 -46.33 -56.64
CA GLU A 320 113.67 -46.83 -56.71
C GLU A 320 113.21 -46.97 -58.15
N ILE A 321 113.63 -46.04 -59.01
CA ILE A 321 113.24 -46.09 -60.41
C ILE A 321 113.83 -47.33 -61.10
N TYR A 322 115.13 -47.54 -60.89
CA TYR A 322 115.84 -48.67 -61.49
C TYR A 322 115.28 -49.99 -60.92
N GLU A 323 115.12 -50.03 -59.60
CA GLU A 323 114.60 -51.22 -58.92
C GLU A 323 113.20 -51.59 -59.40
N ALA A 324 112.33 -50.57 -59.53
CA ALA A 324 110.97 -50.86 -59.99
C ALA A 324 110.96 -51.41 -61.40
N PHE A 325 111.85 -50.92 -62.27
CA PHE A 325 111.88 -51.43 -63.63
C PHE A 325 112.45 -52.85 -63.71
N GLU A 326 113.41 -53.16 -62.84
CA GLU A 326 113.99 -54.50 -62.81
C GLU A 326 112.91 -55.48 -62.34
N ASN A 327 112.04 -55.00 -61.44
CA ASN A 327 110.94 -55.83 -60.94
C ASN A 327 109.91 -56.09 -62.00
N ILE A 328 109.54 -55.07 -62.76
CA ILE A 328 108.51 -55.21 -63.78
C ILE A 328 108.93 -55.88 -65.07
N TYR A 329 110.21 -55.84 -65.41
CA TYR A 329 110.66 -56.40 -66.67
C TYR A 329 110.30 -57.88 -66.91
N PRO A 330 110.61 -58.76 -65.96
CA PRO A 330 110.26 -60.17 -66.18
C PRO A 330 108.75 -60.38 -66.22
N ILE A 331 108.01 -59.57 -65.48
CA ILE A 331 106.57 -59.67 -65.49
C ILE A 331 106.07 -59.33 -66.89
N LEU A 332 106.65 -58.30 -67.47
CA LEU A 332 106.27 -57.86 -68.80
C LEU A 332 106.67 -58.86 -69.88
N LYS A 333 107.82 -59.50 -69.72
CA LYS A 333 108.24 -60.49 -70.70
C LYS A 333 107.21 -61.59 -70.74
N GLY A 334 106.60 -61.84 -69.58
CA GLY A 334 105.59 -62.87 -69.48
C GLY A 334 104.33 -62.58 -70.29
N PHE A 335 104.23 -61.38 -70.84
CA PHE A 335 103.06 -61.01 -71.63
C PHE A 335 103.41 -60.44 -73.00
N ARG A 336 104.61 -60.72 -73.47
CA ARG A 336 105.02 -60.23 -74.79
C ARG A 336 104.01 -60.66 -75.83
N LYS A 337 103.98 -59.96 -76.96
CA LYS A 337 103.05 -60.31 -78.02
C LYS A 337 103.67 -61.06 -79.18
N THR A 338 103.29 -62.33 -79.30
CA THR A 338 103.71 -63.20 -80.40
C THR A 338 102.60 -63.97 -81.10
N THR B 1 96.30 3.76 -95.45
CA THR B 1 95.06 3.63 -94.63
C THR B 1 95.32 4.00 -93.17
N VAL B 2 96.56 4.41 -92.88
CA VAL B 2 96.93 4.80 -91.53
C VAL B 2 96.86 6.31 -91.33
N PRO B 3 97.37 7.10 -92.29
CA PRO B 3 97.28 8.54 -92.08
C PRO B 3 95.81 8.90 -91.97
N LYS B 4 94.98 8.15 -92.70
CA LYS B 4 93.54 8.34 -92.72
C LYS B 4 92.94 8.17 -91.32
N LEU B 5 93.31 7.08 -90.64
CA LEU B 5 92.78 6.84 -89.30
C LEU B 5 93.19 7.97 -88.36
N TYR B 6 94.45 8.37 -88.45
CA TYR B 6 94.95 9.44 -87.61
C TYR B 6 94.18 10.74 -87.85
N ARG B 7 93.97 11.09 -89.11
CA ARG B 7 93.22 12.31 -89.41
C ARG B 7 91.86 12.12 -88.75
N SER B 8 91.26 10.98 -89.04
CA SER B 8 89.95 10.63 -88.50
C SER B 8 89.89 10.82 -87.00
N VAL B 9 90.87 10.26 -86.28
CA VAL B 9 90.90 10.38 -84.83
C VAL B 9 91.15 11.81 -84.36
N ILE B 10 92.09 12.49 -84.99
CA ILE B 10 92.39 13.86 -84.60
C ILE B 10 91.14 14.72 -84.78
N GLU B 11 90.46 14.57 -85.92
CA GLU B 11 89.25 15.33 -86.19
C GLU B 11 88.21 15.07 -85.10
N ASP B 12 87.90 13.80 -84.89
CA ASP B 12 86.92 13.43 -83.88
C ASP B 12 87.27 13.97 -82.50
N VAL B 13 88.51 13.80 -82.08
CA VAL B 13 88.92 14.30 -80.77
C VAL B 13 88.80 15.82 -80.68
N ILE B 14 89.31 16.51 -81.69
CA ILE B 14 89.24 17.98 -81.70
C ILE B 14 87.78 18.42 -81.65
N ASN B 15 86.95 17.84 -82.51
CA ASN B 15 85.53 18.19 -82.50
C ASN B 15 84.90 17.90 -81.15
N ASP B 16 85.23 16.74 -80.57
CA ASP B 16 84.63 16.36 -79.29
C ASP B 16 85.09 17.10 -78.04
N VAL B 17 86.17 17.87 -78.12
CA VAL B 17 86.63 18.62 -76.95
C VAL B 17 86.34 20.12 -77.03
N ARG B 18 85.89 20.55 -78.21
CA ARG B 18 85.57 21.96 -78.43
C ARG B 18 84.69 22.51 -77.31
N ASP B 19 83.55 21.85 -77.04
CA ASP B 19 82.66 22.31 -75.98
C ASP B 19 83.34 22.37 -74.62
N ILE B 20 84.23 21.43 -74.34
CA ILE B 20 84.92 21.40 -73.06
C ILE B 20 85.82 22.63 -72.94
N PHE B 21 86.52 22.94 -74.03
CA PHE B 21 87.39 24.12 -74.05
C PHE B 21 86.54 25.35 -73.81
N LEU B 22 85.41 25.42 -74.51
CA LEU B 22 84.49 26.55 -74.39
C LEU B 22 83.93 26.66 -72.99
N ASP B 23 83.50 25.54 -72.41
CA ASP B 23 82.95 25.54 -71.05
C ASP B 23 83.99 25.97 -70.03
N ASP B 24 85.26 25.76 -70.36
CA ASP B 24 86.34 26.13 -69.48
C ASP B 24 86.77 27.59 -69.69
N GLY B 25 86.28 28.18 -70.78
CA GLY B 25 86.62 29.57 -71.06
C GLY B 25 87.92 29.70 -71.81
N VAL B 26 88.31 28.63 -72.50
CA VAL B 26 89.54 28.67 -73.28
C VAL B 26 89.20 29.08 -74.71
N ASP B 27 89.93 30.07 -75.21
CA ASP B 27 89.70 30.57 -76.55
C ASP B 27 89.85 29.45 -77.57
N GLU B 28 88.95 29.43 -78.56
CA GLU B 28 88.98 28.41 -79.58
C GLU B 28 90.31 28.40 -80.34
N GLN B 29 91.07 29.49 -80.25
CA GLN B 29 92.37 29.53 -80.92
C GLN B 29 93.30 28.48 -80.31
N VAL B 30 93.23 28.34 -78.98
CA VAL B 30 94.07 27.36 -78.30
C VAL B 30 93.75 25.97 -78.83
N LEU B 31 92.47 25.69 -79.04
CA LEU B 31 92.08 24.39 -79.56
C LEU B 31 92.80 24.12 -80.88
N MET B 32 92.79 25.12 -81.76
CA MET B 32 93.44 24.97 -83.06
C MET B 32 94.94 24.82 -82.93
N GLU B 33 95.52 25.43 -81.90
CA GLU B 33 96.96 25.32 -81.69
C GLU B 33 97.23 23.86 -81.33
N LEU B 34 96.36 23.28 -80.49
CA LEU B 34 96.49 21.88 -80.08
C LEU B 34 96.55 21.01 -81.33
N LYS B 35 95.53 21.10 -82.16
CA LYS B 35 95.49 20.32 -83.40
C LYS B 35 96.75 20.48 -84.21
N THR B 36 97.23 21.72 -84.33
CA THR B 36 98.44 22.00 -85.11
C THR B 36 99.66 21.36 -84.48
N LEU B 37 99.84 21.59 -83.18
CA LEU B 37 100.97 21.01 -82.44
C LEU B 37 100.96 19.51 -82.64
N TRP B 38 99.78 18.92 -82.43
CA TRP B 38 99.56 17.49 -82.54
C TRP B 38 99.86 16.93 -83.94
N GLU B 39 99.27 17.52 -84.96
CA GLU B 39 99.48 17.04 -86.33
C GLU B 39 100.93 17.13 -86.76
N ASN B 40 101.60 18.22 -86.38
CA ASN B 40 102.99 18.41 -86.76
C ASN B 40 103.91 17.45 -86.02
N LYS B 41 103.57 17.11 -84.79
CA LYS B 41 104.42 16.18 -84.05
C LYS B 41 104.37 14.81 -84.72
N LEU B 42 103.23 14.50 -85.36
CA LEU B 42 103.11 13.24 -86.07
C LEU B 42 104.15 13.21 -87.16
N MET B 43 104.30 14.33 -87.87
CA MET B 43 105.28 14.43 -88.94
C MET B 43 106.69 14.50 -88.33
N ASP C 1 117.08 4.49 -83.77
CA ASP C 1 116.13 5.58 -83.44
C ASP C 1 114.94 5.11 -82.59
N THR C 2 114.07 4.31 -83.20
CA THR C 2 112.85 3.83 -82.55
C THR C 2 112.89 2.69 -81.54
N GLU C 3 112.02 2.80 -80.53
CA GLU C 3 111.84 1.70 -79.59
C GLU C 3 110.67 1.00 -80.26
N ASN C 4 110.94 -0.17 -80.81
CA ASN C 4 109.92 -0.96 -81.46
C ASN C 4 108.97 -1.41 -80.37
N VAL C 5 107.71 -1.00 -80.49
CA VAL C 5 106.71 -1.36 -79.50
C VAL C 5 105.39 -1.71 -80.14
N VAL C 6 104.65 -2.58 -79.46
CA VAL C 6 103.35 -2.99 -79.91
C VAL C 6 102.46 -2.87 -78.68
N VAL C 7 101.38 -2.13 -78.81
CA VAL C 7 100.45 -1.97 -77.71
C VAL C 7 99.15 -2.52 -78.27
N CYS C 8 98.62 -3.52 -77.59
CA CYS C 8 97.40 -4.17 -78.06
C CYS C 8 96.69 -4.87 -76.93
N GLN C 9 95.77 -5.74 -77.31
CA GLN C 9 94.99 -6.52 -76.40
C GLN C 9 95.16 -7.96 -76.87
N TYR C 10 95.09 -8.91 -75.95
CA TYR C 10 95.26 -10.31 -76.31
C TYR C 10 93.99 -11.13 -76.25
N ASP C 11 93.84 -12.05 -77.20
CA ASP C 11 92.68 -12.92 -77.22
C ASP C 11 93.10 -14.19 -76.49
N LYS C 12 94.19 -14.80 -76.94
CA LYS C 12 94.71 -16.01 -76.32
C LYS C 12 96.22 -16.07 -76.43
N ILE C 13 96.88 -16.40 -75.32
CA ILE C 13 98.33 -16.56 -75.32
C ILE C 13 98.48 -18.04 -74.99
N HIS C 14 99.32 -18.73 -75.75
CA HIS C 14 99.51 -20.16 -75.58
C HIS C 14 100.96 -20.60 -75.55
N ARG C 15 101.23 -21.63 -74.74
CA ARG C 15 102.56 -22.19 -74.60
C ARG C 15 102.60 -23.71 -74.43
N SER C 16 103.57 -24.37 -75.10
CA SER C 16 103.79 -25.81 -74.99
C SER C 16 105.31 -25.91 -74.91
N LYS C 17 105.80 -26.49 -73.81
CA LYS C 17 107.25 -26.56 -73.67
C LYS C 17 107.72 -25.12 -73.84
N ASN C 18 108.70 -24.88 -74.70
CA ASN C 18 109.18 -23.53 -74.91
C ASN C 18 108.64 -22.90 -76.19
N LYS C 19 107.48 -23.36 -76.65
CA LYS C 19 106.85 -22.84 -77.87
C LYS C 19 105.68 -21.93 -77.49
N TRP C 20 105.77 -20.66 -77.83
CA TRP C 20 104.69 -19.73 -77.54
C TRP C 20 103.99 -19.28 -78.82
N LYS C 21 102.67 -19.10 -78.73
CA LYS C 21 101.89 -18.64 -79.87
C LYS C 21 101.04 -17.49 -79.35
N PHE C 22 101.02 -16.38 -80.07
CA PHE C 22 100.25 -15.22 -79.62
C PHE C 22 99.08 -14.89 -80.54
N HIS C 23 97.91 -14.70 -79.96
CA HIS C 23 96.72 -14.33 -80.71
C HIS C 23 96.32 -12.93 -80.23
N LEU C 24 96.76 -11.92 -80.98
CA LEU C 24 96.52 -10.53 -80.63
C LEU C 24 95.53 -9.77 -81.55
N LYS C 25 95.05 -8.63 -81.06
CA LYS C 25 94.10 -7.82 -81.81
C LYS C 25 94.20 -6.32 -81.46
N ASP C 26 93.56 -5.49 -82.28
CA ASP C 26 93.55 -4.03 -82.09
C ASP C 26 94.90 -3.50 -81.63
N GLY C 27 95.90 -3.61 -82.50
CA GLY C 27 97.22 -3.14 -82.12
C GLY C 27 97.83 -2.03 -82.96
N ILE C 28 98.59 -1.17 -82.29
CA ILE C 28 99.28 -0.07 -82.94
C ILE C 28 100.77 -0.34 -82.76
N MET C 29 101.47 -0.51 -83.86
CA MET C 29 102.89 -0.80 -83.81
C MET C 29 103.76 0.31 -84.37
N ASN C 30 104.95 0.45 -83.79
CA ASN C 30 105.93 1.42 -84.25
C ASN C 30 107.21 0.61 -84.42
N LEU C 31 107.46 0.19 -85.65
CA LEU C 31 108.62 -0.62 -85.98
C LEU C 31 109.61 0.14 -86.86
N ASN C 32 110.86 0.22 -86.41
CA ASN C 32 111.92 0.89 -87.14
C ASN C 32 111.64 2.39 -87.34
N GLY C 33 110.64 2.91 -86.64
CA GLY C 33 110.30 4.31 -86.76
C GLY C 33 108.96 4.56 -87.41
N ARG C 34 108.50 3.57 -88.18
CA ARG C 34 107.21 3.68 -88.87
C ARG C 34 106.08 3.21 -87.96
N ASP C 35 104.86 3.64 -88.27
CA ASP C 35 103.66 3.27 -87.50
C ASP C 35 102.76 2.31 -88.26
N TYR C 36 102.32 1.23 -87.61
CA TYR C 36 101.44 0.27 -88.26
C TYR C 36 100.25 -0.08 -87.37
N ILE C 37 99.21 -0.66 -87.96
CA ILE C 37 98.02 -1.05 -87.21
C ILE C 37 97.48 -2.40 -87.69
N PHE C 38 96.84 -3.13 -86.79
CA PHE C 38 96.26 -4.43 -87.12
C PHE C 38 95.03 -4.70 -86.29
N SER C 39 94.10 -5.46 -86.86
CA SER C 39 92.88 -5.82 -86.16
C SER C 39 93.20 -7.15 -85.48
N LYS C 40 94.12 -7.89 -86.10
CA LYS C 40 94.56 -9.19 -85.59
C LYS C 40 96.02 -9.44 -85.93
N ALA C 41 96.74 -10.02 -84.97
CA ALA C 41 98.14 -10.36 -85.15
C ALA C 41 98.38 -11.75 -84.56
N ILE C 42 99.02 -12.61 -85.33
CA ILE C 42 99.34 -13.96 -84.89
C ILE C 42 100.85 -14.15 -84.96
N GLY C 43 101.45 -14.59 -83.85
CA GLY C 43 102.88 -14.79 -83.82
C GLY C 43 103.38 -16.08 -83.21
N ASP C 44 104.65 -16.38 -83.47
CA ASP C 44 105.30 -17.58 -82.96
C ASP C 44 106.71 -17.26 -82.46
N ALA C 45 107.07 -17.86 -81.33
CA ALA C 45 108.40 -17.64 -80.77
C ALA C 45 108.84 -18.77 -79.84
N GLU C 46 110.14 -19.03 -79.83
CA GLU C 46 110.72 -20.04 -78.98
C GLU C 46 111.41 -19.28 -77.86
N TRP C 47 111.30 -19.79 -76.64
CA TRP C 47 111.91 -19.14 -75.49
C TRP C 47 113.20 -19.83 -75.08
N TYR D 1 90.43 1.36 -71.96
CA TYR D 1 91.87 1.05 -71.75
C TYR D 1 92.76 2.23 -72.15
N GLN D 2 93.52 2.75 -71.19
CA GLN D 2 94.44 3.87 -71.44
C GLN D 2 95.68 3.25 -72.07
N LEU D 3 95.43 2.17 -72.79
CA LEU D 3 96.42 1.36 -73.47
C LEU D 3 97.17 2.08 -74.60
N TYR D 4 96.42 2.78 -75.45
CA TYR D 4 97.00 3.45 -76.60
C TYR D 4 97.60 4.84 -76.43
N ARG D 5 97.87 5.25 -75.19
CA ARG D 5 98.44 6.56 -74.96
C ARG D 5 99.94 6.63 -75.28
N ASN D 6 100.67 5.54 -75.04
CA ASN D 6 102.10 5.56 -75.36
C ASN D 6 102.32 4.97 -76.75
N THR D 7 101.77 5.67 -77.74
CA THR D 7 101.89 5.29 -79.13
C THR D 7 102.31 6.62 -79.77
N THR D 8 102.67 6.60 -81.05
CA THR D 8 103.05 7.85 -81.71
C THR D 8 101.90 8.83 -81.52
N LEU D 9 100.72 8.41 -81.98
CA LEU D 9 99.51 9.20 -81.88
C LEU D 9 99.26 9.75 -80.47
N GLY D 10 99.23 8.84 -79.50
CA GLY D 10 98.98 9.24 -78.12
C GLY D 10 100.04 10.10 -77.46
N ASN D 11 101.32 9.84 -77.73
CA ASN D 11 102.39 10.62 -77.12
C ASN D 11 102.48 12.03 -77.72
N SER D 12 102.34 12.12 -79.04
CA SER D 12 102.39 13.44 -79.69
C SER D 12 101.30 14.29 -79.04
N LEU D 13 100.17 13.68 -78.73
CA LEU D 13 99.06 14.38 -78.08
C LEU D 13 99.45 14.89 -76.70
N GLN D 14 99.98 14.00 -75.87
CA GLN D 14 100.38 14.38 -74.51
C GLN D 14 101.43 15.47 -74.48
N GLU D 15 102.38 15.37 -75.41
CA GLU D 15 103.46 16.35 -75.50
C GLU D 15 102.86 17.70 -75.85
N SER D 16 101.95 17.70 -76.82
CA SER D 16 101.28 18.92 -77.24
C SER D 16 100.54 19.52 -76.04
N LEU D 17 99.88 18.66 -75.28
CA LEU D 17 99.12 19.11 -74.11
C LEU D 17 100.02 19.71 -73.03
N ASP D 18 101.13 19.04 -72.75
CA ASP D 18 102.06 19.52 -71.73
C ASP D 18 102.57 20.92 -72.04
N GLU D 19 102.85 21.18 -73.32
CA GLU D 19 103.30 22.50 -73.73
C GLU D 19 102.24 23.51 -73.31
N LEU D 20 101.02 23.31 -73.82
CA LEU D 20 99.91 24.17 -73.52
C LEU D 20 99.71 24.32 -72.01
N ILE D 21 100.09 23.29 -71.26
CA ILE D 21 99.96 23.34 -69.82
C ILE D 21 101.12 24.21 -69.31
N GLN D 22 102.29 23.99 -69.90
CA GLN D 22 103.49 24.71 -69.52
C GLN D 22 103.31 26.20 -69.74
N SER D 23 102.82 26.58 -70.92
CA SER D 23 102.60 28.00 -71.22
C SER D 23 101.29 28.49 -70.60
N GLN D 24 100.74 27.67 -69.70
CA GLN D 24 99.50 27.98 -68.99
C GLN D 24 98.27 28.24 -69.87
N GLN D 25 98.27 27.74 -71.10
CA GLN D 25 97.13 27.97 -71.98
C GLN D 25 95.94 27.06 -71.66
N ILE D 26 96.20 25.94 -71.02
CA ILE D 26 95.15 25.00 -70.62
C ILE D 26 95.53 24.45 -69.25
N THR D 27 94.53 23.98 -68.50
CA THR D 27 94.80 23.43 -67.18
C THR D 27 95.08 21.93 -67.32
N PRO D 28 95.69 21.32 -66.29
CA PRO D 28 95.98 19.89 -66.35
C PRO D 28 94.67 19.10 -66.46
N GLN D 29 93.66 19.55 -65.74
CA GLN D 29 92.35 18.91 -65.76
C GLN D 29 91.79 18.84 -67.18
N LEU D 30 91.92 19.93 -67.93
CA LEU D 30 91.44 19.97 -69.29
C LEU D 30 92.22 18.98 -70.15
N ALA D 31 93.53 18.91 -69.91
CA ALA D 31 94.40 17.99 -70.63
C ALA D 31 93.94 16.55 -70.37
N LEU D 32 93.67 16.26 -69.10
CA LEU D 32 93.20 14.94 -68.71
C LEU D 32 91.91 14.61 -69.47
N GLN D 33 91.02 15.60 -69.52
CA GLN D 33 89.74 15.43 -70.21
C GLN D 33 89.94 15.14 -71.68
N VAL D 34 90.99 15.72 -72.27
CA VAL D 34 91.28 15.50 -73.69
C VAL D 34 91.78 14.06 -73.90
N LEU D 35 92.66 13.62 -72.99
CA LEU D 35 93.21 12.27 -73.07
C LEU D 35 92.08 11.27 -72.94
N LEU D 36 91.15 11.53 -72.03
CA LEU D 36 90.01 10.65 -71.86
C LEU D 36 89.26 10.54 -73.18
N GLN D 37 89.08 11.67 -73.85
CA GLN D 37 88.37 11.68 -75.13
C GLN D 37 89.16 10.87 -76.15
N PHE D 38 90.48 10.96 -76.07
CA PHE D 38 91.35 10.23 -76.98
C PHE D 38 91.19 8.71 -76.81
N ASP D 39 91.16 8.25 -75.56
CA ASP D 39 90.99 6.83 -75.29
C ASP D 39 89.77 6.28 -76.00
N LYS D 40 88.62 6.92 -75.78
CA LYS D 40 87.38 6.48 -76.41
C LYS D 40 87.50 6.47 -77.93
N ALA D 41 88.11 7.53 -78.47
CA ALA D 41 88.28 7.68 -79.92
C ALA D 41 89.23 6.68 -80.59
N ILE D 42 90.36 6.41 -79.97
CA ILE D 42 91.31 5.47 -80.58
C ILE D 42 90.77 4.04 -80.49
N ASN D 43 90.19 3.70 -79.34
CA ASN D 43 89.63 2.37 -79.13
C ASN D 43 88.52 2.12 -80.16
N ALA D 44 87.61 3.08 -80.26
CA ALA D 44 86.49 2.98 -81.19
C ALA D 44 86.93 2.85 -82.65
N ALA D 45 87.92 3.65 -83.03
CA ALA D 45 88.43 3.63 -84.39
C ALA D 45 89.12 2.32 -84.77
N LEU D 46 89.82 1.71 -83.81
CA LEU D 46 90.53 0.46 -84.05
C LEU D 46 89.59 -0.70 -84.34
N ALA D 47 88.62 -0.89 -83.45
CA ALA D 47 87.66 -1.99 -83.58
C ALA D 47 86.75 -1.87 -84.81
N GLN D 48 86.24 -0.67 -85.06
CA GLN D 48 85.34 -0.46 -86.18
C GLN D 48 86.01 -0.13 -87.52
N ARG D 49 87.12 0.60 -87.48
CA ARG D 49 87.80 0.99 -88.72
C ARG D 49 88.80 0.00 -89.30
N VAL D 50 89.93 -0.19 -88.64
CA VAL D 50 90.96 -1.11 -89.14
C VAL D 50 90.43 -2.54 -89.20
N ARG D 51 90.91 -3.33 -90.17
CA ARG D 51 90.43 -4.71 -90.31
C ARG D 51 91.39 -5.67 -91.02
N ASN D 52 92.70 -5.43 -90.91
CA ASN D 52 93.68 -6.30 -91.56
C ASN D 52 94.40 -7.24 -90.58
N ARG D 53 95.06 -8.25 -91.13
CA ARG D 53 95.77 -9.24 -90.31
C ARG D 53 97.28 -9.16 -90.45
N VAL D 54 97.98 -9.45 -89.36
CA VAL D 54 99.44 -9.43 -89.32
C VAL D 54 99.97 -10.74 -88.74
N ASN D 55 101.22 -11.06 -89.04
CA ASN D 55 101.86 -12.28 -88.53
C ASN D 55 103.29 -11.97 -88.15
N PHE D 56 103.77 -12.60 -87.07
CA PHE D 56 105.15 -12.38 -86.65
C PHE D 56 105.80 -13.60 -86.02
N ARG D 57 107.10 -13.72 -86.22
CA ARG D 57 107.86 -14.84 -85.69
C ARG D 57 109.18 -14.32 -85.17
N GLY D 58 109.69 -14.97 -84.12
CA GLY D 58 110.95 -14.56 -83.54
C GLY D 58 111.27 -15.39 -82.34
N SER D 59 112.29 -15.00 -81.59
CA SER D 59 112.67 -15.74 -80.40
C SER D 59 112.22 -14.93 -79.20
N LEU D 60 111.58 -15.60 -78.25
CA LEU D 60 111.10 -14.93 -77.04
C LEU D 60 112.25 -14.83 -76.05
N ASN D 61 112.56 -13.60 -75.65
CA ASN D 61 113.62 -13.31 -74.71
C ASN D 61 113.09 -13.31 -73.29
N THR D 62 111.96 -12.64 -73.08
CA THR D 62 111.35 -12.57 -71.76
C THR D 62 109.83 -12.43 -71.85
N TYR D 63 109.17 -12.78 -70.76
CA TYR D 63 107.73 -12.68 -70.68
C TYR D 63 107.42 -12.36 -69.23
N ARG D 64 106.29 -11.72 -69.01
CA ARG D 64 105.86 -11.37 -67.68
C ARG D 64 104.35 -11.26 -67.74
N PHE D 65 103.71 -11.64 -66.65
CA PHE D 65 102.26 -11.57 -66.57
C PHE D 65 101.94 -11.21 -65.14
N CYS D 66 101.33 -10.05 -64.96
CA CYS D 66 100.94 -9.56 -63.64
C CYS D 66 99.79 -8.61 -63.93
N ASP D 67 98.86 -8.44 -62.98
CA ASP D 67 97.72 -7.56 -63.21
C ASP D 67 97.02 -7.85 -64.54
N ASN D 68 96.99 -9.12 -64.91
CA ASN D 68 96.35 -9.54 -66.16
C ASN D 68 96.90 -8.86 -67.41
N VAL D 69 98.14 -8.38 -67.33
CA VAL D 69 98.77 -7.73 -68.46
C VAL D 69 100.05 -8.44 -68.88
N TRP D 70 100.11 -8.88 -70.13
CA TRP D 70 101.30 -9.55 -70.64
C TRP D 70 102.29 -8.56 -71.25
N THR D 71 103.56 -8.73 -70.91
CA THR D 71 104.64 -7.89 -71.43
C THR D 71 105.73 -8.84 -71.97
N PHE D 72 105.91 -8.84 -73.28
CA PHE D 72 106.94 -9.69 -73.89
C PHE D 72 108.05 -8.83 -74.47
N VAL D 73 109.13 -9.51 -74.87
CA VAL D 73 110.27 -8.88 -75.51
C VAL D 73 110.80 -9.97 -76.44
N LEU D 74 110.63 -9.75 -77.74
CA LEU D 74 111.09 -10.69 -78.77
C LEU D 74 112.37 -10.15 -79.41
N ASN D 75 113.21 -11.05 -79.91
CA ASN D 75 114.45 -10.67 -80.58
C ASN D 75 114.41 -11.24 -81.99
N ASP D 76 115.07 -10.56 -82.92
CA ASP D 76 115.11 -10.97 -84.31
C ASP D 76 113.74 -11.37 -84.82
N VAL D 77 112.81 -10.44 -84.76
CA VAL D 77 111.43 -10.68 -85.18
C VAL D 77 111.17 -10.33 -86.65
N GLU D 78 110.15 -10.96 -87.21
CA GLU D 78 109.76 -10.74 -88.59
C GLU D 78 108.24 -10.53 -88.66
N PHE D 79 107.83 -9.28 -88.76
CA PHE D 79 106.41 -8.97 -88.86
C PHE D 79 105.98 -9.10 -90.31
N ARG D 80 104.98 -9.96 -90.51
CA ARG D 80 104.47 -10.26 -91.83
C ARG D 80 103.05 -9.77 -92.11
N GLU D 81 102.92 -8.93 -93.12
CA GLU D 81 101.64 -8.39 -93.55
C GLU D 81 101.65 -8.58 -95.06
N VAL D 82 100.62 -9.27 -95.58
CA VAL D 82 100.51 -9.55 -97.00
C VAL D 82 101.62 -8.95 -97.86
N THR D 83 101.68 -7.63 -97.89
CA THR D 83 102.70 -6.93 -98.67
C THR D 83 104.10 -7.04 -98.06
N GLU D 84 104.43 -8.23 -97.57
CA GLU D 84 105.74 -8.54 -97.02
C GLU D 84 106.30 -7.99 -95.70
N LEU D 85 107.61 -8.20 -95.62
CA LEU D 85 108.57 -7.92 -94.55
C LEU D 85 108.79 -6.66 -93.73
N ILE D 86 109.00 -6.87 -92.43
CA ILE D 86 109.35 -5.85 -91.45
C ILE D 86 110.23 -6.61 -90.47
N LYS D 87 111.53 -6.32 -90.49
CA LYS D 87 112.43 -7.01 -89.59
C LYS D 87 112.95 -6.10 -88.49
N VAL D 88 113.00 -6.65 -87.28
CA VAL D 88 113.46 -5.89 -86.13
C VAL D 88 114.30 -6.75 -85.19
N ASP D 89 115.33 -6.16 -84.61
CA ASP D 89 116.21 -6.86 -83.70
C ASP D 89 115.56 -7.09 -82.35
N LYS D 90 114.65 -6.19 -81.99
CA LYS D 90 113.99 -6.24 -80.70
C LYS D 90 112.65 -5.53 -80.71
N VAL D 91 111.65 -6.13 -80.05
CA VAL D 91 110.32 -5.54 -79.98
C VAL D 91 109.68 -5.88 -78.64
N LYS D 92 109.06 -4.88 -78.03
CA LYS D 92 108.41 -5.03 -76.73
C LYS D 92 106.90 -5.01 -76.95
N ILE D 93 106.20 -6.01 -76.42
CA ILE D 93 104.76 -6.11 -76.59
C ILE D 93 104.01 -6.06 -75.27
N VAL D 94 103.16 -5.06 -75.11
CA VAL D 94 102.34 -4.93 -73.91
C VAL D 94 100.92 -5.23 -74.36
N ALA D 95 100.27 -6.17 -73.68
CA ALA D 95 98.92 -6.56 -74.06
C ALA D 95 97.95 -6.69 -72.89
N CYS D 96 96.84 -5.96 -72.98
CA CYS D 96 95.79 -6.02 -71.95
C CYS D 96 94.80 -7.07 -72.43
N ASP D 97 94.01 -7.61 -71.52
CA ASP D 97 93.06 -8.65 -71.89
C ASP D 97 91.94 -8.18 -72.81
N ILE G 609 -20.52 -29.04 24.49
CA ILE G 609 -21.32 -28.73 25.68
C ILE G 609 -22.18 -29.91 26.13
N ILE G 610 -21.91 -30.40 27.35
CA ILE G 610 -22.64 -31.54 27.90
C ILE G 610 -23.66 -31.08 28.93
N GLN G 611 -24.90 -31.52 28.77
CA GLN G 611 -25.92 -31.20 29.76
C GLN G 611 -26.36 -32.50 30.41
N HIS G 612 -25.97 -32.72 31.67
CA HIS G 612 -26.35 -33.95 32.36
C HIS G 612 -27.81 -33.88 32.79
N SER G 613 -28.37 -35.02 33.17
CA SER G 613 -29.71 -35.06 33.72
C SER G 613 -29.74 -34.29 35.04
N ILE G 614 -30.93 -33.86 35.42
CA ILE G 614 -31.11 -33.15 36.67
C ILE G 614 -30.66 -33.95 37.92
N PRO G 615 -31.01 -35.25 38.01
CA PRO G 615 -30.57 -35.96 39.21
C PRO G 615 -29.04 -36.01 39.33
N ALA G 616 -28.36 -36.03 38.20
CA ALA G 616 -26.89 -36.11 38.21
C ALA G 616 -26.31 -34.74 38.55
N VAL G 617 -26.84 -33.71 37.89
CA VAL G 617 -26.40 -32.34 38.12
C VAL G 617 -26.57 -31.98 39.60
N GLU G 618 -27.60 -32.54 40.22
CA GLU G 618 -27.87 -32.31 41.63
C GLU G 618 -27.14 -33.31 42.54
N LEU G 619 -26.33 -34.18 41.96
CA LEU G 619 -25.58 -35.17 42.77
C LEU G 619 -26.47 -35.91 43.77
N ARG G 620 -27.65 -36.33 43.31
CA ARG G 620 -28.59 -37.10 44.14
C ARG G 620 -28.07 -38.52 44.40
N GLN G 621 -28.45 -39.09 45.54
CA GLN G 621 -28.23 -40.52 45.81
C GLN G 621 -29.45 -41.23 45.22
N PRO G 622 -29.29 -42.48 44.75
CA PRO G 622 -28.07 -43.29 44.75
C PRO G 622 -27.21 -43.09 43.50
N PHE G 623 -27.51 -42.12 42.65
CA PHE G 623 -26.72 -41.93 41.44
C PHE G 623 -25.29 -41.54 41.79
N PHE G 624 -25.12 -40.77 42.86
CA PHE G 624 -23.80 -40.39 43.34
C PHE G 624 -23.62 -40.80 44.79
N PRO G 625 -23.11 -42.01 45.02
CA PRO G 625 -22.94 -42.52 46.39
C PRO G 625 -22.06 -41.58 47.24
N THR G 626 -22.39 -41.47 48.51
CA THR G 626 -21.65 -40.58 49.42
C THR G 626 -20.45 -41.30 50.00
N HIS G 627 -20.57 -42.62 50.13
CA HIS G 627 -19.51 -43.45 50.65
C HIS G 627 -19.55 -44.81 49.98
N MET G 628 -18.37 -45.39 49.75
CA MET G 628 -18.29 -46.79 49.29
C MET G 628 -17.24 -47.58 50.09
N GLY G 629 -17.67 -48.68 50.71
CA GLY G 629 -16.74 -49.56 51.41
C GLY G 629 -15.94 -50.39 50.43
N PRO G 630 -14.95 -51.16 50.93
CA PRO G 630 -14.07 -51.99 50.12
C PRO G 630 -14.84 -52.86 49.13
N ILE G 631 -15.88 -53.54 49.60
CA ILE G 631 -16.68 -54.39 48.74
C ILE G 631 -17.29 -53.61 47.56
N LYS G 632 -17.92 -52.47 47.84
CA LYS G 632 -18.49 -51.63 46.78
C LYS G 632 -17.42 -51.13 45.81
N LEU G 633 -16.22 -50.85 46.31
CA LEU G 633 -15.12 -50.36 45.48
C LEU G 633 -14.63 -51.43 44.52
N ARG G 634 -14.56 -52.66 45.01
CA ARG G 634 -14.23 -53.82 44.18
C ARG G 634 -15.29 -54.07 43.12
N GLN G 635 -16.55 -53.83 43.48
CA GLN G 635 -17.66 -54.01 42.57
C GLN G 635 -18.05 -52.74 41.80
N PHE G 636 -17.16 -51.74 41.79
CA PHE G 636 -17.49 -50.43 41.20
C PHE G 636 -17.86 -50.57 39.74
N HIS G 637 -19.07 -50.10 39.41
CA HIS G 637 -19.61 -50.25 38.05
C HIS G 637 -19.86 -51.70 37.65
N ARG G 638 -19.80 -52.62 38.61
CA ARG G 638 -20.30 -53.97 38.39
C ARG G 638 -21.23 -54.41 39.54
N PRO G 639 -22.41 -53.79 39.67
CA PRO G 639 -23.34 -54.15 40.74
C PRO G 639 -23.92 -55.54 40.57
N PRO G 640 -23.78 -56.38 41.60
CA PRO G 640 -24.37 -57.71 41.41
C PRO G 640 -25.87 -57.66 41.69
N LEU G 641 -26.65 -58.51 41.02
CA LEU G 641 -28.05 -58.73 41.40
C LEU G 641 -28.10 -59.04 42.88
N LYS G 642 -28.83 -58.26 43.65
CA LYS G 642 -29.05 -58.57 45.07
C LYS G 642 -30.53 -58.82 45.34
N LYS G 643 -30.80 -59.82 46.18
CA LYS G 643 -32.17 -60.23 46.49
C LYS G 643 -32.95 -59.11 47.17
N TYR G 644 -34.23 -58.99 46.81
CA TYR G 644 -35.11 -58.04 47.48
C TYR G 644 -35.69 -58.60 48.77
N SER G 645 -35.86 -57.75 49.78
CA SER G 645 -36.40 -58.16 51.08
C SER G 645 -37.91 -58.07 51.11
N PHE G 646 -38.48 -57.27 50.21
CA PHE G 646 -39.91 -57.07 50.16
C PHE G 646 -40.29 -56.69 48.74
N GLY G 647 -41.59 -56.67 48.45
CA GLY G 647 -42.04 -56.36 47.10
C GLY G 647 -42.21 -57.65 46.30
N ALA G 648 -42.81 -57.55 45.12
CA ALA G 648 -43.20 -58.74 44.36
C ALA G 648 -42.06 -59.72 44.12
N LEU G 649 -40.89 -59.20 43.74
CA LEU G 649 -39.76 -60.06 43.38
C LEU G 649 -38.94 -60.54 44.59
N SER G 650 -39.40 -60.23 45.81
CA SER G 650 -38.81 -60.85 47.00
C SER G 650 -39.41 -62.23 47.24
N GLN G 651 -40.49 -62.53 46.51
CA GLN G 651 -41.21 -63.80 46.66
C GLN G 651 -40.60 -64.90 45.81
N PRO G 652 -40.76 -66.15 46.25
CA PRO G 652 -40.16 -67.28 45.51
C PRO G 652 -40.97 -67.63 44.27
N GLY G 653 -40.39 -68.43 43.39
CA GLY G 653 -41.11 -68.89 42.21
C GLY G 653 -40.90 -68.02 41.00
N PRO G 654 -41.59 -68.38 39.89
CA PRO G 654 -41.53 -67.67 38.62
C PRO G 654 -42.19 -66.30 38.70
N HIS G 655 -41.63 -65.35 37.96
CA HIS G 655 -42.22 -64.03 37.88
C HIS G 655 -42.28 -63.62 36.42
N SER G 656 -43.39 -62.99 36.05
CA SER G 656 -43.63 -62.54 34.69
C SER G 656 -42.55 -61.57 34.18
N VAL G 657 -42.19 -61.72 32.91
CA VAL G 657 -41.33 -60.76 32.22
C VAL G 657 -42.25 -59.93 31.30
N GLN G 658 -42.36 -58.63 31.52
CA GLN G 658 -43.38 -57.83 30.84
C GLN G 658 -42.91 -57.12 29.57
N PRO G 659 -43.80 -57.02 28.56
CA PRO G 659 -43.45 -56.31 27.32
C PRO G 659 -43.45 -54.79 27.52
N LEU G 660 -42.62 -54.09 26.77
CA LEU G 660 -42.53 -52.63 26.92
C LEU G 660 -42.98 -51.88 25.65
N LEU G 661 -43.30 -52.60 24.57
CA LEU G 661 -43.56 -51.93 23.28
C LEU G 661 -44.59 -50.80 23.36
N LYS G 662 -45.75 -51.08 23.95
CA LYS G 662 -46.79 -50.05 24.06
C LYS G 662 -46.30 -48.87 24.89
N HIS G 663 -45.61 -49.17 25.99
CA HIS G 663 -45.03 -48.13 26.81
C HIS G 663 -43.96 -47.29 26.09
N ILE G 664 -43.08 -47.94 25.33
CA ILE G 664 -42.03 -47.23 24.58
C ILE G 664 -42.61 -46.24 23.55
N LYS G 665 -43.57 -46.70 22.76
CA LYS G 665 -44.25 -45.85 21.79
C LYS G 665 -44.97 -44.67 22.47
N LYS G 666 -45.71 -44.97 23.53
CA LYS G 666 -46.44 -43.93 24.25
C LYS G 666 -45.51 -42.82 24.78
N LYS G 667 -44.39 -43.19 25.39
CA LYS G 667 -43.47 -42.20 25.94
C LYS G 667 -42.82 -41.35 24.84
N ALA G 668 -42.42 -41.99 23.74
CA ALA G 668 -41.91 -41.24 22.60
C ALA G 668 -42.96 -40.24 22.11
N LYS G 669 -44.20 -40.70 21.95
CA LYS G 669 -45.31 -39.84 21.56
C LYS G 669 -45.56 -38.68 22.53
N MET G 670 -45.69 -38.97 23.83
CA MET G 670 -45.85 -37.90 24.84
C MET G 670 -44.72 -36.87 24.76
N ARG G 671 -43.48 -37.34 24.68
CA ARG G 671 -42.32 -36.44 24.62
C ARG G 671 -42.36 -35.52 23.38
N GLU G 672 -42.72 -36.07 22.22
CA GLU G 672 -42.82 -35.28 21.00
C GLU G 672 -43.93 -34.22 21.09
N GLN G 673 -45.02 -34.57 21.76
CA GLN G 673 -46.12 -33.62 21.91
C GLN G 673 -45.72 -32.47 22.82
N GLU G 674 -45.00 -32.79 23.88
CA GLU G 674 -44.50 -31.78 24.80
C GLU G 674 -43.56 -30.86 24.04
N ARG G 675 -42.83 -31.43 23.09
CA ARG G 675 -41.93 -30.68 22.22
C ARG G 675 -42.67 -29.69 21.34
N GLN G 676 -43.75 -30.16 20.72
CA GLN G 676 -44.55 -29.35 19.80
C GLN G 676 -45.40 -28.35 20.56
N ALA G 677 -45.62 -28.62 21.84
CA ALA G 677 -46.45 -27.75 22.67
C ALA G 677 -45.68 -26.56 23.27
N SER G 678 -44.45 -26.34 22.83
CA SER G 678 -43.67 -25.19 23.31
C SER G 678 -42.54 -24.57 22.46
N GLY G 679 -42.65 -24.45 21.13
CA GLY G 679 -43.73 -24.96 20.31
C GLY G 679 -43.02 -25.64 19.16
N GLY G 680 -41.81 -26.11 19.46
CA GLY G 680 -40.95 -26.73 18.48
C GLY G 680 -39.52 -26.55 18.97
N GLY G 681 -38.57 -27.08 18.22
CA GLY G 681 -37.18 -26.87 18.56
C GLY G 681 -36.61 -27.93 19.46
N GLU G 682 -35.78 -27.50 20.41
CA GLU G 682 -35.06 -28.45 21.23
C GLU G 682 -35.63 -28.47 22.64
N MET G 683 -35.83 -29.66 23.17
CA MET G 683 -36.29 -29.83 24.53
C MET G 683 -35.28 -30.66 25.31
N PHE G 684 -35.21 -30.44 26.62
CA PHE G 684 -34.44 -31.27 27.52
C PHE G 684 -35.43 -32.11 28.31
N PHE G 685 -35.25 -33.43 28.26
CA PHE G 685 -36.23 -34.36 28.82
C PHE G 685 -35.84 -35.07 30.12
N MET G 686 -34.55 -35.02 30.47
CA MET G 686 -34.03 -35.80 31.59
C MET G 686 -34.08 -35.05 32.92
N ARG G 687 -35.30 -34.82 33.42
CA ARG G 687 -35.51 -33.94 34.59
C ARG G 687 -35.70 -34.67 35.91
N THR G 688 -36.12 -35.93 35.86
CA THR G 688 -36.48 -36.67 37.07
C THR G 688 -35.81 -38.04 37.01
N PRO G 689 -35.66 -38.71 38.17
CA PRO G 689 -35.05 -40.04 38.15
C PRO G 689 -35.84 -41.01 37.26
N GLN G 690 -37.16 -40.81 37.20
CA GLN G 690 -38.04 -41.60 36.35
C GLN G 690 -37.70 -41.49 34.86
N ASP G 691 -37.22 -40.31 34.43
CA ASP G 691 -36.82 -40.13 33.03
C ASP G 691 -35.57 -40.94 32.66
N LEU G 692 -34.85 -41.44 33.66
CA LEU G 692 -33.59 -42.17 33.42
C LEU G 692 -33.77 -43.68 33.24
N THR G 693 -34.99 -44.17 33.38
CA THR G 693 -35.27 -45.60 33.25
C THR G 693 -34.87 -46.16 31.87
N GLY G 694 -34.51 -47.44 31.84
CA GLY G 694 -34.23 -48.10 30.58
C GLY G 694 -35.53 -48.48 29.88
N LYS G 695 -36.66 -48.26 30.55
CA LYS G 695 -37.96 -48.71 30.08
C LYS G 695 -38.47 -47.95 28.85
N ASP G 696 -37.92 -46.77 28.57
CA ASP G 696 -38.33 -46.05 27.38
C ASP G 696 -37.17 -45.29 26.73
N GLY G 697 -37.45 -44.63 25.60
CA GLY G 697 -36.41 -44.00 24.79
C GLY G 697 -35.71 -45.06 23.95
N ASP G 698 -34.92 -44.62 22.98
CA ASP G 698 -34.09 -45.56 22.24
C ASP G 698 -32.87 -45.91 23.09
N LEU G 699 -32.46 -47.16 23.03
CA LEU G 699 -31.40 -47.67 23.89
C LEU G 699 -30.23 -48.20 23.07
N ILE G 700 -29.00 -47.92 23.50
CA ILE G 700 -27.84 -48.65 22.97
C ILE G 700 -27.09 -49.29 24.13
N LEU G 701 -26.28 -50.31 23.83
CA LEU G 701 -25.34 -50.87 24.79
C LEU G 701 -23.93 -50.43 24.43
N ALA G 702 -23.10 -50.21 25.44
CA ALA G 702 -21.69 -49.95 25.22
C ALA G 702 -20.87 -50.89 26.09
N GLU G 703 -20.00 -51.69 25.47
CA GLU G 703 -19.17 -52.64 26.21
C GLU G 703 -17.74 -52.13 26.25
N TYR G 704 -17.22 -51.85 27.44
CA TYR G 704 -15.89 -51.25 27.58
C TYR G 704 -14.76 -52.29 27.53
N SER G 705 -13.87 -52.11 26.56
CA SER G 705 -12.74 -53.02 26.39
C SER G 705 -11.70 -52.92 27.53
N GLU G 706 -11.59 -51.77 28.19
CA GLU G 706 -10.68 -51.65 29.34
C GLU G 706 -11.40 -52.21 30.56
N GLU G 707 -10.75 -53.13 31.25
CA GLU G 707 -11.33 -53.74 32.46
C GLU G 707 -11.72 -52.68 33.48
N ASN G 708 -10.85 -51.70 33.70
CA ASN G 708 -11.18 -50.56 34.55
C ASN G 708 -10.61 -49.25 33.99
N GLY G 709 -11.32 -48.65 33.05
CA GLY G 709 -10.87 -47.41 32.43
C GLY G 709 -10.72 -46.29 33.45
N PRO G 710 -9.85 -45.33 33.16
CA PRO G 710 -9.51 -44.30 34.15
C PRO G 710 -10.67 -43.40 34.58
N LEU G 711 -11.68 -43.20 33.73
CA LEU G 711 -12.87 -42.44 34.11
C LEU G 711 -14.14 -43.13 33.61
N MET G 712 -15.17 -43.15 34.44
CA MET G 712 -16.44 -43.75 34.04
C MET G 712 -17.59 -42.84 34.48
N MET G 713 -18.65 -42.80 33.67
CA MET G 713 -19.83 -42.03 34.02
C MET G 713 -20.64 -42.70 35.11
N GLN G 714 -21.39 -41.91 35.88
CA GLN G 714 -22.40 -42.45 36.79
C GLN G 714 -23.73 -42.47 36.03
N VAL G 715 -24.70 -43.21 36.55
CA VAL G 715 -26.04 -43.22 35.98
C VAL G 715 -26.59 -41.78 36.03
N GLY G 716 -27.15 -41.32 34.93
CA GLY G 716 -27.71 -39.99 34.88
C GLY G 716 -26.84 -38.99 34.15
N MET G 717 -25.58 -39.35 33.92
CA MET G 717 -24.70 -38.49 33.13
C MET G 717 -24.88 -38.69 31.63
N ALA G 718 -24.44 -37.69 30.87
CA ALA G 718 -24.63 -37.68 29.42
C ALA G 718 -23.31 -37.74 28.70
N THR G 719 -23.35 -38.29 27.47
CA THR G 719 -22.20 -38.29 26.60
C THR G 719 -22.71 -38.09 25.18
N LYS G 720 -21.87 -37.54 24.32
CA LYS G 720 -22.21 -37.41 22.90
C LYS G 720 -21.53 -38.50 22.10
N ILE G 721 -22.06 -38.78 20.91
CA ILE G 721 -21.33 -39.57 19.92
C ILE G 721 -20.94 -38.65 18.76
N LYS G 722 -19.66 -38.62 18.46
CA LYS G 722 -19.14 -37.82 17.37
C LYS G 722 -18.66 -38.76 16.28
N ASN G 723 -18.92 -38.41 15.03
CA ASN G 723 -18.46 -39.23 13.93
C ASN G 723 -17.32 -38.52 13.17
N TYR G 724 -16.09 -38.80 13.59
CA TYR G 724 -14.93 -38.12 13.03
C TYR G 724 -14.61 -38.63 11.65
N TYR G 725 -14.55 -37.71 10.68
CA TYR G 725 -14.31 -38.08 9.30
C TYR G 725 -13.20 -37.24 8.72
N LYS G 726 -12.30 -37.85 7.95
CA LYS G 726 -11.29 -37.09 7.22
C LYS G 726 -11.56 -37.13 5.73
N ARG G 727 -11.69 -35.95 5.13
CA ARG G 727 -12.04 -35.85 3.71
C ARG G 727 -11.02 -36.49 2.78
N LYS G 728 -11.53 -37.10 1.71
CA LYS G 728 -10.68 -37.63 0.66
C LYS G 728 -10.10 -36.44 -0.09
N PRO G 729 -8.98 -36.65 -0.78
CA PRO G 729 -8.39 -35.49 -1.45
C PRO G 729 -9.19 -35.08 -2.68
N GLY G 730 -9.25 -33.78 -2.94
CA GLY G 730 -9.93 -33.27 -4.11
C GLY G 730 -11.41 -33.04 -3.89
N LYS G 731 -12.23 -33.87 -4.51
CA LYS G 731 -13.68 -33.69 -4.50
C LYS G 731 -14.36 -34.66 -3.54
N ASP G 732 -14.38 -34.33 -2.26
CA ASP G 732 -15.00 -35.22 -1.29
C ASP G 732 -16.51 -35.00 -1.24
N PRO G 733 -17.28 -36.08 -1.46
CA PRO G 733 -18.75 -36.01 -1.47
C PRO G 733 -19.35 -35.97 -0.07
N GLY G 734 -18.52 -36.15 0.96
CA GLY G 734 -19.00 -36.07 2.33
C GLY G 734 -18.88 -37.38 3.07
N ALA G 735 -19.06 -37.33 4.39
CA ALA G 735 -18.93 -38.52 5.21
C ALA G 735 -20.11 -39.47 4.99
N PRO G 736 -19.88 -40.77 5.18
CA PRO G 736 -21.00 -41.73 5.18
C PRO G 736 -21.91 -41.38 6.33
N ASP G 737 -23.19 -41.73 6.23
CA ASP G 737 -24.11 -41.47 7.34
C ASP G 737 -24.04 -42.61 8.36
N CYS G 738 -24.21 -42.29 9.64
CA CYS G 738 -24.32 -43.34 10.65
C CYS G 738 -25.65 -43.19 11.37
N LYS G 739 -26.12 -44.29 11.98
CA LYS G 739 -27.40 -44.30 12.68
C LYS G 739 -27.34 -43.37 13.89
N TYR G 740 -26.15 -43.27 14.49
CA TYR G 740 -25.98 -42.48 15.71
C TYR G 740 -24.92 -41.39 15.55
N GLY G 741 -25.08 -40.30 16.30
CA GLY G 741 -24.03 -39.31 16.39
C GLY G 741 -24.00 -38.23 15.32
N GLU G 742 -23.18 -37.22 15.58
CA GLU G 742 -23.06 -36.08 14.71
C GLU G 742 -21.67 -36.05 14.02
N THR G 743 -21.67 -35.89 12.71
CA THR G 743 -20.43 -35.92 11.92
C THR G 743 -19.53 -34.72 12.20
N VAL G 744 -18.25 -34.99 12.42
CA VAL G 744 -17.28 -33.91 12.62
C VAL G 744 -16.17 -34.06 11.58
N TYR G 745 -16.00 -33.01 10.78
CA TYR G 745 -14.93 -32.97 9.79
C TYR G 745 -13.67 -32.44 10.46
N CYS G 746 -12.64 -33.27 10.49
CA CYS G 746 -11.45 -32.92 11.23
C CYS G 746 -10.21 -33.00 10.35
N HIS G 747 -9.41 -31.94 10.40
CA HIS G 747 -8.20 -31.87 9.62
C HIS G 747 -7.06 -32.38 10.51
N THR G 748 -7.21 -32.15 11.82
CA THR G 748 -6.28 -32.66 12.82
C THR G 748 -6.96 -33.76 13.63
N SER G 749 -6.17 -34.76 14.05
CA SER G 749 -6.75 -35.87 14.80
C SER G 749 -6.96 -35.56 16.28
N PRO G 750 -8.16 -35.88 16.78
CA PRO G 750 -8.46 -35.85 18.22
C PRO G 750 -7.90 -37.08 18.94
N PHE G 751 -7.28 -38.00 18.20
CA PHE G 751 -6.67 -39.19 18.83
C PHE G 751 -5.14 -39.18 18.74
N LEU G 752 -4.52 -40.25 19.20
CA LEU G 752 -3.07 -40.38 19.19
C LEU G 752 -2.54 -40.73 17.81
N GLY G 753 -3.38 -41.37 17.01
CA GLY G 753 -3.04 -41.63 15.62
C GLY G 753 -3.89 -40.73 14.74
N SER G 754 -3.54 -40.64 13.45
CA SER G 754 -4.30 -39.80 12.53
C SER G 754 -5.27 -40.61 11.70
N LEU G 755 -6.43 -40.03 11.41
CA LEU G 755 -7.36 -40.63 10.45
C LEU G 755 -6.72 -40.65 9.06
N HIS G 756 -7.03 -41.69 8.29
CA HIS G 756 -6.67 -41.74 6.87
C HIS G 756 -7.76 -41.05 6.06
N PRO G 757 -7.43 -40.60 4.83
CA PRO G 757 -8.44 -39.92 4.01
C PRO G 757 -9.60 -40.85 3.70
N GLY G 758 -10.83 -40.38 3.91
CA GLY G 758 -12.00 -41.21 3.65
C GLY G 758 -12.37 -42.11 4.81
N GLN G 759 -11.64 -42.00 5.92
CA GLN G 759 -11.91 -42.83 7.09
C GLN G 759 -12.90 -42.19 8.05
N LEU G 760 -13.93 -42.95 8.40
CA LEU G 760 -14.89 -42.54 9.42
C LEU G 760 -14.61 -43.30 10.72
N LEU G 761 -14.53 -42.59 11.83
CA LEU G 761 -14.36 -43.24 13.13
C LEU G 761 -15.35 -42.70 14.16
N GLN G 762 -16.21 -43.55 14.71
CA GLN G 762 -17.17 -43.06 15.70
C GLN G 762 -16.50 -42.97 17.08
N ALA G 763 -17.02 -42.09 17.93
CA ALA G 763 -16.42 -41.93 19.25
C ALA G 763 -17.38 -41.37 20.29
N PHE G 764 -17.15 -41.76 21.55
CA PHE G 764 -17.80 -41.13 22.68
C PHE G 764 -17.03 -39.87 22.99
N GLU G 765 -17.73 -38.81 23.36
CA GLU G 765 -17.08 -37.54 23.61
C GLU G 765 -17.81 -36.88 24.77
N ASN G 766 -17.10 -36.57 25.85
CA ASN G 766 -17.70 -35.87 26.98
C ASN G 766 -16.60 -35.19 27.77
N ASN G 767 -16.90 -34.73 28.98
CA ASN G 767 -15.89 -34.03 29.75
C ASN G 767 -14.91 -34.94 30.49
N LEU G 768 -15.22 -36.23 30.56
CA LEU G 768 -14.33 -37.17 31.25
C LEU G 768 -13.30 -37.74 30.31
N PHE G 769 -13.75 -38.12 29.12
CA PHE G 769 -12.91 -38.83 28.16
C PHE G 769 -13.49 -38.77 26.77
N ARG G 770 -12.64 -39.11 25.80
CA ARG G 770 -13.05 -39.36 24.44
C ARG G 770 -12.55 -40.78 24.18
N ALA G 771 -13.32 -41.55 23.42
CA ALA G 771 -12.91 -42.92 23.16
C ALA G 771 -13.52 -43.36 21.85
N PRO G 772 -12.71 -44.05 21.02
CA PRO G 772 -13.32 -44.58 19.80
C PRO G 772 -14.30 -45.64 20.19
N ILE G 773 -15.38 -45.74 19.42
CA ILE G 773 -16.34 -46.81 19.59
C ILE G 773 -16.59 -47.46 18.24
N TYR G 774 -17.08 -48.69 18.28
CA TYR G 774 -17.27 -49.50 17.07
C TYR G 774 -18.62 -50.19 17.12
N LEU G 775 -19.49 -49.90 16.17
CA LEU G 775 -20.85 -50.44 16.22
C LEU G 775 -20.89 -51.92 15.86
N HIS G 776 -21.51 -52.73 16.74
CA HIS G 776 -21.69 -54.15 16.48
C HIS G 776 -23.16 -54.55 16.58
N LYS G 777 -23.48 -55.80 16.26
CA LYS G 777 -24.84 -56.33 16.37
C LYS G 777 -24.96 -57.21 17.60
N MET G 778 -26.01 -57.00 18.39
CA MET G 778 -26.31 -57.85 19.53
C MET G 778 -26.60 -59.26 19.01
N PRO G 779 -26.04 -60.28 19.68
CA PRO G 779 -26.36 -61.65 19.28
C PRO G 779 -27.88 -61.90 19.29
N GLU G 780 -28.34 -62.75 18.39
CA GLU G 780 -29.75 -63.08 18.25
C GLU G 780 -30.34 -63.78 19.47
N THR G 781 -29.47 -64.23 20.37
CA THR G 781 -29.91 -64.98 21.54
C THR G 781 -30.27 -64.06 22.71
N ASP G 782 -29.90 -62.78 22.61
CA ASP G 782 -29.82 -61.91 23.78
C ASP G 782 -30.87 -60.80 23.85
N PHE G 783 -31.34 -60.55 25.06
CA PHE G 783 -32.34 -59.52 25.31
C PHE G 783 -31.90 -58.75 26.54
N LEU G 784 -32.44 -57.55 26.71
CA LEU G 784 -32.20 -56.78 27.91
C LEU G 784 -33.33 -57.00 28.91
N ILE G 785 -33.00 -57.41 30.13
CA ILE G 785 -33.99 -57.52 31.18
C ILE G 785 -33.81 -56.37 32.15
N ILE G 786 -34.88 -55.64 32.42
CA ILE G 786 -34.90 -54.61 33.45
C ILE G 786 -35.59 -55.20 34.67
N ARG G 787 -34.97 -55.05 35.84
CA ARG G 787 -35.51 -55.68 37.03
C ARG G 787 -35.74 -54.65 38.11
N THR G 788 -36.96 -54.62 38.64
CA THR G 788 -37.30 -53.76 39.76
C THR G 788 -37.95 -54.61 40.83
N ARG G 789 -38.14 -54.02 42.00
CA ARG G 789 -38.87 -54.65 43.10
C ARG G 789 -40.22 -55.18 42.62
N GLN G 790 -40.82 -54.47 41.65
CA GLN G 790 -42.19 -54.76 41.19
C GLN G 790 -42.35 -55.81 40.09
N GLY G 791 -41.29 -56.04 39.32
CA GLY G 791 -41.39 -56.96 38.20
C GLY G 791 -40.19 -56.92 37.26
N TYR G 792 -40.20 -57.81 36.27
CA TYR G 792 -39.21 -57.82 35.21
C TYR G 792 -39.84 -57.21 33.97
N TYR G 793 -39.02 -56.54 33.16
CA TYR G 793 -39.45 -56.05 31.86
C TYR G 793 -38.38 -56.45 30.85
N ILE G 794 -38.75 -56.58 29.59
CA ILE G 794 -37.82 -57.03 28.57
C ILE G 794 -37.84 -56.08 27.37
N ARG G 795 -36.65 -55.77 26.85
CA ARG G 795 -36.56 -54.99 25.63
C ARG G 795 -35.64 -55.70 24.64
N GLU G 796 -35.98 -55.59 23.36
CA GLU G 796 -35.06 -55.94 22.31
C GLU G 796 -34.02 -54.84 22.26
N LEU G 797 -32.78 -55.23 22.01
CA LEU G 797 -31.68 -54.28 21.90
C LEU G 797 -30.77 -54.81 20.80
N VAL G 798 -30.61 -54.07 19.71
CA VAL G 798 -29.80 -54.56 18.59
C VAL G 798 -28.44 -53.88 18.43
N ASP G 799 -28.32 -52.63 18.87
CA ASP G 799 -27.07 -51.89 18.68
C ASP G 799 -26.20 -51.91 19.93
N ILE G 800 -25.00 -52.49 19.80
CA ILE G 800 -24.06 -52.51 20.91
C ILE G 800 -22.71 -52.02 20.41
N PHE G 801 -22.15 -51.03 21.11
CA PHE G 801 -20.86 -50.50 20.71
C PHE G 801 -19.77 -51.15 21.57
N VAL G 802 -18.64 -51.50 20.93
CA VAL G 802 -17.40 -51.77 21.68
C VAL G 802 -16.71 -50.44 21.92
N VAL G 803 -16.31 -50.18 23.17
CA VAL G 803 -15.55 -48.98 23.48
C VAL G 803 -14.05 -49.32 23.55
N GLY G 804 -13.24 -48.57 22.80
CA GLY G 804 -11.80 -48.76 22.82
C GLY G 804 -11.21 -48.06 24.02
N GLN G 805 -9.88 -48.01 24.09
CA GLN G 805 -9.22 -47.34 25.21
C GLN G 805 -9.58 -45.86 25.28
N GLN G 806 -9.71 -45.34 26.49
CA GLN G 806 -10.05 -43.93 26.72
C GLN G 806 -8.88 -42.99 26.48
N CYS G 807 -9.20 -41.81 25.94
CA CYS G 807 -8.31 -40.65 26.01
C CYS G 807 -8.88 -39.74 27.09
N PRO G 808 -8.26 -39.78 28.29
CA PRO G 808 -8.82 -39.06 29.44
C PRO G 808 -8.72 -37.55 29.24
N LEU G 809 -9.80 -36.83 29.54
CA LEU G 809 -9.81 -35.38 29.39
C LEU G 809 -9.90 -34.71 30.75
N PHE G 810 -10.08 -35.54 31.77
CA PHE G 810 -10.22 -35.04 33.13
C PHE G 810 -9.16 -35.72 34.00
N GLU G 811 -8.44 -34.94 34.79
CA GLU G 811 -7.39 -35.51 35.62
C GLU G 811 -7.93 -36.15 36.92
N VAL G 812 -7.56 -37.39 37.15
CA VAL G 812 -7.91 -38.10 38.39
C VAL G 812 -6.89 -37.76 39.49
N PRO G 813 -7.38 -37.36 40.67
CA PRO G 813 -6.49 -36.93 41.77
C PRO G 813 -5.79 -38.12 42.40
N GLY G 814 -4.67 -37.87 43.08
CA GLY G 814 -3.98 -38.89 43.84
C GLY G 814 -4.55 -39.01 45.23
N PRO G 815 -4.38 -40.20 45.86
CA PRO G 815 -4.87 -40.41 47.23
C PRO G 815 -4.27 -39.38 48.19
N ASN G 816 -5.10 -38.79 49.04
CA ASN G 816 -4.69 -37.71 49.96
C ASN G 816 -3.98 -36.49 49.36
N SER G 817 -4.20 -36.23 48.08
CA SER G 817 -3.79 -34.98 47.46
C SER G 817 -4.68 -33.85 47.96
N LYS G 818 -4.24 -32.60 47.78
CA LYS G 818 -5.03 -31.46 48.25
C LYS G 818 -6.35 -31.42 47.50
N ARG G 819 -6.28 -31.76 46.22
CA ARG G 819 -7.44 -31.82 45.36
C ARG G 819 -8.47 -32.84 45.91
N ALA G 820 -8.04 -34.07 46.18
CA ALA G 820 -8.93 -35.09 46.76
C ALA G 820 -9.57 -34.63 48.07
N ASN G 821 -8.76 -34.05 48.95
CA ASN G 821 -9.26 -33.63 50.27
C ASN G 821 -10.21 -32.46 50.14
N THR G 822 -9.94 -31.58 49.18
CA THR G 822 -10.84 -30.48 48.94
C THR G 822 -12.16 -31.02 48.40
N HIS G 823 -12.10 -32.06 47.57
CA HIS G 823 -13.32 -32.61 46.99
C HIS G 823 -14.27 -33.23 48.01
N ILE G 824 -13.76 -34.07 48.91
CA ILE G 824 -14.64 -34.75 49.86
C ILE G 824 -15.26 -33.72 50.76
N ARG G 825 -14.44 -32.76 51.17
CA ARG G 825 -14.90 -31.64 51.97
C ARG G 825 -16.09 -30.93 51.29
N ASP G 826 -15.89 -30.49 50.05
CA ASP G 826 -16.94 -29.79 49.31
C ASP G 826 -18.20 -30.64 49.07
N PHE G 827 -18.01 -31.91 48.74
CA PHE G 827 -19.12 -32.86 48.55
C PHE G 827 -19.92 -33.04 49.83
N LEU G 828 -19.22 -33.17 50.95
CA LEU G 828 -19.86 -33.24 52.26
C LEU G 828 -20.66 -31.95 52.51
N GLN G 829 -20.06 -30.82 52.12
CA GLN G 829 -20.72 -29.53 52.34
C GLN G 829 -22.02 -29.46 51.53
N VAL G 830 -21.97 -29.97 50.30
CA VAL G 830 -23.13 -29.99 49.42
C VAL G 830 -24.25 -30.86 50.02
N PHE G 831 -23.87 -32.04 50.51
CA PHE G 831 -24.82 -32.98 51.09
C PHE G 831 -25.51 -32.31 52.28
N ILE G 832 -24.74 -31.58 53.09
CA ILE G 832 -25.30 -30.88 54.24
C ILE G 832 -26.33 -29.81 53.84
N TYR G 833 -25.96 -28.91 52.92
CA TYR G 833 -26.91 -27.90 52.42
C TYR G 833 -28.18 -28.55 51.91
N ARG G 834 -28.03 -29.63 51.13
CA ARG G 834 -29.21 -30.31 50.61
C ARG G 834 -30.05 -30.94 51.72
N LEU G 835 -29.43 -31.31 52.83
CA LEU G 835 -30.19 -31.84 53.97
C LEU G 835 -31.07 -30.73 54.54
N PHE G 836 -30.48 -29.57 54.79
CA PHE G 836 -31.28 -28.42 55.23
C PHE G 836 -32.41 -28.08 54.27
N TRP G 837 -32.14 -28.15 52.97
CA TRP G 837 -33.17 -27.83 51.98
C TRP G 837 -34.35 -28.82 52.01
N LYS G 838 -34.05 -30.06 52.40
CA LYS G 838 -35.06 -31.13 52.44
C LYS G 838 -35.91 -31.04 53.70
N SER G 839 -35.35 -30.44 54.74
CA SER G 839 -36.03 -30.31 56.02
C SER G 839 -37.30 -29.48 55.85
N LYS G 840 -38.40 -29.97 56.39
CA LYS G 840 -39.68 -29.25 56.30
C LYS G 840 -39.94 -28.45 57.57
N ASP G 841 -39.09 -28.65 58.58
CA ASP G 841 -39.17 -27.87 59.80
C ASP G 841 -38.76 -26.39 59.57
N ARG G 842 -39.41 -25.48 60.29
CA ARG G 842 -39.05 -24.05 60.28
C ARG G 842 -38.83 -23.56 61.71
N PRO G 843 -37.58 -23.23 62.08
CA PRO G 843 -36.36 -23.19 61.26
C PRO G 843 -35.85 -24.59 60.87
N ARG G 844 -35.23 -24.68 59.69
CA ARG G 844 -34.73 -25.93 59.17
C ARG G 844 -33.74 -26.55 60.13
N ARG G 845 -33.71 -27.87 60.17
CA ARG G 845 -32.84 -28.57 61.10
C ARG G 845 -32.52 -29.96 60.58
N ILE G 846 -31.33 -30.46 60.90
CA ILE G 846 -30.91 -31.77 60.44
C ILE G 846 -30.30 -32.58 61.59
N ARG G 847 -30.19 -33.89 61.40
CA ARG G 847 -29.58 -34.71 62.44
C ARG G 847 -28.20 -35.24 62.05
N MET G 848 -27.27 -35.08 62.98
CA MET G 848 -25.89 -35.59 62.86
C MET G 848 -25.87 -37.02 62.37
N GLU G 849 -26.77 -37.83 62.94
CA GLU G 849 -26.91 -39.23 62.63
C GLU G 849 -27.12 -39.49 61.14
N ASP G 850 -27.84 -38.60 60.46
CA ASP G 850 -28.10 -38.78 59.04
C ASP G 850 -26.85 -38.49 58.23
N ILE G 851 -26.04 -37.54 58.68
CA ILE G 851 -24.80 -37.23 58.00
C ILE G 851 -23.79 -38.36 58.24
N LYS G 852 -23.68 -38.81 59.49
CA LYS G 852 -22.74 -39.88 59.84
C LYS G 852 -23.04 -41.18 59.09
N LYS G 853 -24.32 -41.49 58.93
CA LYS G 853 -24.73 -42.66 58.15
C LYS G 853 -24.31 -42.56 56.68
N ALA G 854 -24.33 -41.35 56.11
CA ALA G 854 -23.91 -41.16 54.71
C ALA G 854 -22.40 -41.08 54.59
N PHE G 855 -21.74 -40.58 55.63
CA PHE G 855 -20.28 -40.50 55.64
C PHE G 855 -19.64 -41.22 56.84
N PRO G 856 -19.80 -42.55 56.91
CA PRO G 856 -19.37 -43.31 58.10
C PRO G 856 -17.88 -43.28 58.37
N SER G 857 -17.07 -42.79 57.43
CA SER G 857 -15.62 -42.73 57.66
C SER G 857 -15.18 -41.35 58.12
N HIS G 858 -16.15 -40.44 58.27
CA HIS G 858 -15.85 -39.13 58.85
C HIS G 858 -16.03 -39.16 60.37
N SER G 859 -15.13 -38.52 61.10
CA SER G 859 -15.32 -38.32 62.54
C SER G 859 -16.40 -37.28 62.76
N GLU G 860 -17.12 -37.41 63.87
CA GLU G 860 -18.13 -36.44 64.25
C GLU G 860 -17.52 -35.03 64.32
N SER G 861 -16.27 -34.96 64.74
CA SER G 861 -15.57 -33.68 64.89
C SER G 861 -15.36 -32.99 63.56
N SER G 862 -15.06 -33.76 62.51
CA SER G 862 -14.84 -33.17 61.21
C SER G 862 -16.18 -32.75 60.58
N ILE G 863 -17.25 -33.46 60.93
CA ILE G 863 -18.58 -33.04 60.48
C ILE G 863 -19.03 -31.76 61.18
N ARG G 864 -18.73 -31.64 62.47
CA ARG G 864 -19.03 -30.42 63.22
C ARG G 864 -18.35 -29.17 62.62
N LYS G 865 -17.21 -29.38 61.94
CA LYS G 865 -16.54 -28.29 61.22
C LYS G 865 -17.42 -27.72 60.11
N ARG G 866 -18.00 -28.61 59.32
CA ARG G 866 -18.82 -28.22 58.18
C ARG G 866 -20.12 -27.54 58.65
N LEU G 867 -20.50 -27.80 59.90
CA LEU G 867 -21.79 -27.36 60.46
C LEU G 867 -21.68 -26.10 61.30
N LYS G 868 -20.48 -25.74 61.71
CA LYS G 868 -20.34 -24.70 62.73
C LYS G 868 -20.64 -23.31 62.18
N LEU G 869 -20.41 -23.11 60.89
CA LEU G 869 -20.73 -21.82 60.28
C LEU G 869 -22.20 -21.63 59.89
N CYS G 870 -22.94 -22.71 59.66
CA CYS G 870 -24.32 -22.50 59.22
C CYS G 870 -25.36 -22.89 60.25
N ALA G 871 -24.96 -23.57 61.33
CA ALA G 871 -25.97 -24.14 62.24
C ALA G 871 -25.59 -24.16 63.73
N ASP G 872 -26.62 -24.30 64.56
CA ASP G 872 -26.44 -24.32 66.02
C ASP G 872 -26.88 -25.64 66.61
N PHE G 873 -26.06 -26.18 67.50
CA PHE G 873 -26.39 -27.43 68.17
C PHE G 873 -27.47 -27.20 69.22
N LYS G 874 -28.58 -27.92 69.10
CA LYS G 874 -29.66 -27.81 70.09
C LYS G 874 -29.76 -29.10 70.89
N ARG G 875 -29.42 -29.04 72.19
CA ARG G 875 -29.40 -30.23 73.03
C ARG G 875 -30.75 -30.53 73.70
N THR G 876 -31.13 -31.80 73.67
CA THR G 876 -32.41 -32.26 74.21
C THR G 876 -32.13 -33.44 75.13
N GLY G 877 -33.06 -33.73 76.04
CA GLY G 877 -32.89 -34.85 76.93
C GLY G 877 -33.21 -36.16 76.24
N MET G 878 -32.33 -36.58 75.34
CA MET G 878 -32.45 -37.81 74.56
C MET G 878 -31.23 -37.89 73.66
N ASP G 879 -30.70 -39.09 73.43
CA ASP G 879 -29.59 -39.21 72.47
C ASP G 879 -30.10 -39.13 71.03
N SER G 880 -30.68 -37.96 70.73
CA SER G 880 -30.87 -37.47 69.38
C SER G 880 -31.02 -35.97 69.54
N ASN G 881 -30.10 -35.23 68.94
CA ASN G 881 -30.11 -33.79 69.01
C ASN G 881 -30.05 -33.22 67.61
N TRP G 882 -30.40 -31.94 67.50
CA TRP G 882 -30.59 -31.35 66.20
C TRP G 882 -29.58 -30.25 65.94
N TRP G 883 -29.23 -30.08 64.68
CA TRP G 883 -28.50 -28.90 64.26
C TRP G 883 -29.49 -28.02 63.52
N VAL G 884 -29.71 -26.82 64.05
CA VAL G 884 -30.74 -25.92 63.56
C VAL G 884 -30.08 -24.78 62.78
N LEU G 885 -30.58 -24.53 61.58
CA LEU G 885 -29.99 -23.51 60.71
C LEU G 885 -30.03 -22.13 61.37
N LYS G 886 -28.88 -21.45 61.45
CA LYS G 886 -28.81 -20.09 62.00
C LYS G 886 -29.73 -19.14 61.24
N SER G 887 -30.48 -18.32 61.98
CA SER G 887 -31.44 -17.39 61.37
C SER G 887 -30.82 -16.33 60.47
N ASP G 888 -29.55 -15.99 60.68
CA ASP G 888 -28.88 -15.04 59.80
C ASP G 888 -28.00 -15.71 58.72
N PHE G 889 -28.11 -17.04 58.59
CA PHE G 889 -27.40 -17.73 57.52
C PHE G 889 -28.32 -17.96 56.33
N ARG G 890 -27.89 -17.50 55.15
CA ARG G 890 -28.67 -17.63 53.94
C ARG G 890 -28.30 -18.91 53.22
N LEU G 891 -29.26 -19.80 53.04
CA LEU G 891 -28.97 -21.09 52.42
C LEU G 891 -28.68 -20.88 50.93
N PRO G 892 -27.62 -21.51 50.41
CA PRO G 892 -27.27 -21.33 49.00
C PRO G 892 -28.37 -21.79 48.06
N THR G 893 -28.54 -21.09 46.95
CA THR G 893 -29.54 -21.51 45.96
C THR G 893 -29.15 -22.83 45.29
N GLU G 894 -30.14 -23.46 44.65
CA GLU G 894 -29.92 -24.64 43.81
C GLU G 894 -28.75 -24.39 42.85
N GLU G 895 -28.77 -23.22 42.20
CA GLU G 895 -27.75 -22.90 41.20
C GLU G 895 -26.37 -22.81 41.84
N GLU G 896 -26.30 -22.25 43.05
CA GLU G 896 -25.03 -22.05 43.73
C GLU G 896 -24.46 -23.36 44.24
N ILE G 897 -25.34 -24.26 44.68
CA ILE G 897 -24.93 -25.55 45.19
C ILE G 897 -24.31 -26.37 44.07
N ARG G 898 -24.97 -26.38 42.91
CA ARG G 898 -24.49 -27.10 41.74
C ARG G 898 -23.09 -26.65 41.34
N ALA G 899 -22.84 -25.35 41.43
CA ALA G 899 -21.54 -24.79 41.06
C ALA G 899 -20.44 -25.24 42.01
N MET G 900 -20.79 -25.73 43.19
CA MET G 900 -19.79 -26.14 44.17
C MET G 900 -19.02 -27.39 43.74
N VAL G 901 -19.73 -28.37 43.21
CA VAL G 901 -19.14 -29.67 42.88
C VAL G 901 -19.86 -30.21 41.66
N SER G 902 -19.10 -30.66 40.66
CA SER G 902 -19.73 -31.16 39.44
C SER G 902 -19.75 -32.70 39.40
N PRO G 903 -20.61 -33.28 38.54
CA PRO G 903 -20.60 -34.74 38.43
C PRO G 903 -19.22 -35.27 38.00
N GLU G 904 -18.52 -34.52 37.14
CA GLU G 904 -17.19 -34.92 36.68
C GLU G 904 -16.21 -35.04 37.85
N GLN G 905 -16.22 -34.07 38.75
CA GLN G 905 -15.34 -34.11 39.91
C GLN G 905 -15.62 -35.33 40.81
N CYS G 906 -16.90 -35.69 40.94
CA CYS G 906 -17.22 -36.91 41.68
C CYS G 906 -16.67 -38.15 40.98
N CYS G 907 -16.79 -38.18 39.64
CA CYS G 907 -16.26 -39.29 38.83
C CYS G 907 -14.75 -39.45 38.96
N ALA G 908 -14.02 -38.34 38.89
CA ALA G 908 -12.57 -38.34 39.15
C ALA G 908 -12.25 -38.93 40.53
N TYR G 909 -12.98 -38.49 41.55
CA TYR G 909 -12.72 -38.95 42.90
C TYR G 909 -13.02 -40.44 43.07
N TYR G 910 -14.18 -40.87 42.56
CA TYR G 910 -14.56 -42.27 42.59
C TYR G 910 -13.46 -43.13 41.95
N SER G 911 -12.92 -42.64 40.83
CA SER G 911 -11.88 -43.39 40.12
C SER G 911 -10.67 -43.66 41.01
N MET G 912 -10.29 -42.63 41.77
CA MET G 912 -9.15 -42.71 42.67
C MET G 912 -9.36 -43.74 43.77
N ILE G 913 -10.46 -43.60 44.53
CA ILE G 913 -10.66 -44.49 45.66
C ILE G 913 -10.84 -45.94 45.22
N ALA G 914 -11.48 -46.16 44.07
CA ALA G 914 -11.62 -47.53 43.57
C ALA G 914 -10.24 -48.11 43.22
N ALA G 915 -9.44 -47.34 42.51
CA ALA G 915 -8.09 -47.77 42.16
C ALA G 915 -7.25 -48.00 43.42
N GLU G 916 -7.44 -47.14 44.41
CA GLU G 916 -6.69 -47.22 45.65
C GLU G 916 -7.04 -48.53 46.32
N GLN G 917 -8.33 -48.88 46.29
CA GLN G 917 -8.74 -50.13 46.90
C GLN G 917 -8.11 -51.34 46.19
N ARG G 918 -8.11 -51.33 44.84
CA ARG G 918 -7.54 -52.44 44.08
C ARG G 918 -6.03 -52.59 44.34
N LEU G 919 -5.37 -51.46 44.55
CA LEU G 919 -3.94 -51.47 44.86
C LEU G 919 -3.67 -52.10 46.24
N LYS G 920 -4.44 -51.70 47.25
CA LYS G 920 -4.32 -52.28 48.60
C LYS G 920 -4.50 -53.78 48.52
N ASP G 921 -5.60 -54.22 47.88
CA ASP G 921 -5.86 -55.64 47.67
C ASP G 921 -4.68 -56.41 47.03
N ALA G 922 -3.90 -55.74 46.19
CA ALA G 922 -2.78 -56.40 45.52
C ALA G 922 -1.49 -56.26 46.33
N GLY G 923 -1.60 -55.74 47.55
CA GLY G 923 -0.45 -55.66 48.44
C GLY G 923 0.33 -54.36 48.40
N TYR G 924 -0.11 -53.40 47.60
CA TYR G 924 0.59 -52.12 47.51
C TYR G 924 0.12 -51.12 48.58
N GLY G 925 1.02 -50.77 49.48
CA GLY G 925 0.67 -49.87 50.57
C GLY G 925 0.62 -48.42 50.16
N GLU G 926 0.16 -47.58 51.07
CA GLU G 926 0.03 -46.15 50.83
C GLU G 926 1.38 -45.49 50.58
N LYS G 927 2.44 -46.14 51.09
CA LYS G 927 3.81 -45.64 50.91
C LYS G 927 4.30 -45.85 49.46
N SER G 928 3.60 -46.68 48.71
CA SER G 928 3.92 -46.93 47.30
C SER G 928 3.31 -45.85 46.38
N PHE G 929 2.35 -45.10 46.91
CA PHE G 929 1.69 -44.02 46.18
C PHE G 929 1.31 -42.82 47.06
N LYS G 943 11.30 -44.93 40.21
CA LYS G 943 11.27 -45.18 41.65
C LYS G 943 9.95 -45.88 42.01
N ILE G 944 9.12 -46.09 40.99
CA ILE G 944 7.72 -46.47 41.17
C ILE G 944 7.36 -47.85 40.59
N ASP G 945 6.62 -48.65 41.35
CA ASP G 945 6.23 -50.00 40.92
C ASP G 945 5.38 -49.98 39.65
N ASP G 946 5.47 -51.05 38.85
CA ASP G 946 4.74 -51.18 37.59
C ASP G 946 3.24 -51.01 37.81
N GLU G 947 2.74 -51.65 38.86
CA GLU G 947 1.30 -51.67 39.10
C GLU G 947 0.80 -50.27 39.46
N VAL G 948 1.62 -49.52 40.19
CA VAL G 948 1.29 -48.13 40.56
C VAL G 948 1.24 -47.24 39.31
N ARG G 949 2.00 -47.59 38.27
CA ARG G 949 1.98 -46.82 37.02
C ARG G 949 0.66 -46.91 36.30
N THR G 950 -0.08 -47.99 36.56
CA THR G 950 -1.37 -48.20 35.93
C THR G 950 -2.49 -47.41 36.62
N ALA G 951 -2.18 -46.81 37.77
CA ALA G 951 -3.19 -46.08 38.51
C ALA G 951 -3.65 -44.83 37.75
N PRO G 952 -4.95 -44.53 37.84
CA PRO G 952 -5.56 -43.46 37.03
C PRO G 952 -5.00 -42.08 37.34
N TRP G 953 -4.50 -41.85 38.54
CA TRP G 953 -3.84 -40.57 38.81
C TRP G 953 -2.54 -40.44 38.02
N ASN G 954 -1.90 -41.56 37.70
CA ASN G 954 -0.67 -41.49 36.91
C ASN G 954 -0.93 -41.49 35.40
N THR G 955 -1.80 -42.38 34.95
CA THR G 955 -2.13 -42.45 33.52
C THR G 955 -2.85 -41.20 33.00
N THR G 956 -3.80 -40.67 33.76
CA THR G 956 -4.50 -39.46 33.29
C THR G 956 -3.55 -38.27 33.28
N ARG G 957 -2.75 -38.14 34.34
CA ARG G 957 -1.77 -37.06 34.43
C ARG G 957 -0.81 -37.10 33.25
N ALA G 958 -0.32 -38.31 32.95
CA ALA G 958 0.63 -38.47 31.87
C ALA G 958 0.00 -38.11 30.52
N PHE G 959 -1.21 -38.63 30.26
CA PHE G 959 -1.89 -38.38 29.00
C PHE G 959 -2.19 -36.90 28.79
N ILE G 960 -2.71 -36.25 29.83
CA ILE G 960 -3.08 -34.84 29.71
C ILE G 960 -1.86 -33.94 29.49
N ALA G 961 -0.78 -34.18 30.23
CA ALA G 961 0.47 -33.47 30.03
C ALA G 961 0.93 -33.60 28.58
N ALA G 962 0.84 -34.79 28.02
CA ALA G 962 1.29 -35.02 26.65
C ALA G 962 0.39 -34.30 25.65
N MET G 963 -0.90 -34.23 25.96
CA MET G 963 -1.87 -33.52 25.13
C MET G 963 -1.51 -32.02 25.06
N LYS G 964 -0.98 -31.49 26.16
CA LYS G 964 -0.60 -30.08 26.22
C LYS G 964 0.82 -29.84 25.70
N GLY G 965 1.46 -30.89 25.20
CA GLY G 965 2.81 -30.78 24.65
C GLY G 965 3.89 -30.68 25.69
N LYS G 966 3.57 -30.97 26.94
CA LYS G 966 4.57 -30.91 28.01
C LYS G 966 5.56 -32.11 28.01
N CYS G 967 5.22 -33.18 27.31
CA CYS G 967 6.03 -34.39 27.25
C CYS G 967 5.52 -35.34 26.17
N LEU G 968 6.17 -36.50 26.04
CA LEU G 968 5.65 -37.56 25.18
C LEU G 968 5.18 -38.74 26.04
N LEU G 969 4.62 -39.76 25.39
CA LEU G 969 4.22 -40.97 26.10
C LEU G 969 5.06 -42.17 25.68
N GLU G 970 5.31 -43.05 26.64
CA GLU G 970 5.95 -44.34 26.40
C GLU G 970 5.28 -45.10 25.24
N VAL G 971 3.95 -45.16 25.28
CA VAL G 971 3.13 -45.87 24.28
C VAL G 971 3.24 -47.40 24.37
N THR G 972 4.46 -47.91 24.24
CA THR G 972 4.75 -49.32 24.44
C THR G 972 5.29 -49.42 25.86
N GLY G 973 4.59 -50.17 26.72
CA GLY G 973 4.99 -50.24 28.12
C GLY G 973 4.01 -50.96 29.02
N VAL G 974 4.31 -50.94 30.31
CA VAL G 974 3.63 -51.76 31.29
C VAL G 974 2.20 -51.31 31.58
N ALA G 975 1.87 -50.08 31.21
CA ALA G 975 0.54 -49.55 31.47
C ALA G 975 -0.44 -49.78 30.32
N ASP G 976 -0.04 -50.54 29.30
CA ASP G 976 -0.95 -50.98 28.22
C ASP G 976 -2.06 -51.85 28.83
N PRO G 977 -3.30 -51.34 28.84
CA PRO G 977 -4.38 -52.03 29.55
C PRO G 977 -4.79 -53.34 28.91
N THR G 978 -4.46 -53.56 27.64
CA THR G 978 -4.81 -54.85 27.00
C THR G 978 -3.81 -55.97 27.31
N GLY G 979 -2.62 -55.61 27.79
CA GLY G 979 -1.56 -56.59 28.02
C GLY G 979 -1.00 -57.25 26.77
N CYS G 980 -1.52 -56.89 25.59
CA CYS G 980 -1.11 -57.58 24.36
C CYS G 980 -0.77 -56.67 23.18
N GLY G 981 -0.52 -55.39 23.43
CA GLY G 981 -0.02 -54.50 22.40
C GLY G 981 -1.10 -53.81 21.57
N GLU G 982 -2.34 -53.93 21.99
CA GLU G 982 -3.42 -53.29 21.26
C GLU G 982 -3.96 -52.11 22.02
N GLY G 983 -3.15 -51.58 22.93
CA GLY G 983 -3.55 -50.43 23.71
C GLY G 983 -2.30 -49.61 24.02
N PHE G 984 -2.49 -48.42 24.57
CA PHE G 984 -1.39 -47.49 24.78
C PHE G 984 -0.98 -47.45 26.24
N SER G 985 0.33 -47.37 26.47
CA SER G 985 0.88 -47.20 27.82
C SER G 985 1.05 -45.71 28.11
N TYR G 986 0.20 -45.16 28.97
CA TYR G 986 0.27 -43.73 29.32
C TYR G 986 1.31 -43.49 30.42
N VAL G 987 2.57 -43.37 30.02
CA VAL G 987 3.67 -43.08 30.95
C VAL G 987 4.55 -41.98 30.33
N LYS G 988 4.83 -40.93 31.09
CA LYS G 988 5.59 -39.78 30.58
C LYS G 988 7.00 -40.15 30.15
N ILE G 989 7.38 -39.74 28.94
CA ILE G 989 8.78 -39.66 28.55
C ILE G 989 9.06 -38.22 28.08
N PRO G 990 10.29 -37.72 28.30
CA PRO G 990 10.60 -36.33 27.95
C PRO G 990 10.50 -36.02 26.45
N ASN G 991 10.39 -34.74 26.11
CA ASN G 991 10.39 -34.32 24.71
C ASN G 991 11.76 -34.50 24.01
N LYS G 992 12.81 -34.69 24.81
CA LYS G 992 14.17 -35.01 24.31
C LYS G 992 14.20 -36.03 23.18
N SER G 1075 17.62 -35.59 14.69
CA SER G 1075 17.54 -36.67 15.67
C SER G 1075 16.45 -36.40 16.70
N VAL G 1076 16.02 -35.14 16.79
CA VAL G 1076 14.89 -34.79 17.65
C VAL G 1076 13.66 -34.65 16.75
N ALA G 1077 13.91 -34.68 15.45
CA ALA G 1077 12.85 -34.81 14.46
C ALA G 1077 12.58 -36.30 14.27
N GLU G 1078 13.60 -37.12 14.51
CA GLU G 1078 13.43 -38.57 14.45
C GLU G 1078 12.76 -39.07 15.73
N HIS G 1079 13.06 -38.42 16.84
CA HIS G 1079 12.49 -38.78 18.13
C HIS G 1079 10.96 -38.62 18.12
N GLN G 1080 10.48 -37.50 17.56
CA GLN G 1080 9.05 -37.29 17.50
C GLN G 1080 8.38 -38.07 16.38
N GLU G 1081 9.09 -38.30 15.29
CA GLU G 1081 8.54 -39.10 14.20
C GLU G 1081 8.37 -40.56 14.63
N ARG G 1082 9.24 -41.04 15.50
CA ARG G 1082 9.12 -42.41 16.01
C ARG G 1082 7.95 -42.54 16.98
N TYR G 1083 7.73 -41.50 17.78
CA TYR G 1083 6.58 -41.46 18.65
C TYR G 1083 5.29 -41.51 17.82
N LYS G 1084 5.18 -40.67 16.79
CA LYS G 1084 3.99 -40.64 15.93
C LYS G 1084 3.77 -41.95 15.19
N GLU G 1085 4.87 -42.53 14.69
CA GLU G 1085 4.82 -43.81 14.00
C GLU G 1085 4.21 -44.90 14.88
N GLU G 1086 4.74 -45.00 16.11
CA GLU G 1086 4.26 -46.00 17.05
C GLU G 1086 2.81 -45.76 17.47
N CYS G 1087 2.48 -44.51 17.78
CA CYS G 1087 1.09 -44.14 18.04
C CYS G 1087 0.19 -44.58 16.92
N GLN G 1088 0.59 -44.24 15.70
CA GLN G 1088 -0.18 -44.55 14.51
C GLN G 1088 -0.42 -46.06 14.38
N ARG G 1089 0.63 -46.84 14.56
CA ARG G 1089 0.51 -48.30 14.43
C ARG G 1089 -0.52 -48.88 15.42
N ILE G 1090 -0.46 -48.46 16.68
CA ILE G 1090 -1.35 -48.99 17.70
C ILE G 1090 -2.77 -48.48 17.48
N PHE G 1091 -2.88 -47.21 17.10
CA PHE G 1091 -4.16 -46.62 16.74
C PHE G 1091 -4.85 -47.44 15.65
N ASP G 1092 -4.11 -47.79 14.61
CA ASP G 1092 -4.69 -48.57 13.50
C ASP G 1092 -5.01 -50.00 13.92
N LEU G 1093 -4.13 -50.59 14.72
CA LEU G 1093 -4.34 -51.94 15.24
C LEU G 1093 -5.65 -52.04 16.04
N GLN G 1094 -5.82 -51.13 17.00
CA GLN G 1094 -7.05 -51.10 17.80
C GLN G 1094 -8.30 -50.98 16.94
N ASN G 1095 -8.33 -50.02 16.03
CA ASN G 1095 -9.49 -49.85 15.13
C ASN G 1095 -9.82 -51.10 14.34
N LYS G 1096 -8.78 -51.77 13.87
CA LYS G 1096 -8.97 -52.96 13.03
C LYS G 1096 -9.50 -54.15 13.85
N VAL G 1097 -8.92 -54.38 15.03
CA VAL G 1097 -9.35 -55.49 15.89
C VAL G 1097 -10.73 -55.30 16.51
N LEU G 1098 -11.02 -54.08 16.95
CA LEU G 1098 -12.27 -53.85 17.63
C LEU G 1098 -13.46 -53.67 16.66
N SER G 1099 -13.18 -53.34 15.39
CA SER G 1099 -14.25 -53.24 14.39
C SER G 1099 -14.52 -54.56 13.68
N SER G 1100 -13.61 -55.51 13.85
CA SER G 1100 -13.69 -56.78 13.11
C SER G 1100 -14.83 -57.70 13.56
N THR G 1101 -15.51 -58.30 12.60
CA THR G 1101 -16.58 -59.25 12.90
C THR G 1101 -16.13 -60.71 12.84
N GLU G 1102 -14.82 -60.93 12.76
CA GLU G 1102 -14.27 -62.27 12.77
C GLU G 1102 -14.76 -63.06 13.99
N VAL G 1103 -15.10 -64.33 13.78
CA VAL G 1103 -15.44 -65.22 14.89
C VAL G 1103 -14.20 -65.98 15.38
N LEU G 1104 -13.80 -65.71 16.62
CA LEU G 1104 -12.82 -66.52 17.37
C LEU G 1104 -13.78 -67.31 18.27
N SEP G 1105 -13.68 -68.61 18.54
CA SEP G 1105 -12.54 -69.52 18.76
CB SEP G 1105 -11.37 -69.47 17.76
OG SEP G 1105 -10.57 -70.64 17.91
C SEP G 1105 -12.13 -69.39 20.22
O SEP G 1105 -11.28 -68.59 20.59
P SEP G 1105 -10.13 -71.39 16.53
O1P SEP G 1105 -11.26 -71.27 15.37
O2P SEP G 1105 -8.74 -70.79 15.98
O3P SEP G 1105 -9.93 -72.96 16.85
N TPO G 1106 -12.81 -70.17 21.06
CA TPO G 1106 -12.58 -70.17 22.49
CB TPO G 1106 -13.65 -70.99 23.19
CG2 TPO G 1106 -13.39 -71.08 24.70
OG1 TPO G 1106 -14.89 -70.31 22.96
P TPO G 1106 -16.07 -71.39 22.82
O1P TPO G 1106 -16.47 -71.81 24.19
O2P TPO G 1106 -17.33 -70.72 22.07
O3P TPO G 1106 -15.56 -72.65 21.96
C TPO G 1106 -11.18 -70.69 22.84
O TPO G 1106 -10.77 -71.74 22.35
N ASP G 1107 -10.47 -69.95 23.68
CA ASP G 1107 -9.15 -70.38 24.15
C ASP G 1107 -9.34 -71.44 25.24
N THR G 1108 -8.88 -72.66 24.96
CA THR G 1108 -9.14 -73.82 25.85
C THR G 1108 -8.37 -73.80 27.19
N ASP G 1109 -7.33 -72.97 27.28
CA ASP G 1109 -6.48 -72.88 28.48
C ASP G 1109 -7.24 -72.50 29.75
N GLU H 11 -34.03 -45.99 44.23
CA GLU H 11 -32.99 -47.02 44.08
C GLU H 11 -32.63 -47.24 42.61
N LEU H 12 -31.37 -47.55 42.35
CA LEU H 12 -30.93 -47.74 40.97
C LEU H 12 -31.63 -48.94 40.34
N GLU H 13 -32.04 -48.76 39.10
CA GLU H 13 -32.66 -49.80 38.30
C GLU H 13 -31.63 -50.91 38.04
N SER H 14 -32.04 -52.16 38.21
CA SER H 14 -31.14 -53.27 37.95
C SER H 14 -31.37 -53.73 36.50
N GLN H 15 -30.28 -54.00 35.77
CA GLN H 15 -30.38 -54.50 34.40
C GLN H 15 -29.40 -55.64 34.16
N PHE H 16 -29.81 -56.60 33.34
CA PHE H 16 -28.93 -57.72 32.99
C PHE H 16 -29.33 -58.35 31.65
N ILE H 17 -28.43 -59.16 31.10
CA ILE H 17 -28.69 -59.78 29.80
C ILE H 17 -29.32 -61.16 29.98
N LEU H 18 -30.39 -61.44 29.23
CA LEU H 18 -30.95 -62.78 29.16
C LEU H 18 -30.49 -63.42 27.86
N ARG H 19 -29.87 -64.59 27.95
CA ARG H 19 -29.44 -65.31 26.76
C ARG H 19 -30.23 -66.61 26.65
N LEU H 20 -30.87 -66.82 25.51
CA LEU H 20 -31.67 -68.03 25.30
C LEU H 20 -31.06 -68.89 24.20
N PRO H 21 -31.34 -70.20 24.22
CA PRO H 21 -30.95 -71.00 23.06
C PRO H 21 -31.70 -70.47 21.84
N PRO H 22 -31.06 -70.48 20.66
CA PRO H 22 -31.54 -69.79 19.45
C PRO H 22 -32.99 -70.10 19.07
N GLU H 23 -33.42 -71.37 19.15
CA GLU H 23 -34.80 -71.73 18.88
C GLU H 23 -35.79 -70.99 19.79
N TYR H 24 -35.44 -70.85 21.07
CA TYR H 24 -36.31 -70.21 22.03
C TYR H 24 -36.23 -68.69 21.90
N ALA H 25 -35.04 -68.22 21.57
CA ALA H 25 -34.82 -66.78 21.38
C ALA H 25 -35.69 -66.25 20.26
N SER H 26 -35.87 -67.07 19.22
CA SER H 26 -36.69 -66.66 18.08
C SER H 26 -38.15 -66.49 18.48
N THR H 27 -38.65 -67.45 19.25
CA THR H 27 -40.02 -67.43 19.73
C THR H 27 -40.25 -66.16 20.53
N VAL H 28 -39.38 -65.93 21.50
CA VAL H 28 -39.46 -64.76 22.36
C VAL H 28 -39.32 -63.42 21.60
N ARG H 29 -38.37 -63.35 20.66
CA ARG H 29 -38.18 -62.11 19.90
C ARG H 29 -39.45 -61.67 19.13
N ARG H 30 -40.10 -62.62 18.47
CA ARG H 30 -41.36 -62.33 17.79
C ARG H 30 -42.40 -61.80 18.78
N ALA H 31 -42.44 -62.39 19.97
CA ALA H 31 -43.37 -61.94 21.02
C ALA H 31 -43.06 -60.51 21.49
N VAL H 32 -41.77 -60.20 21.71
CA VAL H 32 -41.37 -58.85 22.10
C VAL H 32 -41.82 -57.86 21.02
N GLN H 33 -41.55 -58.21 19.77
CA GLN H 33 -41.90 -57.36 18.62
C GLN H 33 -43.40 -57.16 18.41
N SER H 34 -44.22 -58.16 18.72
CA SER H 34 -45.68 -58.01 18.55
C SER H 34 -46.21 -57.09 19.65
N GLY H 35 -45.52 -57.08 20.79
CA GLY H 35 -45.91 -56.25 21.92
C GLY H 35 -47.10 -56.77 22.71
N HIS H 36 -47.58 -57.97 22.38
CA HIS H 36 -48.72 -58.53 23.10
C HIS H 36 -48.50 -58.64 24.61
N VAL H 37 -49.52 -58.26 25.37
CA VAL H 37 -49.48 -58.32 26.83
C VAL H 37 -49.17 -59.74 27.34
N ASN H 38 -49.62 -60.77 26.64
CA ASN H 38 -49.45 -62.14 27.16
C ASN H 38 -48.01 -62.65 27.22
N LEU H 39 -47.06 -61.85 26.72
CA LEU H 39 -45.64 -62.13 26.90
C LEU H 39 -45.36 -62.36 28.39
N LYS H 40 -46.13 -61.69 29.25
CA LYS H 40 -45.95 -61.84 30.69
C LYS H 40 -46.22 -63.26 31.19
N ASP H 41 -47.06 -64.01 30.49
CA ASP H 41 -47.25 -65.43 30.85
C ASP H 41 -46.30 -66.32 30.06
N ARG H 42 -46.02 -65.92 28.81
CA ARG H 42 -45.21 -66.74 27.90
C ARG H 42 -43.73 -66.79 28.27
N LEU H 43 -43.27 -65.83 29.09
CA LEU H 43 -41.87 -65.76 29.52
C LEU H 43 -41.80 -65.39 31.00
N THR H 44 -41.29 -66.31 31.81
CA THR H 44 -41.13 -66.06 33.23
C THR H 44 -39.74 -66.47 33.68
N ILE H 45 -39.28 -65.87 34.77
CA ILE H 45 -37.97 -66.12 35.31
C ILE H 45 -38.10 -66.50 36.78
N GLU H 46 -37.47 -67.58 37.16
CA GLU H 46 -37.43 -67.96 38.56
C GLU H 46 -35.98 -68.08 38.96
N LEU H 47 -35.59 -67.39 40.04
CA LEU H 47 -34.25 -67.49 40.55
C LEU H 47 -34.27 -68.30 41.83
N HIS H 48 -33.38 -69.29 41.94
CA HIS H 48 -33.31 -70.12 43.12
C HIS H 48 -32.62 -69.39 44.27
N PRO H 49 -32.82 -69.86 45.52
CA PRO H 49 -32.25 -69.20 46.71
C PRO H 49 -30.73 -68.98 46.65
N ASP H 50 -29.96 -69.82 45.95
CA ASP H 50 -28.50 -69.65 45.92
C ASP H 50 -28.00 -68.42 45.12
N GLY H 51 -28.91 -67.75 44.43
CA GLY H 51 -28.55 -66.55 43.67
C GLY H 51 -27.75 -66.81 42.38
N ARG H 52 -27.61 -68.07 42.00
CA ARG H 52 -26.84 -68.39 40.81
C ARG H 52 -27.60 -69.25 39.81
N HIS H 53 -28.50 -70.09 40.29
CA HIS H 53 -29.24 -70.96 39.39
C HIS H 53 -30.70 -70.54 39.30
N GLY H 54 -31.37 -70.91 38.22
CA GLY H 54 -32.75 -70.51 38.04
C GLY H 54 -33.39 -71.25 36.90
N ILE H 55 -34.64 -70.89 36.60
CA ILE H 55 -35.40 -71.51 35.53
C ILE H 55 -36.10 -70.44 34.72
N VAL H 56 -35.84 -70.40 33.43
CA VAL H 56 -36.59 -69.52 32.54
C VAL H 56 -37.62 -70.37 31.81
N ARG H 57 -38.86 -69.89 31.75
CA ARG H 57 -39.94 -70.64 31.10
C ARG H 57 -40.46 -69.93 29.86
N VAL H 58 -40.43 -70.62 28.73
CA VAL H 58 -40.92 -70.08 27.47
C VAL H 58 -42.13 -70.93 27.10
N ASP H 59 -43.32 -70.33 27.09
CA ASP H 59 -44.57 -71.06 26.87
C ASP H 59 -44.65 -72.29 27.76
N ARG H 60 -44.32 -72.10 29.05
CA ARG H 60 -44.32 -73.15 30.07
C ARG H 60 -43.16 -74.17 30.00
N VAL H 61 -42.29 -74.05 29.01
CA VAL H 61 -41.16 -74.97 28.89
C VAL H 61 -39.98 -74.49 29.73
N PRO H 62 -39.60 -75.27 30.73
CA PRO H 62 -38.55 -74.85 31.68
C PRO H 62 -37.15 -75.04 31.12
N LEU H 63 -36.33 -73.97 31.16
CA LEU H 63 -34.94 -74.06 30.75
C LEU H 63 -34.02 -73.84 31.95
N ALA H 64 -33.11 -74.80 32.20
CA ALA H 64 -32.12 -74.65 33.26
C ALA H 64 -31.29 -73.39 33.04
N SER H 65 -31.18 -72.56 34.07
CA SER H 65 -30.48 -71.29 33.88
C SER H 65 -29.47 -70.99 34.97
N LYS H 66 -28.46 -70.20 34.58
CA LYS H 66 -27.34 -69.89 35.43
C LYS H 66 -27.02 -68.41 35.29
N LEU H 67 -26.86 -67.70 36.41
CA LEU H 67 -26.49 -66.29 36.39
C LEU H 67 -24.97 -66.15 36.40
N VAL H 68 -24.39 -65.60 35.34
CA VAL H 68 -22.94 -65.51 35.22
C VAL H 68 -22.42 -64.08 35.24
N ASP H 69 -21.16 -63.92 35.65
CA ASP H 69 -20.50 -62.63 35.76
C ASP H 69 -19.68 -62.28 34.50
N LEU H 70 -20.12 -61.26 33.78
CA LEU H 70 -19.45 -60.81 32.56
C LEU H 70 -18.15 -60.07 32.91
N PRO H 71 -17.13 -60.19 32.07
CA PRO H 71 -15.82 -59.56 32.33
C PRO H 71 -15.82 -58.05 32.10
N CYS H 72 -16.48 -57.58 31.05
CA CYS H 72 -16.46 -56.15 30.72
C CYS H 72 -17.61 -55.39 31.35
N VAL H 73 -17.35 -54.17 31.81
CA VAL H 73 -18.47 -53.34 32.20
C VAL H 73 -19.21 -52.90 30.94
N MET H 74 -20.53 -52.99 31.01
CA MET H 74 -21.37 -52.65 29.89
C MET H 74 -22.39 -51.63 30.39
N GLU H 75 -22.60 -50.56 29.64
CA GLU H 75 -23.58 -49.53 29.99
C GLU H 75 -24.74 -49.62 29.04
N SER H 76 -25.96 -49.38 29.54
CA SER H 76 -27.07 -49.10 28.66
C SER H 76 -27.29 -47.60 28.67
N LEU H 77 -27.42 -47.01 27.48
CA LEU H 77 -27.62 -45.58 27.38
C LEU H 77 -28.88 -45.28 26.57
N LYS H 78 -29.69 -44.35 27.06
CA LYS H 78 -30.92 -43.99 26.37
C LYS H 78 -30.74 -42.69 25.61
N THR H 79 -31.50 -42.52 24.55
CA THR H 79 -31.38 -41.32 23.75
C THR H 79 -32.72 -40.90 23.13
N ILE H 80 -32.88 -39.61 22.90
CA ILE H 80 -34.07 -39.10 22.24
C ILE H 80 -33.72 -38.65 20.81
N ASP H 81 -32.58 -38.00 20.66
CA ASP H 81 -32.17 -37.46 19.37
C ASP H 81 -31.08 -38.27 18.65
N LYS H 82 -30.60 -39.33 19.29
CA LYS H 82 -29.52 -40.15 18.73
C LYS H 82 -28.14 -39.46 18.64
N LYS H 83 -28.00 -38.34 19.34
CA LYS H 83 -26.72 -37.63 19.39
C LYS H 83 -26.23 -37.46 20.83
N THR H 84 -27.16 -37.14 21.73
CA THR H 84 -26.85 -37.07 23.17
C THR H 84 -27.40 -38.31 23.88
N PHE H 85 -26.56 -38.94 24.71
CA PHE H 85 -26.94 -40.20 25.34
C PHE H 85 -26.84 -40.13 26.87
N TYR H 86 -27.77 -40.76 27.57
CA TYR H 86 -27.80 -40.75 29.04
C TYR H 86 -27.67 -42.16 29.59
N LYS H 87 -26.70 -42.36 30.48
CA LYS H 87 -26.49 -43.68 31.07
C LYS H 87 -27.67 -44.09 31.97
N THR H 88 -28.28 -45.24 31.70
CA THR H 88 -29.35 -45.71 32.59
C THR H 88 -28.88 -46.77 33.58
N ALA H 89 -27.79 -47.48 33.27
CA ALA H 89 -27.36 -48.58 34.14
C ALA H 89 -25.98 -49.12 33.80
N ASP H 90 -25.35 -49.77 34.79
CA ASP H 90 -24.21 -50.65 34.55
C ASP H 90 -24.71 -52.10 34.45
N ILE H 91 -24.26 -52.81 33.42
CA ILE H 91 -24.63 -54.21 33.24
C ILE H 91 -23.38 -55.07 33.34
N CYS H 92 -23.41 -56.10 34.20
CA CYS H 92 -22.22 -56.89 34.40
C CYS H 92 -22.54 -58.38 34.57
N GLN H 93 -23.82 -58.74 34.44
CA GLN H 93 -24.25 -60.15 34.58
C GLN H 93 -25.17 -60.60 33.45
N MET H 94 -25.17 -61.90 33.19
CA MET H 94 -26.00 -62.52 32.16
C MET H 94 -26.68 -63.79 32.70
N LEU H 95 -27.98 -63.92 32.42
CA LEU H 95 -28.69 -65.12 32.77
C LEU H 95 -28.68 -66.03 31.56
N VAL H 96 -27.99 -67.16 31.67
CA VAL H 96 -27.80 -68.04 30.52
C VAL H 96 -28.68 -69.28 30.64
N SER H 97 -29.63 -69.43 29.71
CA SER H 97 -30.55 -70.57 29.72
C SER H 97 -30.11 -71.62 28.71
N THR H 98 -30.11 -72.88 29.12
CA THR H 98 -29.73 -73.95 28.20
C THR H 98 -30.86 -74.96 28.09
N VAL H 99 -30.79 -75.83 27.08
CA VAL H 99 -31.85 -76.81 26.86
C VAL H 99 -31.66 -78.07 27.72
N ASP H 100 -30.42 -78.35 28.10
CA ASP H 100 -30.16 -79.38 29.10
C ASP H 100 -29.68 -78.76 30.41
N GLY H 101 -29.56 -79.60 31.44
CA GLY H 101 -29.08 -79.15 32.73
C GLY H 101 -30.11 -79.40 33.82
N ASP H 102 -29.63 -79.49 35.06
CA ASP H 102 -30.48 -79.63 36.21
C ASP H 102 -31.35 -78.38 36.39
N LEU H 103 -32.65 -78.55 36.40
CA LEU H 103 -33.56 -77.45 36.74
C LEU H 103 -33.39 -77.05 38.21
N TYR H 104 -33.10 -78.04 39.06
CA TYR H 104 -32.90 -77.84 40.50
C TYR H 104 -31.58 -78.44 40.97
N PRO H 105 -30.46 -77.72 40.73
CA PRO H 105 -29.12 -78.21 41.04
C PRO H 105 -28.88 -78.26 42.54
N PRO H 106 -28.37 -79.40 43.05
CA PRO H 106 -28.06 -79.61 44.47
C PRO H 106 -27.20 -78.51 45.10
N LYS H 128 -17.16 -69.31 40.24
CA LYS H 128 -16.02 -69.74 39.43
C LYS H 128 -16.51 -70.36 38.12
N LYS H 129 -17.41 -71.32 38.25
CA LYS H 129 -18.21 -71.78 37.12
C LYS H 129 -19.23 -70.69 36.76
N PHE H 130 -19.27 -69.62 37.55
CA PHE H 130 -20.15 -68.49 37.30
C PHE H 130 -19.39 -67.30 36.74
N ILE H 131 -18.14 -67.51 36.36
CA ILE H 131 -17.38 -66.46 35.70
C ILE H 131 -17.41 -66.66 34.20
N TRP H 132 -17.97 -65.68 33.49
CA TRP H 132 -17.99 -65.72 32.03
C TRP H 132 -16.68 -65.16 31.48
N ASN H 133 -16.14 -65.80 30.45
CA ASN H 133 -14.80 -65.47 29.93
C ASN H 133 -14.81 -64.55 28.72
N HIS H 134 -15.99 -64.31 28.16
CA HIS H 134 -16.09 -63.57 26.92
C HIS H 134 -16.92 -62.31 27.12
N GLY H 135 -16.59 -61.27 26.39
CA GLY H 135 -17.50 -60.14 26.26
C GLY H 135 -18.67 -60.59 25.42
N ILE H 136 -19.71 -59.75 25.36
CA ILE H 136 -20.85 -60.00 24.51
C ILE H 136 -20.51 -59.88 23.01
N THR H 137 -19.66 -58.91 22.66
CA THR H 137 -19.36 -58.63 21.27
C THR H 137 -18.23 -59.50 20.73
N LEU H 138 -18.19 -59.65 19.40
CA LEU H 138 -17.20 -60.50 18.73
C LEU H 138 -15.72 -60.27 19.12
N PRO H 139 -15.26 -59.01 19.12
CA PRO H 139 -13.82 -58.86 19.33
C PRO H 139 -13.40 -59.15 20.77
N LEU H 140 -14.34 -59.19 21.70
CA LEU H 140 -13.99 -59.41 23.10
C LEU H 140 -14.08 -60.89 23.47
N LYS H 141 -13.96 -61.77 22.48
CA LYS H 141 -13.82 -63.19 22.75
C LYS H 141 -12.56 -63.41 23.55
N ASN H 142 -12.66 -64.23 24.60
CA ASN H 142 -11.51 -64.49 25.46
C ASN H 142 -10.90 -63.24 26.09
N VAL H 143 -11.70 -62.19 26.38
CA VAL H 143 -11.14 -60.93 26.91
C VAL H 143 -10.30 -61.16 28.14
N ARG H 144 -10.83 -61.94 29.08
CA ARG H 144 -10.14 -62.17 30.35
C ARG H 144 -8.74 -62.73 30.15
N LYS H 145 -8.62 -63.72 29.27
CA LYS H 145 -7.36 -64.41 29.07
C LYS H 145 -6.42 -63.74 28.08
N ARG H 146 -6.96 -63.00 27.12
CA ARG H 146 -6.13 -62.47 26.05
C ARG H 146 -5.97 -60.94 26.07
N ARG H 147 -6.97 -60.23 26.59
CA ARG H 147 -7.01 -58.78 26.35
C ARG H 147 -7.15 -57.93 27.60
N PHE H 148 -6.79 -58.51 28.74
CA PHE H 148 -6.86 -57.82 30.02
C PHE H 148 -5.48 -57.93 30.65
N ARG H 149 -4.77 -56.81 30.77
CA ARG H 149 -3.56 -56.76 31.57
C ARG H 149 -3.85 -57.38 32.96
N LYS H 150 -3.05 -58.35 33.38
CA LYS H 150 -3.26 -58.98 34.68
C LYS H 150 -2.47 -58.29 35.78
N THR H 151 -3.07 -58.24 36.97
CA THR H 151 -2.47 -57.55 38.11
C THR H 151 -1.28 -58.29 38.72
N ALA H 152 -0.23 -57.54 39.00
CA ALA H 152 0.98 -58.05 39.64
C ALA H 152 0.96 -57.75 41.15
N LYS H 153 0.97 -58.79 41.99
CA LYS H 153 0.89 -58.60 43.46
C LYS H 153 2.20 -58.11 44.09
N LYS H 154 2.13 -57.70 45.36
CA LYS H 154 3.28 -57.33 46.21
C LYS H 154 3.96 -56.00 45.86
N LYS I 27 -67.71 -6.60 22.42
CA LYS I 27 -66.45 -6.45 21.75
C LYS I 27 -66.59 -6.37 20.21
N LEU I 28 -65.89 -5.34 19.70
CA LEU I 28 -65.72 -5.21 18.25
C LEU I 28 -64.63 -6.12 17.70
N THR I 29 -65.05 -7.11 16.89
CA THR I 29 -64.11 -8.09 16.41
C THR I 29 -63.57 -7.77 15.01
N HIS I 30 -64.41 -7.14 14.21
CA HIS I 30 -64.12 -7.06 12.77
C HIS I 30 -64.81 -5.80 12.20
N GLN I 31 -64.10 -4.99 11.47
CA GLN I 31 -64.77 -3.89 10.75
C GLN I 31 -64.39 -3.90 9.27
N VAL I 32 -65.33 -3.51 8.41
CA VAL I 32 -65.02 -3.26 7.03
C VAL I 32 -65.35 -1.77 6.72
N VAL I 33 -64.27 -1.06 6.38
CA VAL I 33 -64.38 0.41 6.34
C VAL I 33 -64.29 0.83 4.85
N CYS I 34 -65.30 1.64 4.43
CA CYS I 34 -65.37 1.94 3.01
C CYS I 34 -65.28 3.48 2.81
N ILE I 35 -64.08 3.95 2.49
CA ILE I 35 -63.74 5.35 2.57
C ILE I 35 -63.58 5.96 1.16
N ASN I 36 -64.66 6.46 0.62
CA ASN I 36 -64.71 6.86 -0.80
C ASN I 36 -64.14 8.28 -0.92
N ASN I 37 -63.92 8.65 -2.19
CA ASN I 37 -63.25 9.93 -2.44
C ASN I 37 -61.86 10.02 -1.83
N ILE I 38 -61.77 10.36 -0.55
CA ILE I 38 -60.45 10.73 -0.02
C ILE I 38 -60.12 12.16 -0.55
N ASN I 39 -61.03 13.08 -0.23
CA ASN I 39 -61.23 14.28 -1.07
C ASN I 39 -60.24 15.37 -0.65
N PHE I 40 -59.23 15.59 -1.49
CA PHE I 40 -58.18 16.54 -1.08
C PHE I 40 -58.70 17.98 -1.07
N GLN I 41 -59.71 18.24 -1.88
CA GLN I 41 -60.23 19.59 -2.00
C GLN I 41 -61.30 19.92 -0.96
N ARG I 42 -61.25 19.14 0.15
CA ARG I 42 -62.00 19.48 1.35
C ARG I 42 -61.14 19.33 2.60
N LYS I 43 -59.90 18.94 2.40
CA LYS I 43 -59.06 18.40 3.46
C LYS I 43 -59.67 17.27 4.23
N SER I 44 -60.31 16.30 3.57
CA SER I 44 -61.37 15.51 4.23
C SER I 44 -61.55 14.16 3.62
N VAL I 45 -61.76 13.15 4.45
CA VAL I 45 -62.06 11.79 3.95
C VAL I 45 -63.35 11.27 4.63
N VAL I 46 -64.19 10.59 3.83
CA VAL I 46 -65.60 10.42 4.12
C VAL I 46 -66.06 8.98 3.80
N GLY I 47 -67.10 8.55 4.52
CA GLY I 47 -67.74 7.29 4.19
C GLY I 47 -68.04 6.46 5.43
N PHE I 48 -68.02 5.12 5.29
CA PHE I 48 -68.87 4.28 6.15
C PHE I 48 -67.99 3.22 6.81
N VAL I 49 -67.86 3.23 8.12
CA VAL I 49 -67.37 2.02 8.80
C VAL I 49 -68.47 1.05 9.16
N GLU I 50 -68.25 -0.23 8.78
CA GLU I 50 -69.28 -1.22 9.19
C GLU I 50 -68.72 -2.11 10.32
N LEU I 51 -69.21 -1.80 11.53
CA LEU I 51 -68.64 -2.41 12.74
C LEU I 51 -69.47 -3.62 13.17
N THR I 52 -68.85 -4.80 13.00
CA THR I 52 -69.37 -6.01 13.65
C THR I 52 -69.00 -6.02 15.12
N ILE I 53 -70.01 -6.11 16.00
CA ILE I 53 -69.74 -6.12 17.43
C ILE I 53 -70.30 -7.40 18.05
N PHE I 54 -69.48 -8.17 18.76
CA PHE I 54 -70.02 -9.28 19.57
C PHE I 54 -70.00 -8.94 21.04
N PRO I 55 -71.11 -8.47 21.54
CA PRO I 55 -71.16 -8.09 22.97
C PRO I 55 -70.88 -9.28 23.84
N THR I 56 -69.80 -9.14 24.63
CA THR I 56 -69.41 -10.19 25.58
C THR I 56 -70.19 -10.05 26.92
N VAL I 57 -71.46 -9.64 26.81
CA VAL I 57 -72.27 -9.60 28.03
C VAL I 57 -73.79 -9.65 27.70
N ALA I 58 -74.58 -10.07 28.64
CA ALA I 58 -76.05 -10.03 28.55
C ALA I 58 -76.53 -8.59 28.51
N ASN I 59 -77.66 -8.32 27.82
CA ASN I 59 -78.47 -7.16 28.05
C ASN I 59 -77.65 -5.90 28.01
N LEU I 60 -76.79 -5.76 26.99
CA LEU I 60 -76.25 -4.40 26.70
C LEU I 60 -77.31 -3.53 26.00
N ASN I 61 -77.43 -2.30 26.53
CA ASN I 61 -78.36 -1.37 25.89
C ASN I 61 -77.64 -0.29 25.10
N ARG I 62 -76.43 0.12 25.56
CA ARG I 62 -75.73 1.24 24.95
C ARG I 62 -74.27 0.91 24.72
N ILE I 63 -73.61 1.54 23.75
CA ILE I 63 -72.19 1.19 23.47
C ILE I 63 -71.32 2.46 23.54
N LYS I 64 -70.04 2.27 23.92
CA LYS I 64 -69.18 3.45 23.97
C LYS I 64 -68.05 3.30 22.94
N LEU I 65 -68.26 3.86 21.76
CA LEU I 65 -67.15 4.03 20.83
C LEU I 65 -66.37 5.28 21.18
N ASN I 66 -65.17 5.45 20.59
CA ASN I 66 -64.48 6.74 20.83
C ASN I 66 -64.31 7.48 19.48
N SER I 67 -64.64 8.80 19.53
CA SER I 67 -64.27 9.67 18.43
C SER I 67 -63.86 11.06 18.83
N LYS I 68 -62.87 11.63 18.13
CA LYS I 68 -62.46 13.00 18.43
C LYS I 68 -62.77 13.89 17.24
N GLN I 69 -63.57 14.94 17.42
CA GLN I 69 -63.60 16.03 16.43
C GLN I 69 -63.97 15.51 15.06
N CYS I 70 -65.11 14.83 14.98
CA CYS I 70 -65.45 14.11 13.72
C CYS I 70 -66.92 14.39 13.37
N ARG I 71 -67.14 14.94 12.16
CA ARG I 71 -68.52 15.19 11.76
C ARG I 71 -69.29 13.90 11.56
N ILE I 72 -70.31 13.62 12.35
CA ILE I 72 -71.06 12.35 12.11
C ILE I 72 -72.29 12.73 11.25
N TYR I 73 -72.53 11.93 10.22
CA TYR I 73 -73.77 12.17 9.44
C TYR I 73 -74.95 11.35 9.98
N ARG I 74 -74.73 10.07 10.18
CA ARG I 74 -75.85 9.19 10.53
C ARG I 74 -75.30 7.90 11.17
N VAL I 75 -75.97 7.56 12.29
CA VAL I 75 -75.70 6.24 12.91
C VAL I 75 -76.91 5.34 12.61
N ARG I 76 -76.63 4.18 11.97
CA ARG I 76 -77.73 3.34 11.48
C ARG I 76 -77.57 1.95 12.05
N ILE I 77 -78.51 1.48 12.87
CA ILE I 77 -78.47 0.06 13.31
C ILE I 77 -79.67 -0.66 12.70
N ASN I 78 -79.38 -1.81 12.05
CA ASN I 78 -80.41 -2.60 11.40
C ASN I 78 -81.41 -1.78 10.62
N ASP I 79 -80.96 -0.87 9.75
CA ASP I 79 -81.84 -0.16 8.86
C ASP I 79 -82.86 0.69 9.59
N LEU I 80 -82.57 1.20 10.77
CA LEU I 80 -83.22 2.43 11.26
C LEU I 80 -82.14 3.35 11.84
N GLU I 81 -82.40 4.66 11.79
CA GLU I 81 -81.52 5.65 12.49
C GLU I 81 -81.62 5.39 13.99
N ALA I 82 -80.50 5.61 14.72
CA ALA I 82 -80.49 5.24 16.14
C ALA I 82 -79.84 6.40 16.92
N ALA I 83 -80.37 6.52 18.16
CA ALA I 83 -80.06 7.67 19.00
C ALA I 83 -78.60 7.71 19.33
N PHE I 84 -77.84 8.69 18.83
CA PHE I 84 -76.41 8.79 19.19
C PHE I 84 -76.05 10.15 19.77
N ILE I 85 -75.57 10.13 21.01
CA ILE I 85 -75.17 11.38 21.65
C ILE I 85 -73.68 11.45 21.96
N TYR I 86 -73.03 12.49 21.42
CA TYR I 86 -71.60 12.60 21.43
C TYR I 86 -71.12 13.38 22.62
N ASN I 87 -70.18 12.81 23.39
CA ASN I 87 -69.80 13.52 24.63
C ASN I 87 -68.65 14.47 24.37
N ASP I 88 -67.53 14.05 24.30
N GLU I 125 -66.29 10.83 22.59
CA GLU I 125 -66.89 9.62 23.21
C GLU I 125 -68.33 9.48 22.80
N LEU I 126 -68.55 8.58 21.81
CA LEU I 126 -69.93 8.44 21.26
C LEU I 126 -70.66 7.43 22.09
N CYS I 127 -71.87 7.76 22.54
CA CYS I 127 -72.81 6.75 23.02
C CYS I 127 -73.88 6.42 21.99
N ILE I 128 -73.77 5.20 21.42
CA ILE I 128 -74.76 4.81 20.42
C ILE I 128 -75.79 3.85 21.05
N LYS I 129 -77.07 4.20 20.92
CA LYS I 129 -78.06 3.40 21.70
C LYS I 129 -78.66 2.28 20.88
N VAL I 130 -78.50 1.05 21.39
CA VAL I 130 -78.90 -0.14 20.62
C VAL I 130 -80.39 -0.38 20.76
N PRO I 131 -81.04 -0.84 19.70
CA PRO I 131 -82.50 -0.72 19.53
C PRO I 131 -83.20 -1.82 20.38
N SER I 132 -82.39 -2.84 20.69
CA SER I 132 -82.91 -3.97 21.46
C SER I 132 -84.18 -4.55 20.94
N GLU I 133 -84.24 -4.92 19.66
CA GLU I 133 -85.55 -5.32 19.08
C GLU I 133 -85.72 -6.82 19.17
N LEU I 134 -84.90 -7.48 19.99
CA LEU I 134 -85.26 -8.88 20.35
C LEU I 134 -85.21 -8.98 21.89
N TRP I 135 -85.53 -10.18 22.39
CA TRP I 135 -85.68 -10.31 23.84
C TRP I 135 -84.32 -10.57 24.50
N LYS I 136 -84.07 -9.98 25.68
CA LYS I 136 -82.75 -9.87 26.27
C LYS I 136 -81.70 -9.48 25.27
N HIS I 137 -81.90 -8.43 24.51
CA HIS I 137 -81.11 -8.19 23.28
C HIS I 137 -80.13 -7.07 23.41
N VAL I 138 -78.93 -7.38 23.95
CA VAL I 138 -78.02 -8.18 23.12
C VAL I 138 -77.15 -9.10 23.98
N ASP I 139 -77.34 -10.42 23.77
CA ASP I 139 -76.82 -11.38 24.76
C ASP I 139 -75.39 -11.82 24.39
N GLU I 140 -74.80 -12.71 25.16
CA GLU I 140 -73.40 -13.07 24.89
C GLU I 140 -73.17 -13.54 23.47
N LEU I 141 -72.31 -12.83 22.75
CA LEU I 141 -71.90 -13.36 21.43
C LEU I 141 -73.02 -13.31 20.41
N LYS I 142 -73.92 -12.33 20.50
CA LYS I 142 -74.77 -11.91 19.38
C LYS I 142 -74.00 -10.87 18.56
N VAL I 143 -74.40 -10.71 17.32
CA VAL I 143 -73.52 -10.08 16.31
C VAL I 143 -74.33 -8.96 15.60
N LEU I 144 -73.85 -7.73 15.74
CA LEU I 144 -74.60 -6.62 15.14
C LEU I 144 -73.70 -5.83 14.22
N LYS I 145 -74.23 -5.41 13.05
CA LYS I 145 -73.50 -4.49 12.18
C LYS I 145 -73.88 -3.04 12.39
N ILE I 146 -72.99 -2.30 13.11
CA ILE I 146 -73.23 -0.88 13.26
C ILE I 146 -72.73 -0.05 12.06
N HIS I 147 -73.59 0.77 11.46
CA HIS I 147 -73.22 1.40 10.19
C HIS I 147 -73.08 2.92 10.36
N ILE I 148 -71.86 3.39 10.51
CA ILE I 148 -71.63 4.83 10.77
C ILE I 148 -71.15 5.56 9.56
N ASN I 149 -71.77 6.73 9.33
CA ASN I 149 -71.38 7.60 8.19
C ASN I 149 -70.63 8.80 8.73
N PHE I 150 -69.32 8.83 8.46
CA PHE I 150 -68.49 9.82 9.14
C PHE I 150 -67.87 10.78 8.12
N SER I 151 -67.38 11.94 8.64
CA SER I 151 -66.73 12.94 7.75
C SER I 151 -65.57 13.61 8.51
N LEU I 152 -64.38 13.63 7.87
CA LEU I 152 -63.20 14.09 8.55
C LEU I 152 -63.11 15.64 8.61
N ASP I 153 -62.54 16.15 9.68
CA ASP I 153 -62.34 17.59 9.79
C ASP I 153 -60.98 17.98 9.22
N GLN I 154 -60.81 19.26 8.86
CA GLN I 154 -59.54 19.70 8.35
C GLN I 154 -58.39 19.58 9.30
N PRO I 155 -58.48 20.22 10.49
CA PRO I 155 -57.33 20.13 11.39
C PRO I 155 -57.38 18.85 12.24
N LYS I 156 -57.29 17.68 11.58
CA LYS I 156 -57.12 16.47 12.33
C LYS I 156 -55.80 16.49 13.11
N GLY I 157 -55.82 16.08 14.38
CA GLY I 157 -54.55 15.84 15.08
C GLY I 157 -53.81 14.66 14.47
N GLY I 158 -54.60 13.63 14.13
CA GLY I 158 -53.97 12.40 13.60
C GLY I 158 -53.18 12.63 12.34
N LEU I 159 -53.64 13.50 11.46
CA LEU I 159 -53.20 13.44 10.06
C LEU I 159 -52.22 14.57 9.79
N HIS I 160 -51.74 14.71 8.53
CA HIS I 160 -51.05 15.93 8.11
C HIS I 160 -51.39 16.16 6.62
N PHE I 161 -52.39 17.04 6.42
CA PHE I 161 -53.02 17.15 5.08
C PHE I 161 -52.55 18.38 4.35
N VAL I 162 -51.78 18.17 3.29
CA VAL I 162 -51.36 19.34 2.49
C VAL I 162 -52.07 19.31 1.16
N VAL I 163 -52.86 20.34 0.82
CA VAL I 163 -53.39 20.53 -0.51
C VAL I 163 -52.35 21.06 -1.50
N PRO I 164 -52.60 20.90 -2.78
CA PRO I 164 -51.74 21.45 -3.83
C PRO I 164 -51.30 22.88 -3.55
N SER I 165 -52.24 23.76 -3.14
CA SER I 165 -51.95 25.18 -3.17
C SER I 165 -51.12 25.68 -2.03
N VAL I 166 -50.95 24.90 -0.94
CA VAL I 166 -50.04 25.32 0.14
C VAL I 166 -48.78 24.45 0.12
N GLU I 167 -48.51 23.83 -1.01
CA GLU I 167 -47.26 23.07 -1.13
C GLU I 167 -46.09 23.92 -1.59
N GLY I 168 -46.36 25.12 -2.12
CA GLY I 168 -45.32 26.05 -2.48
C GLY I 168 -45.10 26.09 -3.99
N SER I 169 -43.93 26.69 -4.33
CA SER I 169 -43.67 26.97 -5.76
C SER I 169 -43.39 25.68 -6.52
N MET I 170 -42.76 24.69 -5.90
CA MET I 170 -42.29 23.54 -6.65
C MET I 170 -43.25 22.38 -6.61
N ALA I 171 -44.56 22.61 -6.73
CA ALA I 171 -45.45 21.59 -7.33
C ALA I 171 -46.77 22.20 -7.81
N GLU I 172 -47.60 22.66 -6.86
CA GLU I 172 -48.96 23.09 -7.18
C GLU I 172 -49.77 22.09 -7.92
N ARG I 173 -49.74 20.81 -7.50
CA ARG I 173 -50.43 19.76 -8.24
C ARG I 173 -50.75 18.57 -7.38
N GLY I 174 -49.80 18.08 -6.59
CA GLY I 174 -49.91 16.67 -6.14
C GLY I 174 -50.10 16.69 -4.63
N ALA I 175 -51.33 16.45 -4.18
CA ALA I 175 -51.62 16.51 -2.73
C ALA I 175 -50.90 15.36 -2.00
N HIS I 176 -50.87 15.53 -0.66
CA HIS I 176 -50.15 14.54 0.18
C HIS I 176 -50.70 14.50 1.58
N VAL I 177 -51.29 13.39 2.02
CA VAL I 177 -51.87 13.37 3.37
C VAL I 177 -51.38 12.11 4.09
N PHE I 178 -50.84 12.24 5.28
CA PHE I 178 -50.23 11.05 5.92
C PHE I 178 -50.53 11.01 7.43
N SER I 179 -50.87 9.83 7.92
CA SER I 179 -51.37 9.76 9.32
C SER I 179 -50.54 8.84 10.19
N CYS I 180 -50.60 9.08 11.50
CA CYS I 180 -49.78 8.25 12.42
C CYS I 180 -50.73 7.64 13.49
N GLY I 181 -50.85 6.30 13.46
CA GLY I 181 -51.99 5.67 14.16
C GLY I 181 -51.71 5.59 15.68
N TYR I 182 -50.56 5.02 15.97
CA TYR I 182 -50.28 4.64 17.38
C TYR I 182 -50.05 5.91 18.20
N GLN I 183 -51.10 6.19 19.02
CA GLN I 183 -51.53 5.23 19.99
C GLN I 183 -52.99 5.41 20.38
N ASN I 184 -53.50 6.65 20.37
CA ASN I 184 -54.95 6.80 20.26
C ASN I 184 -55.30 7.91 19.25
N SER I 185 -54.71 7.87 18.07
CA SER I 185 -55.08 8.83 17.02
C SER I 185 -56.00 8.26 15.99
N THR I 186 -56.52 7.05 16.23
CA THR I 186 -57.42 6.39 15.27
C THR I 186 -58.78 7.05 15.28
N ARG I 187 -59.08 7.72 16.40
CA ARG I 187 -60.35 8.39 16.57
C ARG I 187 -60.46 9.66 15.73
N PHE I 188 -59.36 10.07 15.08
CA PHE I 188 -59.42 11.17 14.15
C PHE I 188 -59.76 10.71 12.73
N TRP I 189 -59.69 9.38 12.54
CA TRP I 189 -60.08 8.81 11.26
C TRP I 189 -61.52 8.42 11.23
N PHE I 190 -61.93 7.46 12.06
CA PHE I 190 -63.31 7.05 12.11
C PHE I 190 -63.75 6.80 13.54
N PRO I 191 -65.06 6.84 13.79
CA PRO I 191 -65.55 6.22 15.03
C PRO I 191 -65.13 4.75 15.14
N CYS I 192 -64.15 4.42 15.93
CA CYS I 192 -63.99 3.03 16.36
C CYS I 192 -63.80 2.99 17.86
N VAL I 193 -63.91 1.78 18.47
CA VAL I 193 -63.55 1.67 19.90
C VAL I 193 -62.00 1.66 20.04
N ASP I 194 -61.51 2.69 20.70
CA ASP I 194 -60.09 3.00 20.61
C ASP I 194 -59.40 2.53 21.91
N SER I 195 -58.84 1.33 21.86
CA SER I 195 -58.50 0.64 23.13
C SER I 195 -57.51 -0.47 22.84
N TYR I 196 -56.64 -0.84 23.79
CA TYR I 196 -55.62 -1.88 23.57
C TYR I 196 -56.21 -3.24 23.98
N SER I 197 -57.43 -3.22 24.53
CA SER I 197 -58.05 -4.46 25.03
C SER I 197 -58.92 -5.06 23.95
N GLU I 198 -59.51 -4.20 23.11
CA GLU I 198 -60.38 -4.68 22.06
C GLU I 198 -59.65 -4.94 20.76
N LEU I 199 -59.68 -6.21 20.35
CA LEU I 199 -58.72 -6.68 19.32
C LEU I 199 -59.45 -6.91 18.01
N CYS I 200 -59.08 -6.15 16.96
CA CYS I 200 -59.96 -6.19 15.77
C CYS I 200 -59.19 -6.50 14.51
N THR I 201 -59.81 -7.26 13.58
CA THR I 201 -59.23 -7.23 12.22
C THR I 201 -60.15 -6.49 11.23
N TRP I 202 -59.52 -5.80 10.24
CA TRP I 202 -60.24 -4.91 9.38
C TRP I 202 -60.21 -5.30 7.90
N LYS I 203 -61.29 -5.00 7.18
CA LYS I 203 -61.19 -4.80 5.72
C LYS I 203 -61.05 -3.34 5.38
N LEU I 204 -60.45 -3.03 4.26
CA LEU I 204 -60.29 -1.66 3.83
C LEU I 204 -60.54 -1.52 2.34
N GLU I 205 -61.60 -0.78 1.98
CA GLU I 205 -61.71 -0.25 0.61
C GLU I 205 -61.64 1.29 0.69
N PHE I 206 -60.67 1.87 -0.04
CA PHE I 206 -60.67 3.30 -0.22
C PHE I 206 -60.26 3.71 -1.65
N THR I 207 -60.78 4.86 -2.09
CA THR I 207 -60.38 5.34 -3.42
C THR I 207 -59.55 6.62 -3.32
N VAL I 208 -58.45 6.64 -4.06
CA VAL I 208 -57.52 7.78 -3.95
C VAL I 208 -57.32 8.41 -5.34
N ASP I 209 -56.75 9.59 -5.43
CA ASP I 209 -56.14 10.05 -6.70
C ASP I 209 -55.24 9.01 -7.32
N ALA I 210 -55.37 8.78 -8.60
CA ALA I 210 -54.70 7.61 -9.23
C ALA I 210 -53.26 7.93 -9.51
N ALA I 211 -52.81 9.16 -9.31
CA ALA I 211 -51.41 9.54 -9.43
C ALA I 211 -50.79 9.60 -8.02
N MET I 212 -51.49 8.99 -7.04
CA MET I 212 -50.79 8.72 -5.77
C MET I 212 -50.70 7.20 -5.55
N VAL I 213 -49.79 6.81 -4.66
CA VAL I 213 -49.91 5.45 -4.10
C VAL I 213 -49.94 5.48 -2.57
N ALA I 214 -50.86 4.71 -2.03
CA ALA I 214 -51.19 4.80 -0.61
C ALA I 214 -50.80 3.60 0.21
N VAL I 215 -50.76 3.72 1.54
CA VAL I 215 -50.46 2.55 2.38
C VAL I 215 -51.40 2.50 3.58
N SER I 216 -51.90 1.30 3.85
CA SER I 216 -52.62 1.07 5.12
C SER I 216 -51.94 0.05 5.98
N ASN I 217 -52.61 -0.46 7.02
CA ASN I 217 -52.18 -1.77 7.57
C ASN I 217 -53.15 -2.86 7.05
N GLY I 218 -52.55 -3.97 6.69
CA GLY I 218 -53.30 -5.21 6.37
C GLY I 218 -52.99 -5.63 4.94
N ASP I 219 -52.72 -6.94 4.75
CA ASP I 219 -52.07 -7.40 3.54
C ASP I 219 -52.74 -6.77 2.28
N LEU I 220 -51.85 -6.35 1.36
CA LEU I 220 -52.34 -5.79 0.09
C LEU I 220 -52.81 -6.86 -0.85
N VAL I 221 -54.02 -6.74 -1.41
CA VAL I 221 -54.59 -7.76 -2.27
C VAL I 221 -54.97 -7.23 -3.64
N GLU I 222 -54.49 -6.04 -4.01
CA GLU I 222 -54.68 -5.60 -5.39
C GLU I 222 -54.98 -4.12 -5.50
N THR I 223 -54.19 -3.38 -6.28
CA THR I 223 -54.66 -2.06 -6.77
C THR I 223 -55.33 -2.13 -8.11
N VAL I 224 -56.58 -1.66 -8.21
CA VAL I 224 -57.17 -1.46 -9.52
C VAL I 224 -57.89 -0.10 -9.61
N TYR I 225 -58.26 0.25 -10.86
CA TYR I 225 -58.96 1.52 -11.04
C TYR I 225 -60.31 1.54 -10.33
N THR I 226 -60.84 2.75 -10.13
CA THR I 226 -62.28 2.89 -9.85
C THR I 226 -63.05 3.05 -11.17
N HIS I 227 -63.24 1.91 -11.83
CA HIS I 227 -63.60 1.89 -13.25
C HIS I 227 -63.51 3.32 -13.83
N ASP I 228 -62.34 3.66 -14.38
CA ASP I 228 -62.28 4.81 -15.27
C ASP I 228 -62.96 6.04 -14.72
N MET I 229 -62.17 6.92 -14.08
CA MET I 229 -61.26 7.78 -14.82
C MET I 229 -60.00 8.14 -14.05
N ARG I 230 -60.13 8.78 -12.88
CA ARG I 230 -58.99 9.49 -12.30
C ARG I 230 -58.81 9.14 -10.86
N LYS I 231 -59.47 8.09 -10.38
CA LYS I 231 -59.13 7.64 -9.00
C LYS I 231 -58.97 6.10 -8.95
N LYS I 232 -57.97 5.69 -8.19
CA LYS I 232 -57.69 4.26 -8.06
C LYS I 232 -58.39 3.72 -6.83
N THR I 233 -58.67 2.43 -6.76
CA THR I 233 -59.10 1.81 -5.50
C THR I 233 -58.10 0.74 -5.07
N PHE I 234 -57.48 1.00 -3.89
CA PHE I 234 -56.64 -0.09 -3.36
C PHE I 234 -57.46 -1.01 -2.45
N HIS I 235 -57.18 -2.32 -2.46
CA HIS I 235 -57.89 -3.21 -1.57
C HIS I 235 -56.91 -3.79 -0.55
N TYR I 236 -57.02 -3.32 0.72
CA TYR I 236 -56.11 -3.80 1.76
C TYR I 236 -56.94 -4.54 2.85
N MET I 237 -56.37 -5.61 3.33
CA MET I 237 -57.17 -6.54 4.16
C MET I 237 -56.37 -7.18 5.28
N LEU I 238 -56.60 -6.76 6.51
CA LEU I 238 -55.88 -7.37 7.63
C LEU I 238 -56.50 -8.71 8.05
N THR I 239 -55.63 -9.66 8.36
CA THR I 239 -56.12 -10.95 8.87
C THR I 239 -56.02 -11.01 10.40
N ILE I 240 -55.05 -10.28 10.95
CA ILE I 240 -54.69 -10.44 12.35
C ILE I 240 -55.46 -9.50 13.28
N PRO I 241 -55.72 -10.02 14.50
CA PRO I 241 -56.32 -9.14 15.50
C PRO I 241 -55.27 -8.17 16.10
N THR I 242 -55.36 -6.89 15.76
CA THR I 242 -54.52 -5.90 16.47
C THR I 242 -55.34 -4.72 16.91
N ALA I 243 -54.82 -3.96 17.88
CA ALA I 243 -55.63 -2.84 18.40
C ALA I 243 -55.85 -1.75 17.40
N ALA I 244 -56.64 -0.75 17.70
CA ALA I 244 -56.85 0.32 16.70
C ALA I 244 -55.65 1.23 16.70
N SER I 245 -54.80 1.11 17.73
CA SER I 245 -53.45 1.67 17.66
C SER I 245 -52.85 1.49 16.26
N ASN I 246 -52.94 0.27 15.71
CA ASN I 246 -52.09 -0.08 14.56
C ASN I 246 -52.51 0.66 13.30
N ILE I 247 -53.80 1.01 13.20
CA ILE I 247 -54.33 1.31 11.86
C ILE I 247 -53.67 2.57 11.35
N SER I 248 -53.34 2.64 10.04
CA SER I 248 -52.88 3.94 9.54
C SER I 248 -53.18 4.11 8.04
N LEU I 249 -53.12 5.33 7.55
CA LEU I 249 -53.27 5.56 6.12
C LEU I 249 -52.29 6.66 5.68
N ALA I 250 -51.59 6.37 4.60
CA ALA I 250 -50.60 7.36 4.11
C ALA I 250 -50.70 7.52 2.61
N ILE I 251 -51.16 8.68 2.16
CA ILE I 251 -51.46 8.83 0.74
C ILE I 251 -50.49 9.74 0.05
N GLY I 252 -49.44 9.21 -0.61
CA GLY I 252 -48.27 9.98 -0.97
C GLY I 252 -47.93 9.74 -2.47
N PRO I 253 -46.64 9.93 -2.77
CA PRO I 253 -46.23 9.92 -4.15
C PRO I 253 -46.24 8.52 -4.72
N PHE I 254 -46.02 8.38 -6.02
CA PHE I 254 -46.33 7.11 -6.68
C PHE I 254 -45.14 6.46 -7.35
N GLU I 255 -43.99 7.13 -7.27
CA GLU I 255 -42.85 6.76 -8.10
C GLU I 255 -41.98 5.69 -7.44
N ILE I 256 -41.86 4.51 -8.07
CA ILE I 256 -41.35 3.34 -7.42
C ILE I 256 -39.90 3.07 -7.79
N LEU I 257 -39.28 2.11 -7.15
CA LEU I 257 -37.96 1.64 -7.59
C LEU I 257 -37.63 0.26 -6.99
N VAL I 258 -38.13 -0.77 -7.68
CA VAL I 258 -38.24 -2.12 -7.07
C VAL I 258 -37.09 -3.03 -7.45
N ASP I 259 -36.56 -3.73 -6.43
CA ASP I 259 -35.62 -4.80 -6.76
C ASP I 259 -36.32 -6.13 -6.79
N PRO I 260 -35.72 -7.12 -7.44
CA PRO I 260 -36.35 -8.45 -7.42
C PRO I 260 -35.70 -9.30 -6.29
N TYR I 261 -35.54 -10.59 -6.62
CA TYR I 261 -34.84 -11.49 -5.75
C TYR I 261 -35.38 -11.85 -4.39
N MET I 262 -36.09 -10.92 -3.75
CA MET I 262 -36.59 -11.18 -2.38
C MET I 262 -38.06 -10.92 -2.35
N HIS I 263 -38.71 -11.07 -1.17
CA HIS I 263 -40.07 -10.50 -1.04
C HIS I 263 -40.03 -8.98 -1.34
N GLU I 264 -40.86 -8.59 -2.32
CA GLU I 264 -40.55 -7.41 -3.14
C GLU I 264 -40.22 -6.19 -2.25
N VAL I 265 -38.97 -5.81 -2.22
CA VAL I 265 -38.55 -4.50 -1.69
C VAL I 265 -38.61 -3.46 -2.81
N THR I 266 -39.24 -2.31 -2.47
CA THR I 266 -39.36 -1.27 -3.46
C THR I 266 -39.30 0.13 -2.81
N HIS I 267 -38.80 1.08 -3.59
CA HIS I 267 -38.33 2.34 -2.97
C HIS I 267 -39.15 3.52 -3.46
N PHE I 268 -39.82 4.26 -2.58
CA PHE I 268 -40.54 5.43 -2.98
C PHE I 268 -39.86 6.74 -2.57
N CYS I 269 -39.91 7.67 -3.52
CA CYS I 269 -39.64 9.09 -3.19
C CYS I 269 -40.45 9.99 -4.08
N LEU I 270 -40.32 11.31 -3.98
CA LEU I 270 -40.72 12.24 -5.06
C LEU I 270 -40.10 11.74 -6.39
N PRO I 271 -40.81 12.06 -7.48
CA PRO I 271 -40.35 11.70 -8.79
C PRO I 271 -39.01 12.32 -9.09
N GLN I 272 -38.70 13.46 -8.45
CA GLN I 272 -37.53 14.26 -8.88
C GLN I 272 -36.31 13.78 -8.13
N LEU I 273 -36.44 12.77 -7.27
CA LEU I 273 -35.34 12.44 -6.34
C LEU I 273 -35.19 10.89 -6.28
N LEU I 274 -34.99 10.30 -7.47
CA LEU I 274 -34.99 8.86 -7.58
C LEU I 274 -33.63 8.25 -7.82
N PRO I 275 -32.72 9.05 -8.39
CA PRO I 275 -31.32 8.68 -8.52
C PRO I 275 -30.72 8.34 -7.12
N LEU I 276 -31.17 9.04 -6.10
CA LEU I 276 -30.52 8.89 -4.77
C LEU I 276 -31.07 7.71 -3.99
N LEU I 277 -31.76 6.78 -4.59
CA LEU I 277 -32.41 5.71 -3.87
C LEU I 277 -31.84 4.34 -4.24
N LYS I 278 -30.57 4.28 -4.66
CA LYS I 278 -29.91 3.04 -4.96
C LYS I 278 -29.24 2.45 -3.75
N HIS I 279 -28.62 3.29 -2.90
CA HIS I 279 -27.74 2.74 -1.86
C HIS I 279 -28.56 2.28 -0.69
N THR I 280 -29.82 2.70 -0.57
CA THR I 280 -30.69 2.21 0.49
C THR I 280 -31.61 1.08 0.00
N THR I 281 -31.79 0.95 -1.31
CA THR I 281 -32.31 -0.30 -1.88
C THR I 281 -31.40 -1.49 -1.60
N SER I 282 -30.11 -1.32 -1.95
CA SER I 282 -29.16 -2.42 -1.79
C SER I 282 -28.75 -2.67 -0.37
N TYR I 283 -28.82 -1.67 0.48
CA TYR I 283 -28.63 -1.90 1.93
C TYR I 283 -29.79 -2.77 2.43
N LEU I 284 -31.00 -2.39 2.01
CA LEU I 284 -32.17 -3.17 2.37
C LEU I 284 -32.04 -4.62 1.89
N HIS I 285 -31.50 -4.81 0.69
CA HIS I 285 -31.12 -6.18 0.24
C HIS I 285 -30.34 -6.93 1.29
N GLU I 286 -29.25 -6.31 1.77
CA GLU I 286 -28.40 -7.06 2.70
C GLU I 286 -29.03 -7.22 4.07
N VAL I 287 -29.64 -6.13 4.54
CA VAL I 287 -30.17 -6.14 5.91
C VAL I 287 -31.35 -7.09 6.04
N PHE I 288 -32.23 -7.14 5.03
CA PHE I 288 -33.40 -8.00 5.10
C PHE I 288 -32.98 -9.47 4.90
N GLU I 289 -32.19 -9.67 3.87
CA GLU I 289 -31.85 -11.06 3.51
C GLU I 289 -31.10 -11.73 4.66
N PHE I 290 -30.08 -11.07 5.21
CA PHE I 290 -29.24 -11.64 6.26
C PHE I 290 -30.09 -12.04 7.45
N TYR I 291 -31.04 -11.23 7.82
CA TYR I 291 -31.71 -11.35 9.13
C TYR I 291 -32.56 -12.63 9.19
N GLU I 292 -32.98 -13.07 7.98
CA GLU I 292 -33.83 -14.26 7.95
C GLU I 292 -33.13 -15.48 8.51
N GLU I 293 -31.86 -15.64 8.19
CA GLU I 293 -31.05 -16.78 8.56
C GLU I 293 -30.80 -16.84 10.08
N ILE I 294 -30.35 -15.69 10.61
CA ILE I 294 -29.87 -15.64 11.96
C ILE I 294 -31.06 -15.64 12.95
N LEU I 295 -32.10 -14.89 12.65
CA LEU I 295 -33.38 -15.00 13.39
C LEU I 295 -34.17 -16.23 13.03
N THR I 296 -33.68 -16.99 12.03
CA THR I 296 -34.43 -18.13 11.53
C THR I 296 -35.89 -17.85 11.29
N CYS I 297 -36.22 -16.65 10.81
CA CYS I 297 -37.64 -16.32 10.61
C CYS I 297 -37.84 -15.71 9.22
N ARG I 298 -38.60 -16.39 8.38
CA ARG I 298 -39.06 -15.77 7.13
C ARG I 298 -39.92 -14.55 7.49
N TYR I 299 -39.94 -13.58 6.58
CA TYR I 299 -40.91 -12.47 6.75
C TYR I 299 -42.16 -12.71 5.88
N PRO I 300 -43.31 -12.87 6.49
CA PRO I 300 -44.45 -13.49 5.80
C PRO I 300 -44.93 -12.56 4.67
N TYR I 301 -44.80 -11.25 4.85
CA TYR I 301 -45.51 -10.31 3.97
C TYR I 301 -44.71 -10.24 2.65
N SER I 302 -45.42 -10.25 1.52
CA SER I 302 -44.75 -10.70 0.28
C SER I 302 -43.95 -9.54 -0.32
N CYS I 303 -43.99 -8.37 0.32
CA CYS I 303 -43.30 -7.21 -0.25
C CYS I 303 -42.90 -6.25 0.85
N PHE I 304 -42.02 -5.30 0.51
CA PHE I 304 -41.36 -4.47 1.50
C PHE I 304 -41.08 -3.07 0.96
N LYS I 305 -42.00 -2.12 1.18
CA LYS I 305 -41.90 -0.84 0.46
C LYS I 305 -41.37 0.25 1.39
N THR I 306 -40.31 0.91 0.90
CA THR I 306 -39.69 1.95 1.77
C THR I 306 -39.81 3.34 1.17
N VAL I 307 -40.52 4.27 1.85
CA VAL I 307 -41.02 5.46 1.13
C VAL I 307 -40.52 6.74 1.85
N PHE I 308 -40.01 7.71 1.05
CA PHE I 308 -39.41 8.89 1.70
C PHE I 308 -40.40 10.06 1.69
N ILE I 309 -41.43 9.94 2.50
CA ILE I 309 -42.37 11.07 2.69
C ILE I 309 -41.64 12.36 3.01
N ASP I 310 -42.06 13.43 2.33
CA ASP I 310 -41.47 14.74 2.61
C ASP I 310 -41.99 15.35 3.89
N GLU I 311 -43.04 14.75 4.46
CA GLU I 311 -43.57 15.19 5.74
C GLU I 311 -43.63 14.06 6.76
N ALA I 312 -42.42 13.57 7.13
CA ALA I 312 -42.35 12.36 7.96
C ALA I 312 -41.21 12.51 9.00
N TYR I 313 -41.45 13.32 10.03
CA TYR I 313 -40.35 13.69 10.94
C TYR I 313 -40.62 13.10 12.32
N VAL I 314 -41.63 12.24 12.44
CA VAL I 314 -42.26 11.97 13.76
C VAL I 314 -41.15 11.50 14.73
N GLU I 315 -41.57 11.20 15.95
CA GLU I 315 -40.77 10.32 16.83
C GLU I 315 -41.63 9.30 17.56
N VAL I 316 -42.71 8.87 16.87
CA VAL I 316 -43.45 7.66 17.29
C VAL I 316 -43.72 6.86 15.99
N ALA I 317 -44.19 7.54 14.96
CA ALA I 317 -43.85 7.11 13.57
C ALA I 317 -42.47 7.70 13.17
N ALA I 318 -42.20 7.73 11.87
CA ALA I 318 -40.79 7.76 11.46
C ALA I 318 -40.21 9.18 11.57
N TYR I 319 -39.26 9.31 12.51
CA TYR I 319 -38.23 8.33 12.73
C TYR I 319 -37.61 7.73 11.51
N ALA I 320 -37.01 6.55 11.69
CA ALA I 320 -36.24 5.88 10.67
C ALA I 320 -37.04 4.70 10.05
N SER I 321 -37.91 4.09 10.86
CA SER I 321 -38.89 3.17 10.35
C SER I 321 -40.25 3.29 11.04
N MET I 322 -41.29 3.56 10.25
CA MET I 322 -42.65 3.29 10.72
C MET I 322 -43.09 1.90 10.22
N SER I 323 -43.83 1.20 11.05
CA SER I 323 -44.07 -0.24 10.76
C SER I 323 -45.49 -0.43 10.28
N ILE I 324 -45.99 0.38 9.36
CA ILE I 324 -47.23 0.02 8.63
C ILE I 324 -47.01 -1.20 7.75
N PHE I 325 -48.06 -1.85 7.34
CA PHE I 325 -47.94 -3.26 6.90
C PHE I 325 -47.11 -3.32 5.62
N SER I 326 -45.98 -4.05 5.67
CA SER I 326 -45.12 -4.18 4.49
C SER I 326 -44.93 -2.90 3.72
N THR I 327 -44.75 -1.80 4.45
CA THR I 327 -44.41 -0.50 3.87
C THR I 327 -43.63 0.32 4.94
N ASN I 328 -42.34 0.00 5.08
CA ASN I 328 -41.50 0.87 5.93
C ASN I 328 -41.55 2.33 5.48
N LEU I 329 -42.00 3.18 6.40
CA LEU I 329 -41.95 4.63 6.16
C LEU I 329 -40.70 5.23 6.80
N LEU I 330 -39.88 5.83 5.92
CA LEU I 330 -38.52 6.27 6.30
C LEU I 330 -38.40 7.81 6.20
N HIS I 331 -37.45 8.35 7.00
CA HIS I 331 -36.99 9.71 6.68
C HIS I 331 -36.01 9.60 5.51
N SER I 332 -35.53 10.72 4.98
CA SER I 332 -34.63 10.61 3.81
C SER I 332 -33.35 9.95 4.26
N ALA I 333 -32.37 10.73 4.68
CA ALA I 333 -31.05 10.20 5.10
C ALA I 333 -30.48 9.24 4.02
N MET I 334 -30.56 9.74 2.77
CA MET I 334 -30.34 8.83 1.63
C MET I 334 -28.89 8.37 1.59
N ILE I 335 -27.97 9.27 1.21
CA ILE I 335 -26.55 8.83 1.19
C ILE I 335 -25.78 9.61 2.24
N ILE I 336 -26.29 9.76 3.44
CA ILE I 336 -25.80 10.84 4.31
C ILE I 336 -24.64 10.36 5.18
N ASP I 337 -23.75 9.56 4.59
CA ASP I 337 -22.64 8.96 5.31
C ASP I 337 -23.12 8.21 6.55
N GLU I 338 -23.71 7.03 6.40
CA GLU I 338 -23.81 6.08 7.51
C GLU I 338 -22.58 5.18 7.52
N THR I 339 -22.12 4.75 8.68
CA THR I 339 -21.31 3.54 8.75
C THR I 339 -21.53 2.79 10.04
N PRO I 340 -21.58 3.43 11.17
CA PRO I 340 -22.25 2.85 12.35
C PRO I 340 -23.67 3.42 12.49
N LEU I 341 -23.86 4.68 12.15
CA LEU I 341 -25.01 5.40 12.79
C LEU I 341 -26.35 4.88 12.32
N THR I 342 -26.57 4.81 11.00
CA THR I 342 -27.83 4.28 10.45
C THR I 342 -27.72 2.82 10.11
N ARG I 343 -26.54 2.21 10.30
CA ARG I 343 -26.48 0.74 10.35
C ARG I 343 -27.00 0.19 11.70
N ARG I 344 -26.72 0.95 12.76
CA ARG I 344 -27.58 0.81 13.96
C ARG I 344 -29.02 1.03 13.59
N CYS I 345 -29.37 2.20 13.06
CA CYS I 345 -30.78 2.56 12.95
C CYS I 345 -31.59 1.54 12.20
N LEU I 346 -31.08 0.97 11.10
CA LEU I 346 -31.85 0.05 10.29
C LEU I 346 -31.69 -1.40 10.66
N ALA I 347 -30.95 -1.71 11.73
CA ALA I 347 -30.85 -3.07 12.27
C ALA I 347 -31.61 -3.13 13.61
N GLN I 348 -31.92 -1.97 14.17
CA GLN I 348 -32.91 -1.83 15.25
C GLN I 348 -34.30 -1.79 14.63
N SER I 349 -34.38 -1.22 13.42
CA SER I 349 -35.63 -1.23 12.70
C SER I 349 -36.12 -2.59 12.30
N LEU I 350 -35.26 -3.35 11.57
CA LEU I 350 -35.70 -4.65 11.03
C LEU I 350 -35.62 -5.73 12.11
N ALA I 351 -35.28 -5.35 13.32
CA ALA I 351 -35.55 -6.16 14.50
C ALA I 351 -37.02 -6.03 14.93
N GLN I 352 -37.59 -4.84 14.81
CA GLN I 352 -38.85 -4.57 15.48
C GLN I 352 -40.06 -5.03 14.63
N GLN I 353 -39.73 -5.73 13.56
CA GLN I 353 -40.73 -6.45 12.76
C GLN I 353 -40.94 -7.88 13.23
N PHE I 354 -40.06 -8.38 14.09
CA PHE I 354 -40.25 -9.69 14.70
C PHE I 354 -41.00 -9.63 16.01
N PHE I 355 -40.25 -9.83 17.11
CA PHE I 355 -40.76 -9.41 18.43
C PHE I 355 -41.38 -8.03 18.42
N GLY I 356 -42.71 -7.93 18.60
CA GLY I 356 -43.38 -6.62 18.53
C GLY I 356 -44.59 -6.70 17.58
N CYS I 357 -44.36 -7.25 16.39
CA CYS I 357 -45.42 -7.31 15.40
C CYS I 357 -45.74 -8.75 15.06
N PHE I 358 -44.71 -9.54 14.74
CA PHE I 358 -44.89 -10.97 14.53
C PHE I 358 -45.64 -11.64 15.68
N ILE I 359 -45.23 -11.29 16.89
CA ILE I 359 -45.74 -12.04 18.05
C ILE I 359 -46.42 -11.12 19.07
N SER I 360 -47.71 -10.84 18.76
CA SER I 360 -48.36 -9.67 19.38
C SER I 360 -48.72 -9.93 20.84
N ARG I 361 -47.84 -9.52 21.76
CA ARG I 361 -48.02 -9.85 23.16
C ARG I 361 -49.28 -9.21 23.72
N MET I 362 -49.84 -9.79 24.81
CA MET I 362 -51.11 -9.32 25.31
C MET I 362 -50.90 -8.52 26.58
N SER I 363 -49.64 -8.08 26.82
CA SER I 363 -49.42 -7.31 28.06
C SER I 363 -48.35 -6.22 27.85
N TRP I 364 -48.78 -4.98 28.15
CA TRP I 364 -47.88 -3.85 27.91
C TRP I 364 -46.96 -3.54 29.07
N SER I 365 -46.71 -4.54 29.95
CA SER I 365 -45.99 -4.29 31.19
C SER I 365 -44.63 -5.00 31.14
N ASP I 366 -44.51 -5.95 30.20
CA ASP I 366 -43.16 -6.40 29.76
C ASP I 366 -42.95 -5.89 28.32
N GLU I 367 -42.81 -4.55 28.19
CA GLU I 367 -42.38 -3.98 26.92
C GLU I 367 -40.87 -4.04 26.82
N TRP I 368 -40.18 -4.56 27.83
CA TRP I 368 -38.77 -4.78 27.76
C TRP I 368 -38.46 -6.05 26.99
N VAL I 369 -39.46 -6.90 26.75
CA VAL I 369 -39.29 -8.02 25.86
C VAL I 369 -39.13 -7.61 24.40
N LEU I 370 -39.84 -6.51 24.06
CA LEU I 370 -39.63 -5.84 22.78
C LEU I 370 -38.21 -5.28 22.73
N LYS I 371 -37.86 -4.39 23.68
CA LYS I 371 -36.82 -3.39 23.41
C LYS I 371 -35.46 -3.93 23.88
N GLY I 372 -35.49 -4.85 24.87
CA GLY I 372 -34.26 -5.55 25.26
C GLY I 372 -33.82 -6.57 24.24
N ILE I 373 -34.82 -7.25 23.64
CA ILE I 373 -34.49 -8.20 22.58
C ILE I 373 -34.10 -7.46 21.28
N SER I 374 -34.75 -6.34 21.05
CA SER I 374 -34.38 -5.48 19.90
C SER I 374 -32.96 -4.94 20.04
N GLY I 375 -32.57 -4.45 21.21
CA GLY I 375 -31.23 -3.88 21.37
C GLY I 375 -30.22 -5.04 21.13
N TYR I 376 -30.56 -6.20 21.71
CA TYR I 376 -29.61 -7.31 21.69
C TYR I 376 -29.33 -7.83 20.29
N ILE I 377 -30.35 -7.87 19.43
CA ILE I 377 -30.14 -8.34 18.05
C ILE I 377 -29.56 -7.29 17.15
N TYR I 378 -29.58 -6.00 17.57
CA TYR I 378 -28.72 -5.02 16.95
C TYR I 378 -27.22 -5.36 17.09
N GLY I 379 -26.81 -5.79 18.28
CA GLY I 379 -25.36 -5.92 18.59
C GLY I 379 -24.79 -7.14 17.90
N LEU I 380 -25.58 -8.21 17.78
CA LEU I 380 -25.09 -9.43 17.10
C LEU I 380 -24.94 -9.12 15.62
N TRP I 381 -25.96 -8.49 15.03
CA TRP I 381 -25.87 -8.20 13.58
C TRP I 381 -24.79 -7.18 13.27
N MET I 382 -24.68 -6.12 14.08
CA MET I 382 -23.59 -5.17 13.89
C MET I 382 -22.22 -5.86 13.89
N LYS I 383 -21.90 -6.60 14.94
CA LYS I 383 -20.56 -7.19 15.02
C LYS I 383 -20.44 -8.36 14.07
N LYS I 384 -21.55 -8.91 13.58
CA LYS I 384 -21.42 -9.96 12.57
C LYS I 384 -21.08 -9.41 11.22
N THR I 385 -21.94 -8.60 10.59
CA THR I 385 -21.81 -8.23 9.19
C THR I 385 -20.72 -7.19 9.04
N PHE I 386 -20.61 -6.29 10.04
CA PHE I 386 -19.46 -5.34 9.93
C PHE I 386 -18.46 -5.54 11.03
N GLY I 387 -17.43 -6.38 10.78
CA GLY I 387 -16.60 -6.90 11.87
C GLY I 387 -15.28 -6.09 11.95
N VAL I 388 -15.17 -5.04 11.15
CA VAL I 388 -13.91 -4.36 10.99
C VAL I 388 -13.80 -3.05 11.74
N ASN I 389 -14.96 -2.44 12.05
CA ASN I 389 -14.98 -1.42 13.12
C ASN I 389 -15.19 -2.02 14.49
N GLU I 390 -15.38 -3.36 14.52
CA GLU I 390 -15.24 -4.13 15.75
C GLU I 390 -16.21 -3.68 16.84
N TYR I 391 -17.45 -4.22 16.78
CA TYR I 391 -18.50 -3.64 17.59
C TYR I 391 -18.16 -3.95 19.08
N ARG I 392 -17.55 -5.12 19.23
CA ARG I 392 -17.34 -5.68 20.59
C ARG I 392 -16.77 -4.68 21.55
N HIS I 393 -15.84 -3.83 21.08
CA HIS I 393 -15.26 -2.80 21.93
C HIS I 393 -16.00 -1.48 21.91
N TRP I 394 -17.28 -1.52 21.54
CA TRP I 394 -18.13 -0.32 21.66
C TRP I 394 -19.35 -0.58 22.53
N ILE I 395 -19.67 -1.83 22.84
CA ILE I 395 -20.93 -2.11 23.52
C ILE I 395 -20.99 -1.43 24.86
N LYS I 396 -19.85 -1.15 25.50
CA LYS I 396 -19.86 -0.71 26.88
C LYS I 396 -20.10 0.78 27.03
N GLU I 397 -20.13 1.51 25.92
CA GLU I 397 -20.57 2.92 26.00
C GLU I 397 -22.06 2.94 26.38
N GLU I 398 -22.88 2.23 25.57
CA GLU I 398 -24.29 2.06 25.98
C GLU I 398 -24.43 1.48 27.39
N LEU I 399 -23.57 0.52 27.70
CA LEU I 399 -23.62 -0.10 29.03
C LEU I 399 -23.39 0.89 30.15
N ASP I 400 -22.54 1.90 29.89
CA ASP I 400 -22.02 2.69 31.04
C ASP I 400 -22.84 3.96 31.15
N LYS I 401 -23.51 4.32 30.03
CA LYS I 401 -24.35 5.52 30.13
C LYS I 401 -25.58 5.32 31.00
N ILE I 402 -26.14 4.09 30.99
CA ILE I 402 -27.26 3.80 31.86
C ILE I 402 -26.84 3.77 33.31
N VAL I 403 -25.52 3.57 33.53
CA VAL I 403 -25.03 3.60 34.93
C VAL I 403 -25.11 5.00 35.50
N ALA I 404 -24.81 5.97 34.62
CA ALA I 404 -24.85 7.38 35.04
C ALA I 404 -26.24 7.71 35.60
N TYR I 405 -27.29 7.21 34.91
CA TYR I 405 -28.65 7.50 35.34
C TYR I 405 -29.14 6.62 36.46
N GLU I 406 -28.51 5.47 36.67
CA GLU I 406 -28.86 4.62 37.79
C GLU I 406 -27.99 4.90 38.99
N LEU I 407 -27.13 5.95 38.92
CA LEU I 407 -26.48 6.40 40.16
C LEU I 407 -27.23 7.56 40.77
N LYS I 408 -28.55 7.54 40.72
CA LYS I 408 -29.32 8.73 41.07
C LYS I 408 -30.49 8.32 41.95
N THR I 409 -30.42 8.62 43.26
CA THR I 409 -31.54 8.28 44.16
C THR I 409 -31.83 9.38 45.18
N GLY I 410 -33.11 9.72 45.26
CA GLY I 410 -33.50 10.70 46.31
C GLY I 410 -34.15 11.94 45.72
N GLY I 411 -35.20 11.70 44.92
CA GLY I 411 -35.85 12.85 44.25
C GLY I 411 -35.42 12.83 42.78
N VAL I 412 -34.13 12.64 42.56
CA VAL I 412 -33.63 12.65 41.18
C VAL I 412 -32.65 11.46 41.02
N LEU I 413 -33.10 10.49 40.20
CA LEU I 413 -33.92 10.71 39.04
C LEU I 413 -34.22 9.43 38.32
N LEU I 414 -34.59 8.36 39.04
CA LEU I 414 -34.53 7.01 38.45
C LEU I 414 -35.92 6.35 38.36
N HIS I 415 -36.07 5.40 37.45
CA HIS I 415 -37.35 4.70 37.34
C HIS I 415 -37.22 3.20 37.28
N PRO I 416 -38.31 2.50 37.52
CA PRO I 416 -38.28 1.03 37.32
C PRO I 416 -38.32 0.72 35.82
N ILE I 417 -37.91 -0.51 35.46
CA ILE I 417 -38.22 -0.98 34.10
C ILE I 417 -39.53 -1.78 34.04
N PHE I 418 -39.65 -2.81 34.92
CA PHE I 418 -40.91 -3.52 35.03
C PHE I 418 -41.92 -2.68 35.81
N GLY I 419 -42.85 -2.09 35.10
CA GLY I 419 -43.77 -1.11 35.69
C GLY I 419 -45.18 -1.78 35.81
N GLY I 420 -45.40 -2.40 36.96
CA GLY I 420 -46.67 -3.17 37.14
C GLY I 420 -47.68 -2.28 37.86
N GLY I 421 -48.80 -2.01 37.15
CA GLY I 421 -49.84 -1.22 37.85
C GLY I 421 -50.52 -2.14 38.90
N LYS I 422 -50.09 -1.98 40.16
CA LYS I 422 -50.84 -2.65 41.25
C LYS I 422 -51.69 -1.64 42.03
N GLU I 423 -52.77 -2.14 42.56
CA GLU I 423 -53.66 -1.31 43.38
C GLU I 423 -52.97 -0.61 44.50
N LYS I 424 -52.01 -1.26 45.17
CA LYS I 424 -51.50 -0.73 46.42
C LYS I 424 -50.22 0.04 46.15
N ASP I 425 -50.07 0.54 44.92
CA ASP I 425 -48.80 1.22 44.59
C ASP I 425 -48.65 2.50 45.38
N ASN I 426 -47.97 2.36 46.55
CA ASN I 426 -47.85 3.50 47.45
C ASN I 426 -46.74 4.46 47.12
N PRO I 427 -45.64 3.93 46.55
CA PRO I 427 -44.57 4.78 46.09
C PRO I 427 -44.76 5.17 44.67
N ALA I 428 -45.46 6.28 44.39
CA ALA I 428 -45.41 6.89 43.07
C ALA I 428 -44.73 8.23 43.02
N SER I 429 -44.04 8.63 44.12
CA SER I 429 -43.33 9.93 44.06
C SER I 429 -42.40 10.00 42.86
N HIS I 430 -41.66 8.91 42.60
CA HIS I 430 -40.63 8.94 41.60
C HIS I 430 -41.13 8.28 40.28
N LEU I 431 -42.04 7.32 40.49
CA LEU I 431 -42.84 6.85 39.36
C LEU I 431 -44.11 7.73 39.21
N HIS I 432 -44.01 8.62 38.24
CA HIS I 432 -45.17 9.45 37.84
C HIS I 432 -45.86 8.82 36.63
N PHE I 433 -45.29 7.73 36.08
CA PHE I 433 -45.64 7.33 34.71
C PHE I 433 -46.23 5.96 34.62
N SER I 434 -46.72 5.40 35.75
CA SER I 434 -47.73 4.32 35.69
C SER I 434 -47.16 3.09 35.03
N ILE I 435 -47.98 2.41 34.20
CA ILE I 435 -48.03 2.71 32.79
C ILE I 435 -49.48 2.79 32.24
N LYS I 436 -50.01 4.02 32.18
CA LYS I 436 -51.46 4.14 32.06
C LYS I 436 -51.84 4.43 30.62
N HIS I 437 -51.94 5.70 30.26
CA HIS I 437 -52.33 6.02 28.88
C HIS I 437 -51.04 6.26 28.07
N PRO I 438 -51.03 5.73 26.82
CA PRO I 438 -50.77 6.62 25.69
C PRO I 438 -49.31 7.09 25.75
N HIS I 439 -49.07 8.19 26.45
CA HIS I 439 -47.75 8.83 26.36
C HIS I 439 -46.79 8.17 27.35
N THR I 440 -47.32 7.45 28.34
CA THR I 440 -46.43 6.67 29.19
C THR I 440 -45.89 5.43 28.53
N LEU I 441 -46.53 4.94 27.49
CA LEU I 441 -45.93 3.98 26.58
C LEU I 441 -44.89 4.61 25.65
N SER I 442 -45.22 5.83 25.21
CA SER I 442 -44.29 6.49 24.27
C SER I 442 -42.97 6.78 24.92
N TRP I 443 -42.99 6.96 26.24
CA TRP I 443 -41.80 7.53 26.91
C TRP I 443 -40.93 6.42 27.41
N GLU I 444 -41.32 5.17 27.16
CA GLU I 444 -40.42 4.04 27.45
C GLU I 444 -39.57 3.67 26.22
N TYR I 445 -39.24 4.68 25.40
CA TYR I 445 -38.00 4.61 24.61
C TYR I 445 -36.98 5.60 25.14
N TYR I 446 -37.08 5.97 26.42
CA TYR I 446 -36.00 6.74 27.06
C TYR I 446 -34.81 5.81 27.38
N SER I 447 -33.62 6.37 27.49
CA SER I 447 -32.42 5.54 27.40
C SER I 447 -32.36 4.43 28.42
N MET I 448 -32.85 4.71 29.63
CA MET I 448 -32.91 3.61 30.63
C MET I 448 -33.79 2.47 30.16
N PHE I 449 -34.89 2.81 29.45
CA PHE I 449 -35.85 1.75 29.12
C PHE I 449 -35.34 0.86 27.96
N GLN I 450 -34.63 1.48 27.03
CA GLN I 450 -33.91 0.71 26.01
C GLN I 450 -32.75 -0.10 26.60
N CYS I 451 -31.60 0.58 26.82
CA CYS I 451 -30.33 -0.10 26.97
C CYS I 451 -30.08 -0.62 28.37
N LYS I 452 -31.05 -0.52 29.28
CA LYS I 452 -31.09 -1.33 30.47
C LYS I 452 -31.93 -2.57 30.33
N ALA I 453 -33.01 -2.50 29.51
CA ALA I 453 -33.57 -3.75 28.93
C ALA I 453 -32.52 -4.48 28.13
N HIS I 454 -31.75 -3.76 27.27
CA HIS I 454 -30.64 -4.45 26.61
C HIS I 454 -29.73 -5.17 27.56
N LEU I 455 -29.27 -4.42 28.58
CA LEU I 455 -28.35 -4.97 29.59
C LEU I 455 -28.88 -6.21 30.28
N VAL I 456 -30.15 -6.21 30.63
CA VAL I 456 -30.67 -7.36 31.40
C VAL I 456 -30.86 -8.60 30.54
N MET I 457 -31.12 -8.36 29.23
CA MET I 457 -31.29 -9.48 28.31
C MET I 457 -29.91 -10.07 28.01
N ARG I 458 -28.85 -9.27 28.12
CA ARG I 458 -27.50 -9.82 27.85
C ARG I 458 -27.09 -10.68 29.03
N LEU I 459 -27.47 -10.26 30.23
CA LEU I 459 -27.16 -11.05 31.42
C LEU I 459 -27.89 -12.41 31.29
N ILE I 460 -29.21 -12.36 31.08
CA ILE I 460 -29.99 -13.57 31.23
C ILE I 460 -29.60 -14.61 30.18
N GLU I 461 -29.09 -14.17 29.05
CA GLU I 461 -28.46 -15.02 28.09
C GLU I 461 -27.39 -15.89 28.81
N ASN I 462 -26.46 -15.21 29.51
CA ASN I 462 -25.26 -15.89 30.02
C ASN I 462 -25.62 -16.93 31.05
N ARG I 463 -26.81 -16.73 31.65
CA ARG I 463 -27.29 -17.71 32.65
C ARG I 463 -28.06 -18.81 31.93
N ILE I 464 -28.90 -18.46 30.97
CA ILE I 464 -29.70 -19.50 30.31
C ILE I 464 -29.06 -19.92 28.96
N SER I 465 -27.79 -19.54 28.80
CA SER I 465 -27.03 -19.92 27.62
C SER I 465 -27.74 -19.47 26.36
N MET I 466 -27.08 -19.62 25.20
CA MET I 466 -27.41 -18.86 24.01
C MET I 466 -28.14 -19.74 22.98
N GLU I 467 -27.58 -20.94 22.82
CA GLU I 467 -28.30 -21.99 22.08
C GLU I 467 -29.68 -22.28 22.58
N PHE I 468 -29.84 -22.28 23.92
CA PHE I 468 -31.18 -22.49 24.49
C PHE I 468 -32.14 -21.36 24.27
N MET I 469 -31.62 -20.11 24.43
CA MET I 469 -32.57 -18.98 24.20
C MET I 469 -32.83 -18.77 22.69
N LEU I 470 -31.98 -19.38 21.86
CA LEU I 470 -32.22 -19.47 20.43
C LEU I 470 -33.47 -20.35 20.18
N GLN I 471 -33.43 -21.55 20.67
CA GLN I 471 -34.61 -22.44 20.50
C GLN I 471 -35.88 -21.78 21.09
N VAL I 472 -35.74 -20.99 22.13
CA VAL I 472 -36.86 -20.25 22.67
C VAL I 472 -37.48 -19.29 21.68
N PHE I 473 -36.71 -18.36 21.15
CA PHE I 473 -37.36 -17.26 20.41
C PHE I 473 -37.74 -17.67 19.00
N ASN I 474 -37.09 -18.74 18.52
CA ASN I 474 -37.44 -19.31 17.22
C ASN I 474 -38.76 -20.09 17.25
N LYS I 475 -39.07 -20.71 18.39
CA LYS I 475 -40.40 -21.31 18.54
C LYS I 475 -41.51 -20.29 18.74
N LEU I 476 -41.12 -19.24 19.51
CA LEU I 476 -42.11 -18.19 19.82
C LEU I 476 -42.63 -17.52 18.57
N LEU I 477 -41.75 -17.27 17.59
CA LEU I 477 -42.19 -16.66 16.33
C LEU I 477 -43.09 -17.51 15.51
N SER I 478 -42.95 -18.83 15.57
CA SER I 478 -43.70 -19.73 14.68
C SER I 478 -44.60 -20.62 15.49
N LEU I 479 -44.91 -20.24 16.72
CA LEU I 479 -45.91 -20.98 17.51
C LEU I 479 -47.32 -20.44 17.33
N ALA I 480 -48.23 -21.35 16.94
CA ALA I 480 -49.48 -20.98 16.27
C ALA I 480 -50.61 -21.04 17.29
N SER I 481 -51.44 -19.99 17.21
CA SER I 481 -52.64 -19.92 18.06
C SER I 481 -53.88 -19.99 17.18
N THR I 482 -54.56 -21.14 17.16
CA THR I 482 -55.59 -21.41 16.16
C THR I 482 -56.97 -21.17 16.80
N ALA I 483 -57.98 -21.02 15.93
CA ALA I 483 -59.35 -21.07 16.43
C ALA I 483 -60.20 -22.07 15.67
N SER I 484 -60.89 -22.95 16.41
CA SER I 484 -61.44 -24.14 15.75
C SER I 484 -62.82 -24.43 16.25
N SER I 485 -63.84 -24.38 15.37
CA SER I 485 -65.21 -24.69 15.85
C SER I 485 -65.77 -25.90 15.14
N GLN I 486 -66.91 -26.40 15.59
CA GLN I 486 -67.33 -27.79 15.29
C GLN I 486 -68.10 -27.83 13.97
N LYS I 487 -68.24 -26.67 13.34
CA LYS I 487 -68.60 -26.61 11.90
C LYS I 487 -67.36 -26.21 11.10
N PHE I 488 -66.18 -26.68 11.53
CA PHE I 488 -65.03 -26.70 10.66
C PHE I 488 -64.51 -25.32 10.24
N GLN I 489 -64.58 -24.33 11.14
CA GLN I 489 -64.13 -22.97 10.79
C GLN I 489 -62.71 -22.68 11.33
N SER I 490 -61.70 -22.80 10.44
CA SER I 490 -60.28 -22.79 10.88
C SER I 490 -59.73 -21.35 10.87
N HIS I 491 -59.38 -20.91 12.05
CA HIS I 491 -58.84 -19.53 12.18
C HIS I 491 -57.37 -19.60 12.57
N MET I 492 -56.62 -18.56 12.18
CA MET I 492 -55.17 -18.63 12.42
C MET I 492 -54.62 -17.33 12.93
N TRP I 493 -53.99 -17.36 14.12
CA TRP I 493 -53.43 -16.13 14.71
C TRP I 493 -52.01 -16.30 15.22
N SER I 494 -51.03 -15.97 14.37
CA SER I 494 -49.65 -15.73 14.80
C SER I 494 -48.83 -15.20 13.61
N GLN I 495 -48.62 -13.87 13.57
CA GLN I 495 -49.43 -12.97 12.75
C GLN I 495 -50.86 -12.95 13.33
N MET I 496 -50.90 -12.81 14.65
CA MET I 496 -52.11 -13.19 15.40
C MET I 496 -51.75 -13.46 16.86
N LEU I 497 -52.65 -13.26 17.79
CA LEU I 497 -52.29 -12.92 19.18
C LEU I 497 -51.38 -13.92 19.84
N VAL I 498 -50.40 -13.42 20.60
CA VAL I 498 -49.62 -14.37 21.43
C VAL I 498 -49.44 -13.73 22.82
N SER I 499 -49.18 -14.59 23.83
CA SER I 499 -49.19 -14.05 25.19
C SER I 499 -47.84 -14.05 25.83
N THR I 500 -47.67 -13.16 26.83
CA THR I 500 -46.40 -12.95 27.50
C THR I 500 -46.35 -13.82 28.77
N SER I 501 -47.51 -14.34 29.18
CA SER I 501 -47.55 -15.23 30.36
C SER I 501 -46.87 -16.56 30.03
N GLY I 502 -47.05 -16.96 28.77
CA GLY I 502 -46.50 -18.25 28.31
C GLY I 502 -45.08 -18.03 27.80
N PHE I 503 -44.70 -16.76 27.57
CA PHE I 503 -43.28 -16.46 27.29
C PHE I 503 -42.45 -16.74 28.51
N LEU I 504 -42.80 -16.04 29.61
CA LEU I 504 -42.23 -16.37 30.91
C LEU I 504 -42.03 -17.85 31.10
N LYS I 505 -43.09 -18.62 30.91
CA LYS I 505 -43.05 -20.05 31.23
C LYS I 505 -42.06 -20.77 30.28
N SER I 506 -42.12 -20.42 28.99
CA SER I 506 -41.28 -21.16 28.03
C SER I 506 -39.83 -21.02 28.36
N ILE I 507 -39.33 -19.80 28.53
CA ILE I 507 -37.89 -19.70 28.89
C ILE I 507 -37.61 -20.36 30.22
N SER I 508 -38.49 -20.20 31.18
CA SER I 508 -38.35 -20.90 32.48
C SER I 508 -38.17 -22.37 32.29
N ASN I 509 -38.94 -23.02 31.42
CA ASN I 509 -38.82 -24.45 31.26
C ASN I 509 -37.47 -24.85 30.68
N VAL I 510 -37.04 -24.13 29.63
CA VAL I 510 -35.78 -24.45 28.98
C VAL I 510 -34.59 -24.36 29.92
N SER I 511 -34.42 -23.18 30.52
CA SER I 511 -33.14 -22.78 31.13
C SER I 511 -33.40 -21.81 32.25
N GLY I 512 -32.64 -21.97 33.37
CA GLY I 512 -32.46 -20.88 34.34
C GLY I 512 -33.11 -21.26 35.71
N LYS I 513 -32.61 -20.60 36.73
CA LYS I 513 -33.21 -20.76 38.06
C LYS I 513 -34.10 -19.59 38.38
N ASP I 514 -34.01 -19.06 39.61
CA ASP I 514 -34.86 -17.99 40.05
C ASP I 514 -34.68 -16.70 39.29
N ILE I 515 -35.64 -16.30 38.46
CA ILE I 515 -35.50 -15.06 37.65
C ILE I 515 -36.42 -14.00 38.24
N GLN I 516 -37.30 -14.34 39.16
CA GLN I 516 -38.09 -13.38 39.88
C GLN I 516 -37.28 -12.46 40.80
N PRO I 517 -36.42 -13.05 41.66
CA PRO I 517 -35.47 -12.24 42.40
C PRO I 517 -34.57 -11.41 41.50
N LEU I 518 -33.90 -12.05 40.53
CA LEU I 518 -32.80 -11.34 39.85
C LEU I 518 -33.37 -10.10 39.16
N ILE I 519 -34.46 -10.28 38.44
CA ILE I 519 -35.10 -9.16 37.73
C ILE I 519 -35.72 -8.15 38.65
N LYS I 520 -35.98 -8.56 39.92
CA LYS I 520 -36.54 -7.61 40.88
C LYS I 520 -35.54 -6.55 41.32
N GLN I 521 -34.25 -6.98 41.27
CA GLN I 521 -33.18 -6.06 41.66
C GLN I 521 -32.59 -5.40 40.40
N TRP I 522 -33.39 -5.34 39.32
CA TRP I 522 -33.10 -4.36 38.27
C TRP I 522 -34.11 -3.24 38.26
N VAL I 523 -35.31 -3.48 38.84
CA VAL I 523 -36.40 -2.53 38.62
C VAL I 523 -36.73 -1.77 39.86
N ASP I 524 -36.50 -2.37 41.04
CA ASP I 524 -37.08 -1.78 42.26
C ASP I 524 -36.07 -0.94 43.03
N GLN I 525 -35.36 -1.51 44.00
CA GLN I 525 -34.61 -0.62 44.92
C GLN I 525 -33.18 -1.15 45.03
N SER I 526 -32.57 -1.48 43.87
CA SER I 526 -31.39 -2.35 43.92
C SER I 526 -30.32 -1.84 42.97
N GLY I 527 -29.18 -2.54 43.01
CA GLY I 527 -27.97 -1.98 42.34
C GLY I 527 -27.09 -1.30 43.39
N VAL I 528 -25.82 -1.10 43.08
CA VAL I 528 -24.91 -0.53 44.10
C VAL I 528 -24.27 0.74 43.64
N VAL I 529 -23.70 1.53 44.57
CA VAL I 529 -22.77 2.60 44.17
C VAL I 529 -21.31 2.14 44.20
N LYS I 530 -20.70 2.03 45.36
CA LYS I 530 -19.23 2.21 45.42
C LYS I 530 -18.64 0.90 45.96
N PHE I 531 -17.48 0.53 45.37
CA PHE I 531 -16.76 -0.67 45.84
C PHE I 531 -15.46 -0.20 46.50
N TYR I 532 -15.33 -0.46 47.79
CA TYR I 532 -14.10 -0.09 48.49
C TYR I 532 -12.98 -1.11 48.27
N GLY I 533 -11.83 -0.62 47.83
CA GLY I 533 -10.68 -1.50 47.67
C GLY I 533 -9.64 -1.14 48.73
N SER I 534 -9.12 -2.20 49.42
CA SER I 534 -7.82 -2.02 50.09
C SER I 534 -6.92 -3.21 49.85
N PHE I 535 -5.61 -3.03 50.00
CA PHE I 535 -4.64 -4.00 49.45
C PHE I 535 -3.66 -4.48 50.52
N ALA I 536 -3.17 -5.71 50.42
CA ALA I 536 -1.90 -6.02 51.11
C ALA I 536 -1.03 -6.97 50.28
N PHE I 537 0.21 -7.18 50.77
CA PHE I 537 1.06 -8.23 50.21
C PHE I 537 2.16 -8.61 51.23
N ASN I 538 2.08 -9.86 51.73
CA ASN I 538 3.00 -10.19 52.85
C ASN I 538 4.18 -10.98 52.31
N ARG I 539 5.37 -10.56 52.71
CA ARG I 539 6.56 -11.18 52.09
C ARG I 539 6.72 -12.60 52.53
N LYS I 540 6.59 -12.82 53.85
CA LYS I 540 7.02 -14.15 54.38
C LYS I 540 6.29 -15.30 53.74
N ARG I 541 4.97 -15.10 53.51
CA ARG I 541 4.08 -16.17 53.07
C ARG I 541 4.00 -16.27 51.55
N ASN I 542 4.32 -15.18 50.86
CA ASN I 542 3.85 -14.94 49.48
C ASN I 542 2.36 -15.12 49.34
N VAL I 543 1.59 -14.43 50.18
CA VAL I 543 0.14 -14.45 50.00
C VAL I 543 -0.37 -13.02 49.84
N LEU I 544 -1.06 -12.76 48.70
CA LEU I 544 -1.33 -11.40 48.33
C LEU I 544 -2.84 -11.10 48.59
N GLU I 545 -3.09 -10.36 49.67
CA GLU I 545 -4.42 -10.37 50.31
C GLU I 545 -5.24 -9.13 50.00
N LEU I 546 -6.47 -9.37 49.57
CA LEU I 546 -7.31 -8.24 49.06
C LEU I 546 -8.52 -8.04 50.01
N GLU I 547 -8.89 -6.77 50.23
CA GLU I 547 -10.03 -6.53 51.08
C GLU I 547 -11.06 -5.61 50.40
N ILE I 548 -12.11 -6.26 49.84
CA ILE I 548 -13.04 -5.52 49.03
C ILE I 548 -14.37 -5.38 49.74
N LYS I 549 -14.70 -4.17 50.25
CA LYS I 549 -16.07 -3.97 50.78
C LYS I 549 -16.94 -3.39 49.64
N GLN I 550 -18.20 -3.18 49.96
CA GLN I 550 -19.09 -2.50 49.01
C GLN I 550 -20.22 -1.75 49.72
N ASP I 551 -20.70 -0.66 49.09
CA ASP I 551 -21.37 0.41 49.83
C ASP I 551 -22.35 1.18 48.92
N TYR I 552 -23.56 1.43 49.45
CA TYR I 552 -24.69 1.91 48.66
C TYR I 552 -25.54 2.87 49.46
N THR I 553 -25.36 4.17 49.21
CA THR I 553 -26.08 5.17 49.97
C THR I 553 -27.46 5.37 49.37
N SER I 554 -28.42 4.70 50.04
CA SER I 554 -29.84 5.00 49.70
C SER I 554 -30.79 4.30 50.66
N PRO I 555 -31.98 4.83 50.83
CA PRO I 555 -33.05 4.03 51.41
C PRO I 555 -33.27 2.71 50.70
N GLY I 556 -33.19 1.59 51.46
CA GLY I 556 -33.53 0.31 50.89
C GLY I 556 -32.27 -0.34 50.33
N THR I 557 -31.23 -0.39 51.18
CA THR I 557 -29.93 -0.84 50.69
C THR I 557 -29.67 -2.27 51.13
N GLN I 558 -28.98 -3.03 50.26
CA GLN I 558 -28.69 -4.42 50.56
C GLN I 558 -27.26 -4.80 50.26
N LYS I 559 -26.95 -6.09 50.29
CA LYS I 559 -25.66 -6.55 49.71
C LYS I 559 -25.95 -7.20 48.37
N TYR I 560 -25.10 -6.99 47.39
CA TYR I 560 -25.45 -7.39 46.01
C TYR I 560 -24.30 -8.24 45.45
N VAL I 561 -24.67 -9.18 44.57
CA VAL I 561 -23.73 -9.81 43.64
C VAL I 561 -23.25 -8.78 42.59
N GLY I 562 -21.93 -8.73 42.38
CA GLY I 562 -21.47 -8.25 41.05
C GLY I 562 -20.05 -8.76 40.80
N PRO I 563 -19.95 -9.74 39.90
CA PRO I 563 -18.67 -10.40 39.59
C PRO I 563 -17.55 -9.38 39.35
N LEU I 564 -16.67 -9.34 40.36
CA LEU I 564 -15.67 -8.26 40.41
C LEU I 564 -14.25 -8.81 40.26
N LYS I 565 -13.72 -8.74 39.04
CA LYS I 565 -12.47 -9.46 38.77
C LYS I 565 -11.24 -8.61 39.00
N VAL I 566 -10.17 -9.30 39.44
CA VAL I 566 -8.88 -8.60 39.58
C VAL I 566 -7.73 -9.44 39.00
N THR I 567 -6.83 -8.80 38.27
CA THR I 567 -5.72 -9.50 37.62
C THR I 567 -4.37 -8.84 37.96
N VAL I 568 -3.61 -9.55 38.77
CA VAL I 568 -2.39 -8.92 39.34
C VAL I 568 -1.25 -9.08 38.31
N GLN I 569 -0.38 -8.06 38.32
CA GLN I 569 0.63 -7.99 37.28
C GLN I 569 2.00 -7.93 37.90
N GLU I 570 2.87 -8.93 37.62
CA GLU I 570 4.10 -9.10 38.39
C GLU I 570 5.07 -7.92 38.09
N LEU I 571 6.38 -8.22 38.14
CA LEU I 571 7.34 -7.11 38.00
C LEU I 571 7.23 -6.46 36.62
N ASP I 572 7.04 -7.32 35.62
CA ASP I 572 6.96 -6.85 34.22
C ASP I 572 5.54 -7.06 33.65
N GLY I 573 4.54 -6.80 34.46
CA GLY I 573 3.13 -6.90 33.99
C GLY I 573 2.83 -8.21 33.31
N SER I 574 3.28 -9.34 33.89
CA SER I 574 3.23 -10.64 33.25
C SER I 574 2.47 -11.64 34.16
N PHE I 575 1.46 -11.14 34.88
CA PHE I 575 0.76 -11.94 35.86
C PHE I 575 -0.57 -12.49 35.36
N ASN I 576 -1.51 -12.55 36.33
CA ASN I 576 -2.76 -13.29 36.13
C ASN I 576 -3.77 -12.85 37.22
N HIS I 577 -4.91 -13.52 37.26
CA HIS I 577 -5.78 -13.43 38.41
C HIS I 577 -7.16 -14.09 38.15
N THR I 578 -8.23 -13.35 38.42
CA THR I 578 -9.51 -14.03 38.71
C THR I 578 -10.30 -13.27 39.75
N LEU I 579 -10.26 -13.73 41.01
CA LEU I 579 -11.11 -13.12 42.05
C LEU I 579 -12.58 -13.35 41.82
N GLN I 580 -13.40 -12.86 42.76
CA GLN I 580 -14.85 -12.96 42.62
C GLN I 580 -15.61 -11.91 43.41
N ILE I 581 -15.34 -11.81 44.69
CA ILE I 581 -15.96 -10.82 45.53
C ILE I 581 -17.40 -10.51 45.21
N GLU I 582 -18.31 -11.01 46.06
CA GLU I 582 -19.74 -10.75 45.84
C GLU I 582 -20.53 -10.62 47.14
N GLU I 583 -19.76 -10.60 48.24
CA GLU I 583 -20.38 -10.23 49.54
C GLU I 583 -19.89 -8.85 49.98
N ASN I 584 -20.69 -8.30 50.92
CA ASN I 584 -20.56 -6.91 51.32
C ASN I 584 -19.16 -6.56 51.80
N SER I 585 -18.68 -7.34 52.80
CA SER I 585 -17.35 -7.10 53.30
C SER I 585 -16.53 -8.39 53.29
N LEU I 586 -15.66 -8.44 52.26
CA LEU I 586 -14.99 -9.72 51.97
C LEU I 586 -13.48 -9.54 52.01
N LYS I 587 -12.74 -10.53 52.47
CA LYS I 587 -11.26 -10.47 52.46
C LYS I 587 -10.78 -11.79 51.80
N HIS I 588 -10.17 -11.63 50.62
CA HIS I 588 -9.96 -12.78 49.74
C HIS I 588 -8.46 -13.04 49.49
N ASP I 589 -8.09 -14.31 49.45
CA ASP I 589 -6.72 -14.77 49.73
C ASP I 589 -6.14 -15.34 48.41
N ILE I 590 -5.03 -14.74 47.95
CA ILE I 590 -4.62 -15.02 46.57
C ILE I 590 -3.21 -15.66 46.63
N PRO I 591 -3.14 -16.94 46.31
CA PRO I 591 -2.08 -17.83 46.71
C PRO I 591 -0.73 -17.51 46.08
N CYS I 592 0.31 -18.33 46.38
CA CYS I 592 1.68 -17.97 46.16
C CYS I 592 1.95 -17.87 44.64
N HIS I 593 1.41 -16.80 44.07
CA HIS I 593 1.57 -16.63 42.63
C HIS I 593 2.70 -15.71 42.28
N SER I 594 3.85 -15.85 42.99
CA SER I 594 5.09 -15.23 42.47
C SER I 594 5.27 -15.60 41.01
N LYS I 595 5.12 -16.87 40.65
CA LYS I 595 5.19 -17.21 39.22
C LYS I 595 3.75 -17.32 38.70
N SER I 596 3.43 -16.59 37.62
CA SER I 596 2.08 -16.55 37.10
C SER I 596 1.58 -17.92 36.64
N ARG I 597 0.25 -18.05 36.48
CA ARG I 597 -0.24 -19.23 35.78
C ARG I 597 0.29 -19.32 34.34
N ARG I 598 0.38 -18.20 33.65
CA ARG I 598 1.16 -18.14 32.44
C ARG I 598 2.67 -17.93 32.70
N ASN I 599 3.28 -18.87 33.41
CA ASN I 599 4.67 -18.65 33.88
C ASN I 599 5.59 -18.52 32.66
N LYS I 600 5.37 -19.42 31.66
CA LYS I 600 6.15 -19.35 30.46
C LYS I 600 5.33 -19.51 29.22
N LYS I 601 4.47 -18.57 28.96
CA LYS I 601 3.86 -18.37 27.64
C LYS I 601 4.87 -17.68 26.70
N LYS I 602 4.77 -16.34 26.63
CA LYS I 602 6.01 -15.52 26.80
C LYS I 602 5.77 -14.39 27.83
N LYS I 603 4.84 -14.61 28.74
CA LYS I 603 4.63 -13.65 29.81
C LYS I 603 5.85 -13.44 30.67
N ILE I 604 6.18 -14.38 31.56
CA ILE I 604 7.39 -14.28 32.31
C ILE I 604 8.47 -15.22 31.85
N PRO I 605 8.83 -15.05 30.56
CA PRO I 605 10.23 -14.76 30.27
C PRO I 605 10.48 -13.27 30.03
N LEU I 606 9.65 -12.45 30.67
CA LEU I 606 9.93 -11.03 30.71
C LEU I 606 10.62 -10.54 31.96
N MET I 607 10.05 -10.88 33.13
CA MET I 607 10.81 -10.82 34.40
C MET I 607 11.90 -11.91 34.44
N ASN I 608 11.62 -12.98 33.72
CA ASN I 608 12.66 -13.96 33.39
C ASN I 608 13.43 -13.58 32.17
N GLY I 609 13.24 -12.34 31.69
CA GLY I 609 14.25 -11.73 30.80
C GLY I 609 15.62 -11.68 31.52
N GLU I 610 15.88 -10.59 32.24
CA GLU I 610 16.95 -10.64 33.26
C GLU I 610 16.54 -9.84 34.49
N GLU I 611 15.22 -9.84 34.79
CA GLU I 611 14.74 -9.06 35.90
C GLU I 611 14.19 -9.97 37.03
N VAL I 612 14.67 -11.22 37.01
CA VAL I 612 14.39 -12.10 38.16
C VAL I 612 15.46 -11.95 39.25
N ASP I 613 16.69 -11.62 38.83
CA ASP I 613 17.82 -11.77 39.71
C ASP I 613 18.59 -10.45 39.80
N MET I 614 18.83 -9.84 38.62
CA MET I 614 19.33 -8.49 38.59
C MET I 614 18.42 -7.48 39.33
N ASP I 615 17.12 -7.49 38.95
CA ASP I 615 16.16 -6.83 39.80
C ASP I 615 15.43 -7.82 40.75
N LEU I 616 16.24 -8.64 41.47
CA LEU I 616 15.86 -9.16 42.77
C LEU I 616 16.21 -8.17 43.87
N SER I 617 17.07 -7.19 43.55
CA SER I 617 17.17 -6.02 44.43
C SER I 617 15.83 -5.30 44.53
N ALA I 618 14.98 -5.38 43.51
CA ALA I 618 13.71 -4.66 43.59
C ALA I 618 12.58 -5.62 43.27
N MET I 619 12.79 -6.94 43.47
CA MET I 619 11.63 -7.82 43.72
C MET I 619 11.64 -8.37 45.11
N ASP I 620 12.82 -8.74 45.62
CA ASP I 620 12.96 -9.07 47.04
C ASP I 620 12.71 -7.88 47.93
N ALA I 621 12.85 -6.67 47.44
CA ALA I 621 12.12 -5.51 48.03
C ALA I 621 10.73 -5.51 47.42
N ASP I 622 9.78 -6.18 48.12
CA ASP I 622 8.43 -6.25 47.59
C ASP I 622 7.60 -4.99 47.95
N SER I 623 8.29 -3.96 48.37
CA SER I 623 7.61 -2.69 48.71
C SER I 623 6.83 -2.14 47.53
N PRO I 624 7.34 -2.26 46.31
CA PRO I 624 6.51 -2.34 45.10
C PRO I 624 5.86 -3.73 44.97
N LEU I 625 4.69 -3.84 45.57
CA LEU I 625 4.02 -5.14 45.57
C LEU I 625 3.40 -5.53 44.26
N LEU I 626 2.90 -6.75 44.13
CA LEU I 626 2.34 -7.18 42.88
C LEU I 626 1.12 -6.34 42.47
N TRP I 627 1.16 -5.79 41.24
CA TRP I 627 0.28 -4.61 41.04
C TRP I 627 -1.10 -5.04 40.62
N ILE I 628 -2.05 -4.93 41.56
CA ILE I 628 -3.37 -5.57 41.40
C ILE I 628 -4.33 -4.75 40.58
N ARG I 629 -4.37 -4.95 39.24
CA ARG I 629 -5.28 -4.09 38.47
C ARG I 629 -6.73 -4.37 38.81
N ILE I 630 -7.53 -3.29 38.74
CA ILE I 630 -8.88 -3.35 39.35
C ILE I 630 -9.97 -3.30 38.25
N ASP I 631 -10.96 -4.17 38.40
CA ASP I 631 -12.08 -4.19 37.45
C ASP I 631 -11.65 -4.15 36.01
N PRO I 632 -11.33 -5.36 35.48
CA PRO I 632 -11.31 -5.56 34.02
C PRO I 632 -12.62 -5.11 33.41
N ASP I 633 -12.63 -4.85 32.09
CA ASP I 633 -13.83 -4.77 31.32
C ASP I 633 -15.06 -4.26 32.05
N MET I 634 -14.92 -3.19 32.84
CA MET I 634 -16.07 -2.73 33.66
C MET I 634 -16.89 -3.87 34.21
N SER I 635 -16.20 -4.85 34.79
CA SER I 635 -16.78 -6.10 35.20
C SER I 635 -17.93 -5.96 36.19
N VAL I 636 -17.91 -4.95 37.04
CA VAL I 636 -19.05 -4.54 37.87
C VAL I 636 -19.18 -3.01 37.84
N LEU I 637 -20.40 -2.53 37.69
CA LEU I 637 -20.64 -1.20 37.07
C LEU I 637 -20.61 -0.09 38.15
N ARG I 638 -19.55 -0.10 38.98
CA ARG I 638 -19.60 0.62 40.27
C ARG I 638 -18.65 1.84 40.18
N LYS I 639 -18.63 2.61 41.24
CA LYS I 639 -17.52 3.56 41.44
C LYS I 639 -16.44 2.98 42.38
N VAL I 640 -15.23 2.90 41.81
CA VAL I 640 -14.16 2.23 42.59
C VAL I 640 -13.52 3.25 43.54
N GLU I 641 -13.14 2.76 44.73
CA GLU I 641 -12.39 3.56 45.66
C GLU I 641 -11.03 2.98 45.99
N PHE I 642 -10.00 3.28 45.19
CA PHE I 642 -8.80 2.44 45.24
C PHE I 642 -7.50 3.28 45.19
N GLU I 643 -6.96 3.56 46.39
CA GLU I 643 -5.79 4.42 46.51
C GLU I 643 -4.68 3.98 45.58
N GLN I 644 -3.84 4.92 45.14
CA GLN I 644 -2.63 4.58 44.43
C GLN I 644 -2.95 3.78 43.17
N ALA I 645 -3.30 4.47 42.10
CA ALA I 645 -3.96 3.72 40.99
C ALA I 645 -3.28 3.95 39.65
N ASP I 646 -2.16 4.66 39.66
CA ASP I 646 -1.53 5.04 38.37
C ASP I 646 -1.07 3.76 37.62
N PHE I 647 -0.36 2.89 38.34
CA PHE I 647 0.16 1.68 37.66
C PHE I 647 -1.00 0.81 37.12
N MET I 648 -2.08 0.76 37.86
CA MET I 648 -3.21 -0.08 37.47
C MET I 648 -3.79 0.38 36.15
N TRP I 649 -3.87 1.68 35.96
CA TRP I 649 -4.41 2.26 34.71
C TRP I 649 -3.47 1.98 33.57
N GLN I 650 -2.15 2.16 33.78
CA GLN I 650 -1.19 1.87 32.74
C GLN I 650 -1.31 0.40 32.29
N TYR I 651 -1.31 -0.52 33.29
CA TYR I 651 -1.26 -1.95 32.99
C TYR I 651 -2.48 -2.39 32.22
N GLN I 652 -3.58 -1.67 32.45
CA GLN I 652 -4.81 -1.95 31.68
C GLN I 652 -4.81 -1.32 30.32
N LEU I 653 -4.01 -0.24 30.20
CA LEU I 653 -3.86 0.44 28.91
C LEU I 653 -3.01 -0.39 27.94
N ARG I 654 -1.98 -1.02 28.54
CA ARG I 654 -1.00 -1.71 27.66
C ARG I 654 -1.49 -3.14 27.42
N TYR I 655 -1.78 -3.88 28.52
CA TYR I 655 -1.70 -5.35 28.41
C TYR I 655 -3.08 -5.99 28.44
N GLU I 656 -4.13 -5.19 28.64
CA GLU I 656 -5.47 -5.73 28.58
C GLU I 656 -5.90 -6.08 27.14
N ARG I 657 -6.56 -7.24 26.98
CA ARG I 657 -6.91 -7.71 25.64
C ARG I 657 -8.31 -7.19 25.23
N ASP I 658 -9.15 -6.89 26.22
CA ASP I 658 -10.48 -6.33 25.88
C ASP I 658 -10.43 -4.80 26.07
N VAL I 659 -10.84 -4.08 25.02
CA VAL I 659 -10.74 -2.65 25.06
C VAL I 659 -11.84 -1.96 25.81
N VAL I 660 -12.89 -2.67 26.20
CA VAL I 660 -13.86 -2.13 27.19
C VAL I 660 -13.14 -1.68 28.44
N ALA I 661 -12.16 -2.49 28.88
CA ALA I 661 -11.35 -2.00 30.02
C ALA I 661 -10.64 -0.71 29.67
N GLN I 662 -9.90 -0.75 28.59
CA GLN I 662 -8.98 0.36 28.27
C GLN I 662 -9.63 1.71 28.26
N GLN I 663 -10.77 1.81 27.59
CA GLN I 663 -11.42 3.12 27.39
C GLN I 663 -11.90 3.68 28.75
N GLU I 664 -12.15 2.72 29.66
CA GLU I 664 -12.48 3.14 31.05
C GLU I 664 -11.23 3.36 31.90
N SER I 665 -10.11 2.74 31.50
CA SER I 665 -8.87 2.91 32.27
C SER I 665 -8.23 4.24 31.90
N ILE I 666 -8.56 4.78 30.74
CA ILE I 666 -8.16 6.10 30.37
C ILE I 666 -9.18 7.17 30.65
N LEU I 667 -10.44 6.81 30.91
CA LEU I 667 -11.32 7.77 31.64
C LEU I 667 -10.79 7.97 33.06
N ALA I 668 -10.16 6.95 33.63
CA ALA I 668 -9.67 7.07 35.02
C ALA I 668 -8.28 7.71 35.02
N LEU I 669 -7.47 7.38 34.02
CA LEU I 669 -6.22 8.15 33.79
C LEU I 669 -6.50 9.61 33.59
N GLU I 670 -7.60 9.94 32.88
CA GLU I 670 -7.96 11.35 32.66
C GLU I 670 -8.12 12.00 34.05
N LYS I 671 -8.97 11.38 34.88
CA LYS I 671 -9.47 12.12 36.03
C LYS I 671 -8.58 11.93 37.25
N PHE I 672 -8.36 10.67 37.66
CA PHE I 672 -7.58 10.44 38.87
C PHE I 672 -6.15 10.85 38.71
N PRO I 673 -5.54 11.40 39.78
CA PRO I 673 -4.20 12.01 39.69
C PRO I 673 -3.14 10.97 39.42
N THR I 674 -2.47 11.16 38.27
CA THR I 674 -1.57 10.12 37.74
C THR I 674 -0.19 10.78 37.48
N PRO I 675 0.83 9.96 37.80
CA PRO I 675 2.18 10.45 37.46
C PRO I 675 2.44 10.20 36.00
N ALA I 676 3.69 10.36 35.52
CA ALA I 676 3.90 10.52 34.08
C ALA I 676 3.59 9.22 33.35
N SER I 677 2.49 9.23 32.59
CA SER I 677 2.22 8.10 31.68
C SER I 677 2.31 8.59 30.25
N ARG I 678 2.69 9.84 30.03
CA ARG I 678 2.31 10.50 28.77
C ARG I 678 2.94 9.85 27.58
N LEU I 679 4.21 9.44 27.78
CA LEU I 679 4.99 8.79 26.72
C LEU I 679 4.55 7.36 26.48
N ALA I 680 3.99 6.74 27.52
CA ALA I 680 3.60 5.35 27.41
C ALA I 680 2.26 5.17 26.76
N LEU I 681 1.32 6.11 26.99
CA LEU I 681 0.02 5.98 26.36
C LEU I 681 0.02 6.51 24.95
N THR I 682 1.15 7.02 24.45
CA THR I 682 1.29 7.15 23.01
C THR I 682 1.39 5.82 22.32
N ASP I 683 1.72 4.74 23.06
CA ASP I 683 1.52 3.42 22.42
C ASP I 683 0.08 3.29 21.88
N ILE I 684 -0.85 3.64 22.78
CA ILE I 684 -2.26 3.36 22.46
C ILE I 684 -2.90 4.54 21.69
N LEU I 685 -2.14 5.65 21.58
CA LEU I 685 -2.48 6.65 20.56
C LEU I 685 -2.45 6.07 19.17
N GLU I 686 -1.38 5.34 18.78
CA GLU I 686 -1.40 4.74 17.45
C GLU I 686 -1.20 3.21 17.57
N GLN I 687 -2.08 2.56 18.30
CA GLN I 687 -2.29 1.12 18.09
C GLN I 687 -3.37 0.88 17.10
N GLU I 688 -3.00 0.48 15.86
CA GLU I 688 -3.93 0.48 14.76
C GLU I 688 -4.89 -0.67 14.74
N GLN I 689 -5.07 -1.34 15.90
CA GLN I 689 -6.18 -2.29 16.02
C GLN I 689 -7.33 -1.72 16.84
N CYS I 690 -7.10 -0.53 17.42
CA CYS I 690 -8.00 -0.04 18.43
C CYS I 690 -9.16 0.80 17.82
N PHE I 691 -10.20 0.96 18.68
CA PHE I 691 -11.44 1.60 18.23
C PHE I 691 -11.13 3.00 17.73
N TYR I 692 -12.12 3.64 17.09
CA TYR I 692 -12.06 5.11 16.92
C TYR I 692 -11.96 5.81 18.24
N ARG I 693 -12.74 5.31 19.23
CA ARG I 693 -13.02 6.10 20.43
C ARG I 693 -12.00 5.85 21.51
N VAL I 694 -11.27 4.72 21.45
CA VAL I 694 -10.21 4.54 22.45
C VAL I 694 -8.97 5.36 22.02
N ARG I 695 -8.80 5.53 20.70
CA ARG I 695 -7.68 6.37 20.21
C ARG I 695 -8.03 7.83 20.56
N MET I 696 -9.30 8.16 20.37
CA MET I 696 -9.82 9.44 20.83
C MET I 696 -9.50 9.67 22.33
N SER I 697 -10.00 8.82 23.19
CA SER I 697 -9.91 9.08 24.64
C SER I 697 -8.53 8.73 25.20
N ALA I 698 -7.65 8.31 24.31
CA ALA I 698 -6.21 8.30 24.64
C ALA I 698 -5.60 9.69 24.43
N CYS I 699 -6.03 10.40 23.37
CA CYS I 699 -5.70 11.80 23.28
C CYS I 699 -6.31 12.61 24.45
N PHE I 700 -7.55 12.28 24.78
CA PHE I 700 -8.27 13.00 25.81
C PHE I 700 -7.72 12.76 27.21
N CYS I 701 -6.90 11.77 27.42
CA CYS I 701 -6.08 11.70 28.62
C CYS I 701 -5.16 12.89 28.70
N LEU I 702 -4.27 13.01 27.74
CA LEU I 702 -3.33 14.16 27.71
C LEU I 702 -4.14 15.47 27.73
N ALA I 703 -5.31 15.49 27.12
CA ALA I 703 -6.15 16.72 27.21
C ALA I 703 -6.52 17.02 28.64
N LYS I 704 -7.04 16.03 29.35
CA LYS I 704 -7.59 16.31 30.68
C LYS I 704 -6.43 16.66 31.62
N ILE I 705 -5.39 15.80 31.58
CA ILE I 705 -4.32 15.99 32.55
C ILE I 705 -3.56 17.27 32.42
N ALA I 706 -3.41 17.78 31.20
CA ALA I 706 -3.25 19.23 30.95
C ALA I 706 -2.19 19.83 31.87
N ASN I 707 -1.00 19.20 31.92
CA ASN I 707 0.20 19.92 32.36
C ASN I 707 0.40 19.69 33.83
N SER I 708 -0.57 20.01 34.70
CA SER I 708 -0.32 20.04 36.12
C SER I 708 0.50 21.22 36.54
N MET I 709 1.76 21.24 36.06
CA MET I 709 2.70 22.33 36.43
C MET I 709 3.12 23.10 35.16
N VAL I 710 4.41 23.40 35.06
CA VAL I 710 4.85 24.39 34.06
C VAL I 710 5.67 23.65 32.96
N SER I 711 5.42 22.33 32.85
CA SER I 711 5.78 21.63 31.60
C SER I 711 4.56 21.52 30.73
N THR I 712 3.79 22.62 30.61
CA THR I 712 2.57 22.61 29.82
C THR I 712 2.96 22.40 28.34
N TRP I 713 4.02 23.12 27.92
CA TRP I 713 4.41 23.11 26.50
C TRP I 713 5.36 21.94 26.20
N THR I 714 5.40 20.93 27.04
CA THR I 714 6.17 19.73 26.73
C THR I 714 5.29 18.59 26.24
N GLY I 715 4.03 18.62 26.70
CA GLY I 715 2.97 17.83 26.04
C GLY I 715 2.88 18.14 24.58
N PRO I 716 2.25 19.25 24.22
CA PRO I 716 2.29 19.73 22.85
C PRO I 716 2.96 19.50 21.49
N PRO I 717 4.23 19.10 21.53
CA PRO I 717 4.90 18.48 20.38
C PRO I 717 4.32 17.13 20.05
N ALA I 718 3.98 16.35 21.07
CA ALA I 718 3.30 15.07 20.76
C ALA I 718 1.89 15.31 20.24
N MET I 719 1.30 16.42 20.66
CA MET I 719 -0.03 16.74 20.13
C MET I 719 0.05 17.17 18.67
N LYS I 720 1.01 18.03 18.32
CA LYS I 720 1.08 18.52 16.92
C LYS I 720 1.67 17.43 16.04
N SER I 721 2.37 16.45 16.65
CA SER I 721 2.66 15.25 15.84
C SER I 721 1.46 14.66 15.17
N LEU I 722 0.45 14.29 15.94
CA LEU I 722 -0.80 13.81 15.33
C LEU I 722 -1.81 14.93 15.10
N PHE I 723 -1.36 16.21 15.21
CA PHE I 723 -2.05 17.29 14.53
C PHE I 723 -1.84 17.29 13.03
N THR I 724 -0.63 16.84 12.62
CA THR I 724 -0.45 16.24 11.27
C THR I 724 -0.47 14.75 11.38
N ARG I 725 -1.62 14.10 11.15
CA ARG I 725 -1.69 12.63 11.27
C ARG I 725 -1.14 11.92 10.01
N MET I 726 0.16 12.11 9.76
CA MET I 726 0.68 11.93 8.41
C MET I 726 -0.03 12.78 7.38
N PHE I 727 -0.49 13.97 7.80
CA PHE I 727 -1.22 14.86 6.87
C PHE I 727 -0.32 15.23 5.72
N CYS I 728 -0.62 14.68 4.52
CA CYS I 728 0.15 15.09 3.33
C CYS I 728 -0.66 16.16 2.55
N CYS I 729 -0.45 17.42 2.92
CA CYS I 729 -1.24 18.49 2.36
C CYS I 729 -0.45 19.23 1.27
N LYS I 730 0.38 18.41 0.58
CA LYS I 730 1.02 18.99 -0.62
C LYS I 730 0.30 18.35 -1.84
N SER I 731 -0.23 17.14 -1.64
CA SER I 731 -1.28 16.66 -2.56
C SER I 731 -2.69 17.03 -2.08
N CYS I 732 -2.98 16.79 -0.78
CA CYS I 732 -4.18 17.36 -0.15
C CYS I 732 -4.12 18.87 -0.23
N PRO I 733 -5.25 19.52 0.10
CA PRO I 733 -6.56 18.95 0.07
C PRO I 733 -7.22 18.93 -1.29
N ASN I 734 -6.47 18.59 -2.37
CA ASN I 734 -7.10 18.34 -3.65
C ASN I 734 -7.18 16.87 -3.94
N ILE I 735 -6.28 16.05 -3.42
CA ILE I 735 -6.44 14.58 -3.55
C ILE I 735 -6.97 14.00 -2.24
N VAL I 736 -7.52 14.82 -1.37
CA VAL I 736 -8.28 14.27 -0.22
C VAL I 736 -9.76 14.44 -0.50
N LYS I 737 -10.14 15.21 -1.49
CA LYS I 737 -11.47 15.03 -2.12
C LYS I 737 -11.61 13.65 -2.76
N THR I 738 -10.48 13.19 -3.32
CA THR I 738 -10.51 11.96 -4.10
C THR I 738 -10.36 10.74 -3.15
N ASN I 739 -9.50 10.95 -2.13
CA ASN I 739 -9.48 9.96 -1.06
C ASN I 739 -10.76 9.95 -0.23
N ASN I 740 -10.89 9.00 0.71
CA ASN I 740 -11.92 9.14 1.72
C ASN I 740 -11.39 9.76 3.02
N PHE I 741 -10.24 10.45 2.87
CA PHE I 741 -9.48 10.93 4.00
C PHE I 741 -8.79 9.85 4.79
N MET I 742 -8.83 8.60 4.31
CA MET I 742 -8.55 7.47 5.22
C MET I 742 -9.11 7.67 6.61
N SER I 743 -10.39 8.08 6.69
CA SER I 743 -11.01 8.49 7.92
C SER I 743 -10.16 9.51 8.72
N PHE I 744 -9.01 9.87 8.13
CA PHE I 744 -7.90 10.38 8.91
C PHE I 744 -7.66 9.68 10.22
N GLN I 745 -7.68 8.33 10.20
CA GLN I 745 -7.59 7.51 11.37
C GLN I 745 -8.66 7.88 12.38
N SER I 746 -9.93 7.72 11.96
CA SER I 746 -11.00 8.30 12.81
C SER I 746 -10.81 9.77 13.05
N TYR I 747 -11.88 10.54 12.70
CA TYR I 747 -11.85 11.98 12.95
C TYR I 747 -12.44 12.29 14.33
N PHE I 748 -12.83 11.25 15.03
CA PHE I 748 -12.97 11.34 16.50
C PHE I 748 -11.65 11.55 17.18
N LEU I 749 -10.58 10.98 16.59
CA LEU I 749 -9.27 11.14 17.28
C LEU I 749 -8.54 12.40 16.83
N GLN I 750 -8.77 12.78 15.55
CA GLN I 750 -8.19 14.03 15.09
C GLN I 750 -8.82 15.25 15.76
N LYS I 751 -10.14 15.12 16.01
CA LYS I 751 -10.84 16.21 16.70
C LYS I 751 -10.17 16.45 18.06
N THR I 752 -9.89 15.36 18.75
CA THR I 752 -9.49 15.52 20.17
C THR I 752 -7.96 15.46 20.33
N MET I 753 -7.24 15.81 19.25
CA MET I 753 -5.84 16.23 19.38
C MET I 753 -5.63 17.72 19.33
N PRO I 754 -6.34 18.44 18.45
CA PRO I 754 -6.48 19.87 18.62
C PRO I 754 -7.53 20.24 19.68
N VAL I 755 -8.21 19.26 20.25
CA VAL I 755 -9.09 19.59 21.39
C VAL I 755 -8.47 19.10 22.72
N ALA I 756 -7.39 18.33 22.62
CA ALA I 756 -6.50 18.21 23.79
C ALA I 756 -5.79 19.58 23.96
N MET I 757 -5.23 20.07 22.84
CA MET I 757 -4.69 21.41 22.83
C MET I 757 -5.69 22.41 23.42
N ALA I 758 -6.92 22.40 22.94
CA ALA I 758 -7.89 23.41 23.35
C ALA I 758 -8.29 23.27 24.81
N LEU I 759 -8.45 22.04 25.30
CA LEU I 759 -8.70 21.90 26.75
C LEU I 759 -7.55 22.41 27.58
N LEU I 760 -6.34 22.16 27.12
CA LEU I 760 -5.17 22.65 27.87
C LEU I 760 -5.12 24.18 27.87
N ARG I 761 -5.50 24.72 26.68
CA ARG I 761 -5.65 26.15 26.52
C ARG I 761 -6.68 26.71 27.51
N ASP I 762 -7.76 25.99 27.69
CA ASP I 762 -8.82 26.43 28.58
C ASP I 762 -8.36 26.42 30.00
N VAL I 763 -7.73 25.30 30.38
CA VAL I 763 -7.44 25.05 31.80
C VAL I 763 -6.35 25.93 32.34
N HIS I 764 -5.28 26.21 31.58
CA HIS I 764 -4.24 27.12 32.14
C HIS I 764 -3.93 28.23 31.15
N ASN I 765 -4.00 29.49 31.64
CA ASN I 765 -4.06 30.63 30.76
C ASN I 765 -2.66 31.22 30.45
N LEU I 766 -1.66 30.39 30.69
CA LEU I 766 -0.32 30.66 30.12
C LEU I 766 0.08 29.63 29.08
N CYS I 767 -0.93 29.26 28.28
CA CYS I 767 -0.67 28.41 27.10
C CYS I 767 -0.69 29.17 25.82
N PRO I 768 -1.55 30.24 25.82
CA PRO I 768 -2.52 30.37 24.73
C PRO I 768 -1.88 30.83 23.44
N LYS I 769 -0.67 31.40 23.56
CA LYS I 769 0.00 31.82 22.31
C LYS I 769 0.37 30.62 21.47
N GLU I 770 0.95 29.63 22.12
CA GLU I 770 1.55 28.48 21.39
C GLU I 770 0.49 27.57 20.83
N VAL I 771 -0.54 27.26 21.61
CA VAL I 771 -1.77 26.65 21.08
C VAL I 771 -2.30 27.42 19.91
N LEU I 772 -2.38 28.74 19.96
CA LEU I 772 -2.92 29.49 18.85
C LEU I 772 -2.10 29.29 17.57
N THR I 773 -0.77 29.43 17.67
CA THR I 773 0.12 28.95 16.62
C THR I 773 -0.18 27.57 16.10
N PHE I 774 -0.37 26.61 17.01
CA PHE I 774 -0.75 25.26 16.56
C PHE I 774 -1.99 25.23 15.72
N ILE I 775 -3.05 25.87 16.24
CA ILE I 775 -4.40 25.72 15.62
C ILE I 775 -4.59 26.69 14.46
N LEU I 776 -3.64 27.62 14.33
CA LEU I 776 -3.58 28.43 13.12
C LEU I 776 -3.19 27.66 11.89
N ASP I 777 -2.34 26.64 12.09
CA ASP I 777 -1.96 25.73 11.00
C ASP I 777 -3.09 24.80 10.60
N LEU I 778 -3.95 24.39 11.53
CA LEU I 778 -5.17 23.63 11.21
C LEU I 778 -6.09 24.51 10.35
N ILE I 779 -6.06 25.84 10.62
CA ILE I 779 -6.95 26.71 9.83
C ILE I 779 -6.36 26.93 8.44
N LYS I 780 -5.02 26.85 8.34
CA LYS I 780 -4.44 26.96 6.99
C LYS I 780 -4.77 25.70 6.20
N TYR I 781 -4.86 24.55 6.82
CA TYR I 781 -5.31 23.32 6.13
C TYR I 781 -6.74 23.45 5.64
N ASN I 782 -7.56 24.30 6.26
CA ASN I 782 -8.98 24.26 5.88
C ASN I 782 -9.32 25.18 4.75
N ASP I 783 -10.61 25.30 4.41
CA ASP I 783 -11.02 25.98 3.17
C ASP I 783 -10.20 25.54 1.96
N ASN I 784 -10.02 24.22 1.81
CA ASN I 784 -9.60 23.69 0.51
C ASN I 784 -10.28 22.35 0.26
N ARG I 785 -11.38 22.06 0.92
CA ARG I 785 -11.97 20.72 0.76
C ARG I 785 -13.24 20.79 -0.05
N LYS I 786 -13.65 19.68 -0.67
CA LYS I 786 -14.96 19.57 -1.27
C LYS I 786 -15.89 18.70 -0.39
N ASN I 787 -17.06 18.36 -0.91
CA ASN I 787 -17.94 17.37 -0.23
C ASN I 787 -17.40 15.95 -0.39
N LYS I 788 -17.29 15.22 0.73
CA LYS I 788 -17.04 13.79 0.63
C LYS I 788 -17.69 13.10 1.87
N PHE I 789 -18.27 11.95 1.68
CA PHE I 789 -19.14 11.34 2.69
C PHE I 789 -18.45 11.29 4.05
N SER I 790 -17.28 10.65 4.10
CA SER I 790 -16.69 10.38 5.43
C SER I 790 -16.24 11.70 6.03
N ASP I 791 -15.90 12.68 5.17
CA ASP I 791 -15.21 13.87 5.60
C ASP I 791 -16.18 14.87 6.29
N ASN I 792 -17.45 14.52 6.33
CA ASN I 792 -18.38 15.26 7.20
C ASN I 792 -17.99 15.22 8.65
N TYR I 793 -17.52 14.04 9.08
CA TYR I 793 -17.17 13.86 10.50
C TYR I 793 -15.91 14.64 10.82
N TYR I 794 -15.02 14.76 9.82
CA TYR I 794 -13.82 15.59 9.99
C TYR I 794 -14.24 17.05 10.14
N ARG I 795 -14.98 17.58 9.14
CA ARG I 795 -15.39 18.96 9.21
C ARG I 795 -16.15 19.32 10.47
N ALA I 796 -17.01 18.39 10.90
CA ALA I 796 -17.98 18.71 11.97
C ALA I 796 -17.25 18.73 13.28
N GLU I 797 -16.32 17.78 13.50
CA GLU I 797 -15.52 17.91 14.74
C GLU I 797 -14.21 18.62 14.55
N MET I 798 -14.01 19.32 13.41
CA MET I 798 -12.97 20.38 13.38
C MET I 798 -13.60 21.75 13.62
N ILE I 799 -14.92 21.84 13.60
CA ILE I 799 -15.53 23.16 13.94
C ILE I 799 -15.63 23.30 15.45
N ASP I 800 -15.61 22.14 16.12
CA ASP I 800 -15.39 22.11 17.57
C ASP I 800 -13.90 22.29 17.87
N ALA I 801 -13.07 22.07 16.82
CA ALA I 801 -11.64 22.28 16.95
C ALA I 801 -11.34 23.78 16.96
N LEU I 802 -12.07 24.46 16.04
CA LEU I 802 -11.79 25.88 15.77
C LEU I 802 -12.54 26.73 16.82
N ALA I 803 -13.65 26.16 17.28
CA ALA I 803 -14.23 26.69 18.54
C ALA I 803 -13.35 26.19 19.70
N ASN I 804 -13.28 27.03 20.75
CA ASN I 804 -12.19 26.96 21.73
C ASN I 804 -10.83 27.02 20.97
N SER I 805 -10.74 27.91 20.00
CA SER I 805 -9.44 28.55 19.65
C SER I 805 -9.51 30.06 19.73
N VAL I 806 -10.49 30.65 19.11
CA VAL I 806 -10.84 32.04 19.34
C VAL I 806 -11.53 32.19 20.70
N THR I 807 -11.94 31.04 21.29
CA THR I 807 -12.60 31.12 22.57
C THR I 807 -11.71 31.47 23.72
N PRO I 808 -10.57 30.79 23.87
CA PRO I 808 -9.52 31.29 24.79
C PRO I 808 -9.01 32.62 24.24
N ALA I 809 -8.93 32.74 22.89
CA ALA I 809 -8.18 33.82 22.27
C ALA I 809 -8.75 35.17 22.62
N VAL I 810 -10.06 35.28 22.86
CA VAL I 810 -10.58 36.45 23.53
C VAL I 810 -11.28 36.04 24.82
N SER I 811 -10.56 35.41 25.73
CA SER I 811 -11.17 35.08 27.03
C SER I 811 -10.90 36.16 28.07
N VAL I 812 -10.33 37.30 27.65
CA VAL I 812 -10.51 38.55 28.44
C VAL I 812 -11.94 39.00 28.33
N ASN I 813 -12.77 38.62 29.33
CA ASN I 813 -14.22 38.54 29.08
C ASN I 813 -14.88 39.93 29.20
N ASN I 814 -15.43 40.24 30.35
CA ASN I 814 -16.22 41.44 30.56
C ASN I 814 -17.12 41.77 29.37
N GLU I 815 -18.17 40.95 29.25
CA GLU I 815 -19.05 41.08 28.06
C GLU I 815 -18.29 40.55 26.82
N VAL I 816 -18.94 40.71 25.66
CA VAL I 816 -18.20 40.75 24.39
C VAL I 816 -17.85 42.18 24.05
N ARG I 817 -18.67 43.15 24.50
CA ARG I 817 -18.62 44.48 23.90
C ARG I 817 -18.51 44.51 22.41
N THR I 818 -17.27 44.53 21.87
CA THR I 818 -17.10 44.40 20.44
C THR I 818 -15.93 43.51 20.07
N LEU I 819 -15.18 43.06 21.09
CA LEU I 819 -13.84 42.52 20.91
C LEU I 819 -12.92 43.55 20.27
N ASP I 820 -13.13 44.83 20.62
CA ASP I 820 -12.36 45.89 19.99
C ASP I 820 -11.96 45.61 18.56
N ASN I 821 -10.65 45.60 18.27
CA ASN I 821 -10.27 45.66 16.84
C ASN I 821 -9.39 44.41 16.53
N LEU I 822 -9.92 43.24 16.93
CA LEU I 822 -9.30 41.98 16.56
C LEU I 822 -9.84 41.52 15.20
N ASN I 823 -9.78 42.40 14.22
CA ASN I 823 -10.05 41.99 12.86
C ASN I 823 -9.35 40.73 12.42
N PRO I 824 -8.05 40.59 12.62
CA PRO I 824 -7.35 39.34 12.24
C PRO I 824 -8.12 38.11 12.62
N ASP I 825 -8.57 37.99 13.90
CA ASP I 825 -9.34 36.79 14.28
C ASP I 825 -10.78 36.90 13.75
N VAL I 826 -11.51 37.90 14.23
CA VAL I 826 -12.97 37.84 14.05
C VAL I 826 -13.38 37.66 12.61
N ARG I 827 -12.85 38.47 11.70
CA ARG I 827 -13.07 38.22 10.29
C ARG I 827 -12.84 36.78 9.88
N LEU I 828 -11.60 36.26 10.07
CA LEU I 828 -11.24 35.03 9.37
C LEU I 828 -12.05 33.88 9.95
N ILE I 829 -12.27 33.96 11.27
CA ILE I 829 -13.02 32.93 11.97
C ILE I 829 -14.51 32.92 11.65
N LEU I 830 -15.06 34.16 11.52
CA LEU I 830 -16.41 34.24 10.91
C LEU I 830 -16.45 33.80 9.48
N GLU I 831 -15.37 34.00 8.70
CA GLU I 831 -15.39 33.51 7.32
C GLU I 831 -15.62 32.01 7.22
N GLU I 832 -14.95 31.23 8.08
CA GLU I 832 -15.24 29.81 8.13
C GLU I 832 -16.58 29.56 8.83
N ILE I 833 -16.91 30.46 9.75
CA ILE I 833 -18.11 30.20 10.58
C ILE I 833 -19.34 30.25 9.72
N THR I 834 -19.43 31.31 8.88
CA THR I 834 -20.68 31.42 8.09
C THR I 834 -20.64 30.57 6.85
N ARG I 835 -21.83 30.44 6.23
CA ARG I 835 -21.90 29.69 4.96
C ARG I 835 -21.43 30.47 3.77
N PHE I 836 -21.04 29.80 2.68
CA PHE I 836 -20.78 30.54 1.46
C PHE I 836 -22.06 31.07 0.87
N LEU I 837 -22.21 32.40 0.80
CA LEU I 837 -23.52 33.02 0.58
C LEU I 837 -23.91 32.92 -0.91
N ASN I 838 -22.90 32.63 -1.75
CA ASN I 838 -23.18 32.23 -3.12
C ASN I 838 -23.75 30.79 -3.18
N MET I 839 -23.15 29.92 -2.32
CA MET I 839 -23.44 28.51 -2.43
C MET I 839 -24.89 28.20 -2.04
N GLU I 840 -25.68 27.68 -2.99
CA GLU I 840 -27.04 27.29 -2.64
C GLU I 840 -27.14 26.09 -1.75
N LYS I 841 -28.23 26.04 -0.97
CA LYS I 841 -28.35 25.02 0.09
C LYS I 841 -29.51 24.08 -0.29
N LEU I 842 -29.80 24.03 -1.57
CA LEU I 842 -30.89 23.17 -2.03
C LEU I 842 -30.29 21.88 -2.63
N LEU I 843 -28.99 21.77 -2.58
CA LEU I 843 -28.23 20.70 -3.19
C LEU I 843 -27.76 19.63 -2.24
N PRO I 844 -27.03 19.99 -1.18
CA PRO I 844 -26.79 19.02 -0.10
C PRO I 844 -28.08 18.56 0.55
N SER I 845 -28.26 17.22 0.60
CA SER I 845 -29.42 16.71 1.36
C SER I 845 -29.07 16.59 2.84
N TYR I 846 -27.79 16.46 3.14
CA TYR I 846 -27.32 16.61 4.53
C TYR I 846 -26.80 18.01 4.82
N ARG I 847 -26.82 18.36 6.13
CA ARG I 847 -26.05 19.53 6.56
C ARG I 847 -25.43 19.25 7.97
N HIS I 848 -24.11 19.02 7.97
CA HIS I 848 -23.34 18.96 9.20
C HIS I 848 -22.50 20.19 9.48
N THR I 849 -21.63 20.49 8.50
CA THR I 849 -20.72 21.64 8.62
C THR I 849 -21.45 22.88 9.15
N ILE I 850 -22.57 23.25 8.52
CA ILE I 850 -23.19 24.51 8.89
C ILE I 850 -24.26 24.35 10.01
N THR I 851 -24.44 23.13 10.40
CA THR I 851 -25.07 22.87 11.72
C THR I 851 -24.18 23.19 12.88
N VAL I 852 -22.91 22.74 12.78
CA VAL I 852 -21.94 23.06 13.84
C VAL I 852 -21.09 24.26 13.46
N SER I 853 -21.44 25.02 12.44
CA SER I 853 -20.84 26.33 12.15
C SER I 853 -21.74 27.49 12.58
N CYS I 854 -22.98 27.25 12.92
CA CYS I 854 -23.70 28.12 13.85
C CYS I 854 -23.25 27.86 15.27
N LEU I 855 -22.84 26.63 15.59
CA LEU I 855 -22.19 26.36 16.89
C LEU I 855 -20.80 26.93 16.98
N ARG I 856 -20.08 27.05 15.86
CA ARG I 856 -18.81 27.79 15.87
C ARG I 856 -19.10 29.31 16.02
N ALA I 857 -20.22 29.73 15.49
CA ALA I 857 -20.68 31.09 15.72
C ALA I 857 -21.00 31.39 17.19
N ILE I 858 -21.95 30.63 17.76
CA ILE I 858 -22.07 30.57 19.19
C ILE I 858 -20.88 29.85 19.86
N ARG I 859 -20.71 30.06 21.16
CA ARG I 859 -19.57 29.59 21.92
C ARG I 859 -18.27 30.29 21.66
N VAL I 860 -18.05 30.82 20.46
CA VAL I 860 -17.13 31.96 20.28
C VAL I 860 -17.84 33.29 20.48
N LEU I 861 -19.17 33.30 20.31
CA LEU I 861 -19.93 34.45 20.78
C LEU I 861 -20.83 34.01 21.95
N GLN I 862 -20.24 33.17 22.81
CA GLN I 862 -20.93 32.91 24.09
C GLN I 862 -19.96 33.12 25.28
N LYS I 863 -18.68 32.76 25.04
CA LYS I 863 -17.66 32.96 26.09
C LYS I 863 -17.42 34.44 26.35
N ASN I 864 -17.63 35.31 25.36
CA ASN I 864 -17.87 36.74 25.68
C ASN I 864 -19.35 37.07 25.77
N GLY I 865 -20.01 37.05 24.59
CA GLY I 865 -21.46 37.14 24.56
C GLY I 865 -21.86 38.22 23.54
N HIS I 866 -22.07 37.82 22.30
CA HIS I 866 -22.86 38.64 21.39
C HIS I 866 -24.32 38.23 21.38
N VAL I 867 -25.12 38.77 22.26
CA VAL I 867 -26.52 38.37 22.44
C VAL I 867 -27.28 38.20 21.15
N PRO I 868 -27.77 39.29 20.58
CA PRO I 868 -28.92 39.25 19.65
C PRO I 868 -28.47 39.04 18.21
N SER I 869 -27.18 38.73 18.01
CA SER I 869 -26.72 38.30 16.67
C SER I 869 -27.13 36.86 16.41
N ASP I 870 -27.16 36.03 17.48
CA ASP I 870 -27.28 34.58 17.31
C ASP I 870 -28.68 34.14 16.95
N PRO I 871 -29.69 34.51 17.77
CA PRO I 871 -31.05 34.14 17.44
C PRO I 871 -31.55 34.77 16.17
N ALA I 872 -30.94 35.88 15.75
CA ALA I 872 -31.38 36.61 14.57
C ALA I 872 -31.01 35.89 13.26
N LEU I 873 -30.27 34.81 13.40
CA LEU I 873 -30.05 33.85 12.32
C LEU I 873 -31.10 32.72 12.46
N PHE I 874 -31.14 32.18 13.68
CA PHE I 874 -31.85 30.91 13.87
C PHE I 874 -33.34 31.03 13.79
N LYS I 875 -33.88 32.22 14.12
CA LYS I 875 -35.30 32.45 13.78
C LYS I 875 -35.53 32.40 12.28
N SER I 876 -34.65 33.09 11.52
CA SER I 876 -34.84 33.09 10.07
C SER I 876 -34.68 31.69 9.49
N TYR I 877 -33.86 30.86 10.19
CA TYR I 877 -33.41 29.62 9.56
C TYR I 877 -34.42 28.51 9.86
N ALA I 878 -35.33 28.80 10.83
CA ALA I 878 -36.39 27.81 11.08
C ALA I 878 -37.73 28.28 10.54
N GLU I 879 -37.70 29.32 9.69
CA GLU I 879 -38.96 29.79 9.07
C GLU I 879 -39.00 29.27 7.61
N TYR I 880 -37.85 29.26 6.95
CA TYR I 880 -37.86 29.21 5.48
C TYR I 880 -38.26 27.84 4.95
N GLY I 881 -37.97 26.77 5.71
CA GLY I 881 -38.70 25.50 5.53
C GLY I 881 -37.70 24.47 4.98
N HIS I 882 -36.81 24.96 4.11
CA HIS I 882 -36.00 24.01 3.31
C HIS I 882 -34.98 23.29 4.23
N PHE I 883 -34.92 21.97 4.17
CA PHE I 883 -33.86 21.29 4.94
C PHE I 883 -34.32 20.94 6.34
N VAL I 884 -34.77 19.72 6.57
CA VAL I 884 -35.25 19.33 7.91
C VAL I 884 -34.14 19.47 8.91
N ASP I 885 -32.95 18.95 8.57
CA ASP I 885 -31.80 19.10 9.48
C ASP I 885 -31.54 20.52 9.88
N ILE I 886 -31.37 21.37 8.85
CA ILE I 886 -31.06 22.79 9.12
C ILE I 886 -32.07 23.39 10.13
N ARG I 887 -33.36 23.10 9.92
CA ARG I 887 -34.34 23.61 10.88
C ARG I 887 -34.08 23.23 12.30
N ILE I 888 -33.81 21.94 12.58
CA ILE I 888 -33.48 21.50 13.91
C ILE I 888 -32.15 22.01 14.44
N ALA I 889 -31.18 22.10 13.52
CA ALA I 889 -29.92 22.76 13.87
C ALA I 889 -30.20 24.17 14.40
N ALA I 890 -30.99 24.93 13.61
CA ALA I 890 -31.34 26.30 14.05
C ALA I 890 -32.09 26.25 15.39
N LEU I 891 -33.10 25.43 15.51
CA LEU I 891 -33.91 25.42 16.73
C LEU I 891 -33.15 24.91 17.95
N GLU I 892 -32.10 24.14 17.78
CA GLU I 892 -31.30 23.70 18.96
C GLU I 892 -30.39 24.82 19.40
N ALA I 893 -30.07 25.70 18.43
CA ALA I 893 -29.21 26.84 18.81
C ALA I 893 -30.07 28.01 19.28
N VAL I 894 -31.34 28.05 18.90
CA VAL I 894 -32.20 29.11 19.48
C VAL I 894 -32.52 28.83 20.94
N VAL I 895 -32.35 27.55 21.34
CA VAL I 895 -32.55 27.26 22.76
C VAL I 895 -31.27 27.21 23.56
N ASP I 896 -30.15 26.90 22.88
CA ASP I 896 -28.83 27.17 23.49
C ASP I 896 -28.57 28.63 23.70
N TYR I 897 -29.17 29.52 22.88
CA TYR I 897 -29.04 30.94 23.20
C TYR I 897 -30.00 31.43 24.25
N THR I 898 -31.21 30.82 24.36
CA THR I 898 -32.03 31.18 25.51
C THR I 898 -31.42 30.64 26.79
N LYS I 899 -30.60 29.59 26.71
CA LYS I 899 -30.00 28.99 27.94
C LYS I 899 -29.09 30.01 28.63
N VAL I 900 -28.52 30.92 27.83
CA VAL I 900 -27.75 32.02 28.33
C VAL I 900 -28.60 33.27 28.58
N ASP I 901 -29.38 33.69 27.61
CA ASP I 901 -30.24 34.85 27.74
C ASP I 901 -31.28 34.71 28.85
N ARG I 902 -31.51 35.81 29.60
CA ARG I 902 -32.42 35.75 30.76
C ARG I 902 -33.22 37.04 30.86
N SER I 903 -33.45 37.72 29.75
CA SER I 903 -34.60 38.64 29.65
C SER I 903 -35.90 37.83 29.42
N TYR I 904 -36.95 38.18 30.14
CA TYR I 904 -38.16 37.42 30.14
C TYR I 904 -38.75 37.28 28.73
N GLU I 905 -38.64 38.34 27.93
CA GLU I 905 -39.27 38.35 26.57
C GLU I 905 -38.80 37.19 25.77
N GLU I 906 -37.54 36.77 25.85
CA GLU I 906 -37.06 35.74 24.95
C GLU I 906 -37.68 34.38 25.28
N LEU I 907 -37.97 34.17 26.57
CA LEU I 907 -38.65 32.96 26.98
C LEU I 907 -40.13 32.98 26.60
N GLN I 908 -40.73 34.18 26.50
CA GLN I 908 -42.12 34.26 26.06
C GLN I 908 -42.22 33.83 24.60
N TRP I 909 -41.39 34.45 23.79
CA TRP I 909 -41.31 34.12 22.35
C TRP I 909 -40.87 32.71 22.10
N LEU I 910 -40.23 32.09 23.09
CA LEU I 910 -39.81 30.71 22.96
C LEU I 910 -40.90 29.70 23.25
N LEU I 911 -41.87 30.09 24.07
CA LEU I 911 -43.01 29.19 24.34
C LEU I 911 -44.18 29.51 23.41
N ASN I 912 -44.10 30.66 22.76
CA ASN I 912 -44.92 30.89 21.56
C ASN I 912 -44.46 30.02 20.42
N MET I 913 -43.16 29.95 20.17
CA MET I 913 -42.65 29.09 19.12
C MET I 913 -42.69 27.63 19.45
N ILE I 914 -42.65 27.29 20.75
CA ILE I 914 -43.18 25.98 21.18
C ILE I 914 -44.62 25.76 20.74
N GLN I 915 -45.48 26.75 20.93
CA GLN I 915 -46.92 26.44 20.74
C GLN I 915 -47.26 26.05 19.32
N ASN I 916 -46.84 26.91 18.37
CA ASN I 916 -47.31 26.89 17.01
C ASN I 916 -46.21 27.26 15.99
N ASP I 917 -45.60 26.19 15.40
CA ASP I 917 -44.42 26.44 14.58
C ASP I 917 -44.41 25.48 13.39
N PRO I 918 -45.57 25.11 12.93
CA PRO I 918 -46.44 24.17 13.65
C PRO I 918 -46.11 22.74 13.31
N VAL I 919 -44.87 22.44 12.95
CA VAL I 919 -44.39 21.05 13.01
C VAL I 919 -44.47 20.57 14.45
N PRO I 920 -45.07 19.38 14.59
CA PRO I 920 -45.48 18.94 15.95
C PRO I 920 -44.26 18.37 16.71
N TYR I 921 -43.30 17.87 15.93
CA TYR I 921 -42.25 17.01 16.47
C TYR I 921 -41.04 17.86 16.82
N VAL I 922 -40.76 18.87 15.97
CA VAL I 922 -39.88 19.94 16.36
C VAL I 922 -40.44 20.77 17.54
N ARG I 923 -41.77 20.77 17.63
CA ARG I 923 -42.44 21.29 18.83
C ARG I 923 -42.06 20.56 20.10
N HIS I 924 -42.18 19.22 20.10
CA HIS I 924 -41.59 18.45 21.19
C HIS I 924 -40.12 18.81 21.45
N LYS I 925 -39.29 18.72 20.40
CA LYS I 925 -37.84 18.93 20.59
C LYS I 925 -37.55 20.19 21.41
N ILE I 926 -38.13 21.29 20.93
CA ILE I 926 -37.96 22.55 21.69
C ILE I 926 -38.51 22.44 23.09
N LEU I 927 -39.70 21.95 23.28
CA LEU I 927 -40.31 21.82 24.61
C LEU I 927 -39.50 21.03 25.59
N ASN I 928 -38.91 19.90 25.14
CA ASN I 928 -38.05 19.14 26.08
C ASN I 928 -36.79 19.97 26.38
N MET I 929 -36.23 20.62 25.39
CA MET I 929 -34.92 21.30 25.59
C MET I 929 -35.06 22.49 26.56
N LEU I 930 -36.26 23.12 26.53
CA LEU I 930 -36.53 24.15 27.55
C LEU I 930 -36.85 23.47 28.89
N THR I 931 -37.23 22.21 28.88
CA THR I 931 -37.58 21.54 30.15
C THR I 931 -36.32 21.03 30.82
N LYS I 932 -35.32 20.66 30.00
CA LYS I 932 -33.99 20.34 30.48
C LYS I 932 -33.29 21.54 31.07
N ASN I 933 -32.99 22.57 30.28
CA ASN I 933 -32.19 23.68 30.81
C ASN I 933 -33.15 24.62 31.58
N PRO I 934 -32.93 24.77 32.89
CA PRO I 934 -33.93 25.51 33.67
C PRO I 934 -33.72 27.00 33.57
N PRO I 935 -34.77 27.78 33.88
CA PRO I 935 -34.67 29.23 33.76
C PRO I 935 -34.22 29.87 35.04
N PHE I 936 -33.90 29.08 36.06
CA PHE I 936 -33.39 29.65 37.33
C PHE I 936 -32.00 29.08 37.63
N THR I 937 -31.32 29.76 38.56
CA THR I 937 -30.01 29.32 39.01
C THR I 937 -30.07 28.85 40.43
N LYS I 938 -28.98 28.95 41.19
CA LYS I 938 -29.03 28.52 42.60
C LYS I 938 -30.15 29.27 43.37
N ASN I 939 -30.14 30.59 43.24
CA ASN I 939 -31.16 31.37 43.95
C ASN I 939 -32.58 30.89 43.65
N MET I 940 -33.48 31.27 44.59
CA MET I 940 -34.85 30.67 44.49
C MET I 940 -35.86 31.78 44.72
N GLU I 941 -35.98 32.68 43.75
CA GLU I 941 -36.85 33.86 43.94
C GLU I 941 -38.09 33.78 43.05
N SER I 942 -39.26 33.66 43.66
CA SER I 942 -40.44 33.15 42.98
C SER I 942 -40.20 31.86 42.25
N PRO I 943 -40.19 30.73 42.99
CA PRO I 943 -40.00 29.43 42.31
C PRO I 943 -41.37 28.97 41.77
N LEU I 944 -41.41 28.59 40.47
CA LEU I 944 -42.56 27.94 39.90
C LEU I 944 -43.90 28.46 40.42
N CYS I 945 -44.14 29.73 40.18
CA CYS I 945 -45.26 30.45 40.85
C CYS I 945 -46.11 31.08 39.78
N ASN I 946 -46.49 30.39 38.74
CA ASN I 946 -47.15 31.01 37.60
C ASN I 946 -48.61 30.72 37.51
N GLU I 947 -49.34 31.45 36.69
CA GLU I 947 -50.79 31.15 36.58
C GLU I 947 -51.12 30.81 35.12
N ALA I 948 -50.60 31.58 34.17
CA ALA I 948 -50.92 31.30 32.76
C ALA I 948 -50.11 30.16 32.21
N LEU I 949 -48.88 29.94 32.73
CA LEU I 949 -48.12 28.79 32.21
C LEU I 949 -48.87 27.51 32.64
N VAL I 950 -49.51 27.59 33.79
CA VAL I 950 -50.20 26.41 34.33
C VAL I 950 -51.48 26.14 33.60
N ASP I 951 -52.02 27.18 32.93
CA ASP I 951 -53.13 26.95 31.99
C ASP I 951 -52.66 26.30 30.71
N GLN I 952 -51.54 26.82 30.14
CA GLN I 952 -50.91 26.22 28.99
C GLN I 952 -50.50 24.78 29.28
N LEU I 953 -49.99 24.61 30.51
CA LEU I 953 -49.63 23.27 31.01
C LEU I 953 -50.80 22.28 30.90
N TRP I 954 -51.96 22.64 31.47
CA TRP I 954 -53.12 21.72 31.45
C TRP I 954 -53.71 21.59 30.05
N LYS I 955 -53.39 22.57 29.22
CA LYS I 955 -53.86 22.52 27.83
C LYS I 955 -52.89 21.75 26.94
N LEU I 956 -51.65 21.56 27.46
CA LEU I 956 -50.71 20.67 26.80
C LEU I 956 -50.85 19.26 27.32
N MET I 957 -51.30 19.10 28.59
CA MET I 957 -51.91 17.82 28.97
C MET I 957 -53.19 17.57 28.15
N ASN I 958 -53.37 16.27 27.83
CA ASN I 958 -54.50 15.88 27.01
C ASN I 958 -54.43 16.37 25.59
N SER I 959 -53.30 16.95 25.17
CA SER I 959 -52.89 16.89 23.74
C SER I 959 -52.25 15.53 23.43
N GLY I 960 -52.13 14.71 24.49
CA GLY I 960 -51.91 13.27 24.28
C GLY I 960 -53.12 12.66 23.51
N THR I 961 -54.28 13.16 23.95
CA THR I 961 -55.53 12.73 23.31
C THR I 961 -55.48 12.95 21.81
N SER I 962 -54.79 14.02 21.36
CA SER I 962 -54.59 14.22 19.95
C SER I 962 -53.51 13.34 19.34
N HIS I 963 -52.24 13.51 19.80
CA HIS I 963 -51.15 12.73 19.24
C HIS I 963 -49.92 12.71 20.16
N ASP I 964 -49.00 13.66 19.90
CA ASP I 964 -47.63 13.59 20.38
C ASP I 964 -47.53 13.11 21.81
N TRP I 965 -47.11 11.83 21.97
CA TRP I 965 -46.93 11.24 23.27
C TRP I 965 -45.56 11.50 23.89
N ARG I 966 -44.79 12.40 23.26
CA ARG I 966 -43.66 13.02 23.94
C ARG I 966 -43.86 14.49 24.25
N LEU I 967 -45.08 14.95 24.16
CA LEU I 967 -45.38 16.35 24.54
C LEU I 967 -45.96 16.33 25.98
N ARG I 968 -46.76 15.34 26.26
CA ARG I 968 -47.55 15.33 27.50
C ARG I 968 -46.69 14.93 28.72
N CYS I 969 -45.50 14.35 28.42
CA CYS I 969 -44.55 14.13 29.49
C CYS I 969 -43.50 15.24 29.49
N GLY I 970 -43.53 16.08 28.44
CA GLY I 970 -43.07 17.48 28.60
C GLY I 970 -43.86 18.22 29.68
N ALA I 971 -45.15 18.35 29.48
CA ALA I 971 -45.99 18.81 30.60
C ALA I 971 -45.74 18.01 31.87
N VAL I 972 -45.54 16.71 31.77
CA VAL I 972 -45.51 15.90 32.98
C VAL I 972 -44.32 16.23 33.89
N ASP I 973 -43.20 16.57 33.20
CA ASP I 973 -42.01 16.98 33.90
C ASP I 973 -42.15 18.39 34.44
N LEU I 974 -42.73 19.31 33.63
CA LEU I 974 -42.95 20.69 34.14
C LEU I 974 -44.34 20.79 34.74
N TYR I 975 -44.67 19.87 35.65
CA TYR I 975 -45.89 19.99 36.45
C TYR I 975 -45.59 20.16 37.94
N PHE I 976 -46.42 20.66 38.66
N SER J 217 -11.67 25.86 -9.66
CA SER J 217 -12.18 25.84 -8.30
C SER J 217 -13.64 26.32 -8.17
N VAL J 218 -14.25 26.07 -7.03
CA VAL J 218 -15.68 26.35 -6.86
C VAL J 218 -15.93 27.85 -6.70
N GLU J 219 -15.14 28.53 -5.86
CA GLU J 219 -15.30 29.95 -5.56
C GLU J 219 -14.89 30.86 -6.72
N GLN J 220 -13.75 30.56 -7.35
CA GLN J 220 -13.31 31.24 -8.56
C GLN J 220 -14.28 31.00 -9.74
N GLN J 221 -14.72 29.76 -9.99
CA GLN J 221 -15.77 29.57 -11.00
C GLN J 221 -17.07 30.33 -10.70
N LEU J 222 -17.55 30.31 -9.46
CA LEU J 222 -18.77 31.04 -9.06
C LEU J 222 -18.61 32.52 -9.34
N TYR J 223 -17.53 33.17 -8.88
CA TYR J 223 -17.37 34.61 -9.12
C TYR J 223 -17.18 34.99 -10.61
N TYR J 224 -16.51 34.13 -11.37
CA TYR J 224 -16.50 34.23 -12.81
C TYR J 224 -17.90 34.24 -13.41
N LYS J 225 -18.70 33.24 -13.04
CA LYS J 225 -20.05 33.03 -13.56
C LYS J 225 -20.92 34.25 -13.25
N GLU J 226 -20.94 34.65 -11.98
CA GLU J 226 -21.66 35.81 -11.47
C GLU J 226 -21.31 37.12 -12.21
N ILE J 227 -20.03 37.35 -12.51
CA ILE J 227 -19.61 38.55 -13.24
C ILE J 227 -20.04 38.52 -14.73
N THR J 228 -19.99 37.34 -15.37
CA THR J 228 -20.48 37.21 -16.75
C THR J 228 -22.01 37.39 -16.88
N GLU J 229 -22.74 36.79 -15.94
CA GLU J 229 -24.18 36.91 -15.76
C GLU J 229 -24.58 38.38 -15.59
N ALA J 230 -23.88 39.11 -14.72
CA ALA J 230 -23.99 40.55 -14.54
C ALA J 230 -23.57 41.40 -15.75
N CYS J 231 -22.80 40.90 -16.71
CA CYS J 231 -22.55 41.63 -17.96
C CYS J 231 -23.75 41.74 -18.88
N VAL J 232 -24.51 40.65 -19.06
CA VAL J 232 -25.61 40.69 -20.04
C VAL J 232 -26.91 41.19 -19.41
N GLY J 233 -27.07 41.05 -18.09
CA GLY J 233 -28.25 41.52 -17.36
C GLY J 233 -28.54 43.00 -17.56
N SER J 234 -29.80 43.29 -17.90
CA SER J 234 -30.38 44.64 -18.00
C SER J 234 -30.31 45.49 -16.71
N CYS J 235 -29.96 44.85 -15.60
CA CYS J 235 -29.57 45.50 -14.37
C CYS J 235 -28.31 46.37 -14.52
N GLU J 236 -28.40 47.58 -15.09
CA GLU J 236 -27.19 48.41 -15.23
C GLU J 236 -26.49 48.75 -13.89
N ALA J 237 -27.22 48.75 -12.77
CA ALA J 237 -26.62 48.73 -11.45
C ALA J 237 -25.71 47.51 -11.18
N LYS J 238 -26.15 46.30 -11.53
CA LYS J 238 -25.38 45.06 -11.34
C LYS J 238 -24.22 44.91 -12.33
N ARG J 239 -24.33 45.40 -13.58
CA ARG J 239 -23.15 45.44 -14.43
C ARG J 239 -22.14 46.45 -13.89
N ALA J 240 -22.55 47.66 -13.51
CA ALA J 240 -21.65 48.63 -12.90
C ALA J 240 -20.92 48.08 -11.65
N GLU J 241 -21.62 47.37 -10.77
CA GLU J 241 -21.01 46.59 -9.68
C GLU J 241 -19.99 45.55 -10.17
N ALA J 242 -20.28 44.77 -11.21
CA ALA J 242 -19.32 43.85 -11.79
C ALA J 242 -18.03 44.51 -12.33
N LEU J 243 -18.15 45.75 -12.84
CA LEU J 243 -17.01 46.57 -13.27
C LEU J 243 -16.14 46.96 -12.06
N GLN J 244 -16.78 47.46 -11.01
CA GLN J 244 -16.11 47.81 -9.76
C GLN J 244 -15.32 46.63 -9.19
N SER J 245 -15.98 45.48 -9.08
CA SER J 245 -15.39 44.21 -8.69
C SER J 245 -14.13 43.90 -9.48
N ILE J 246 -14.23 43.86 -10.79
CA ILE J 246 -13.09 43.56 -11.66
C ILE J 246 -11.91 44.55 -11.57
N ALA J 247 -12.13 45.79 -11.09
CA ALA J 247 -11.04 46.72 -10.77
C ALA J 247 -10.50 46.66 -9.35
N THR J 248 -11.23 46.07 -8.41
CA THR J 248 -10.98 46.25 -6.96
C THR J 248 -10.62 44.96 -6.24
N ASP J 249 -11.20 43.82 -6.64
CA ASP J 249 -10.90 42.52 -6.08
C ASP J 249 -9.45 42.10 -6.33
N PRO J 250 -8.76 41.61 -5.28
CA PRO J 250 -7.53 40.85 -5.42
C PRO J 250 -7.84 39.40 -5.83
N GLY J 251 -6.80 38.60 -6.06
CA GLY J 251 -6.94 37.15 -6.28
C GLY J 251 -7.33 36.74 -7.69
N LEU J 252 -7.94 37.66 -8.45
CA LEU J 252 -8.41 37.49 -9.82
C LEU J 252 -7.40 36.98 -10.86
N TYR J 253 -6.10 36.88 -10.57
CA TYR J 253 -5.05 36.61 -11.57
C TYR J 253 -5.27 35.35 -12.41
N GLN J 254 -5.94 34.31 -11.88
CA GLN J 254 -6.34 33.14 -12.69
C GLN J 254 -7.60 33.33 -13.56
N MET J 255 -8.42 34.31 -13.18
CA MET J 255 -9.70 34.62 -13.82
C MET J 255 -9.61 35.79 -14.80
N LEU J 256 -8.45 36.47 -14.90
CA LEU J 256 -7.81 36.77 -16.20
C LEU J 256 -7.68 35.45 -16.99
N PRO J 257 -6.90 35.38 -18.05
CA PRO J 257 -7.39 34.96 -19.37
C PRO J 257 -8.73 34.22 -19.67
N ARG J 258 -9.51 33.65 -18.73
CA ARG J 258 -10.94 33.32 -18.91
C ARG J 258 -11.90 34.49 -19.08
N PHE J 259 -11.87 35.47 -18.18
CA PHE J 259 -12.16 36.85 -18.61
C PHE J 259 -11.12 37.23 -19.66
N SER J 260 -11.16 38.37 -20.29
CA SER J 260 -10.57 38.55 -21.63
C SER J 260 -11.00 37.52 -22.68
N THR J 261 -10.80 36.19 -22.57
CA THR J 261 -11.33 35.30 -23.64
C THR J 261 -12.85 35.40 -23.85
N PHE J 262 -13.61 35.25 -22.77
CA PHE J 262 -15.06 35.49 -22.81
C PHE J 262 -15.46 36.94 -23.05
N ILE J 263 -14.60 37.91 -22.73
CA ILE J 263 -14.96 39.31 -23.10
C ILE J 263 -14.82 39.49 -24.62
N SER J 264 -13.67 39.12 -25.20
CA SER J 264 -13.36 39.26 -26.61
C SER J 264 -14.34 38.50 -27.50
N GLU J 265 -14.69 37.26 -27.13
CA GLU J 265 -15.78 36.55 -27.80
C GLU J 265 -17.12 37.32 -27.75
N GLY J 266 -17.48 37.85 -26.58
CA GLY J 266 -18.69 38.66 -26.42
C GLY J 266 -18.70 39.98 -27.19
N VAL J 267 -17.54 40.58 -27.42
CA VAL J 267 -17.32 41.79 -28.22
C VAL J 267 -17.46 41.50 -29.70
N ARG J 268 -16.93 40.38 -30.20
CA ARG J 268 -17.21 39.92 -31.57
C ARG J 268 -18.72 39.78 -31.77
N VAL J 269 -19.32 38.87 -31.01
CA VAL J 269 -20.73 38.56 -31.06
C VAL J 269 -21.57 39.84 -30.99
N ASN J 270 -21.34 40.71 -30.00
CA ASN J 270 -22.15 41.89 -29.82
C ASN J 270 -21.87 43.02 -30.80
N VAL J 271 -20.71 43.04 -31.47
CA VAL J 271 -20.53 43.89 -32.66
C VAL J 271 -21.50 43.44 -33.74
N VAL J 272 -21.57 42.14 -33.98
CA VAL J 272 -22.54 41.57 -34.92
C VAL J 272 -23.94 41.32 -34.29
N GLN J 273 -24.26 42.02 -33.20
CA GLN J 273 -25.65 42.20 -32.72
C GLN J 273 -26.02 43.68 -32.49
N ASN J 274 -25.10 44.61 -32.79
CA ASN J 274 -25.22 46.04 -32.55
C ASN J 274 -25.52 46.50 -31.11
N ASN J 275 -25.34 45.63 -30.12
CA ASN J 275 -25.72 45.90 -28.74
C ASN J 275 -24.66 46.78 -28.05
N LEU J 276 -24.84 48.08 -28.26
CA LEU J 276 -24.01 49.15 -27.70
C LEU J 276 -23.80 49.04 -26.18
N ALA J 277 -24.83 48.64 -25.45
CA ALA J 277 -24.76 48.54 -24.00
C ALA J 277 -23.80 47.44 -23.59
N LEU J 278 -23.96 46.25 -24.18
CA LEU J 278 -23.02 45.15 -23.96
C LEU J 278 -21.58 45.51 -24.34
N LEU J 279 -21.41 46.15 -25.49
CA LEU J 279 -20.09 46.62 -25.94
C LEU J 279 -19.48 47.66 -24.98
N ILE J 280 -20.23 48.68 -24.52
CA ILE J 280 -19.68 49.59 -23.51
C ILE J 280 -19.36 48.88 -22.19
N TYR J 281 -20.18 47.93 -21.74
CA TYR J 281 -19.89 47.13 -20.55
C TYR J 281 -18.65 46.25 -20.67
N LEU J 282 -18.37 45.73 -21.85
CA LEU J 282 -17.18 44.94 -22.13
C LEU J 282 -15.92 45.81 -22.22
N MET J 283 -15.99 46.99 -22.86
CA MET J 283 -14.92 47.99 -22.80
C MET J 283 -14.58 48.40 -21.37
N ARG J 284 -15.59 48.82 -20.60
CA ARG J 284 -15.43 49.12 -19.17
C ARG J 284 -14.82 47.97 -18.39
N MET J 285 -15.15 46.71 -18.70
CA MET J 285 -14.57 45.54 -18.04
C MET J 285 -13.09 45.36 -18.38
N VAL J 286 -12.71 45.57 -19.65
CA VAL J 286 -11.29 45.58 -20.03
C VAL J 286 -10.51 46.68 -19.32
N LYS J 287 -11.09 47.89 -19.22
CA LYS J 287 -10.49 49.00 -18.49
C LYS J 287 -10.25 48.68 -17.02
N ALA J 288 -11.26 48.13 -16.34
CA ALA J 288 -11.16 47.65 -14.98
C ALA J 288 -10.01 46.66 -14.80
N LEU J 289 -9.91 45.62 -15.65
CA LEU J 289 -8.77 44.70 -15.65
C LEU J 289 -7.43 45.45 -15.74
N MET J 290 -7.29 46.30 -16.76
CA MET J 290 -6.09 47.12 -17.02
C MET J 290 -5.70 48.06 -15.88
N ASP J 291 -6.66 48.46 -15.05
CA ASP J 291 -6.47 49.38 -13.93
C ASP J 291 -6.25 48.62 -12.61
N ASN J 292 -6.60 47.33 -12.55
CA ASN J 292 -6.57 46.52 -11.33
C ASN J 292 -5.11 46.26 -10.90
N PRO J 293 -4.65 46.82 -9.80
CA PRO J 293 -3.25 46.68 -9.39
C PRO J 293 -2.85 45.25 -8.96
N THR J 294 -3.82 44.34 -8.92
CA THR J 294 -3.67 42.91 -8.63
C THR J 294 -3.83 42.02 -9.87
N LEU J 295 -3.66 42.59 -11.06
CA LEU J 295 -3.66 41.83 -12.29
C LEU J 295 -2.55 42.28 -13.24
N TYR J 296 -1.67 41.34 -13.60
CA TYR J 296 -0.54 41.62 -14.48
C TYR J 296 -0.92 41.57 -15.97
N LEU J 297 -1.64 42.60 -16.43
CA LEU J 297 -2.32 42.63 -17.72
C LEU J 297 -1.45 42.53 -18.99
N GLU J 298 -0.14 42.71 -18.86
CA GLU J 298 0.78 42.88 -19.99
C GLU J 298 0.58 41.83 -21.11
N LYS J 299 0.70 40.55 -20.72
CA LYS J 299 0.65 39.42 -21.66
C LYS J 299 -0.56 39.52 -22.60
N TYR J 300 -1.66 39.94 -22.01
CA TYR J 300 -2.93 40.03 -22.67
C TYR J 300 -3.24 41.40 -23.29
N VAL J 301 -2.34 42.39 -23.14
CA VAL J 301 -2.35 43.62 -23.95
C VAL J 301 -2.45 43.34 -25.45
N HIS J 302 -1.67 42.38 -25.96
CA HIS J 302 -1.77 42.00 -27.40
C HIS J 302 -3.07 41.34 -27.84
N GLU J 303 -3.91 40.84 -26.91
CA GLU J 303 -5.32 40.50 -27.24
C GLU J 303 -6.31 41.69 -27.11
N LEU J 304 -6.13 42.46 -26.04
CA LEU J 304 -7.07 43.52 -25.71
C LEU J 304 -7.01 44.72 -26.66
N ILE J 305 -5.83 44.98 -27.23
CA ILE J 305 -5.69 46.00 -28.26
C ILE J 305 -6.51 45.72 -29.52
N PRO J 306 -6.37 44.60 -30.24
CA PRO J 306 -7.18 44.39 -31.43
C PRO J 306 -8.68 44.22 -31.13
N ALA J 307 -9.10 43.76 -29.94
CA ALA J 307 -10.54 43.88 -29.63
C ALA J 307 -11.02 45.34 -29.50
N VAL J 308 -10.25 46.15 -28.76
CA VAL J 308 -10.61 47.55 -28.53
C VAL J 308 -10.55 48.38 -29.83
N MET J 309 -9.53 48.15 -30.67
CA MET J 309 -9.43 48.70 -32.02
C MET J 309 -10.59 48.31 -32.93
N THR J 310 -11.07 47.07 -32.85
CA THR J 310 -12.29 46.68 -33.57
C THR J 310 -13.47 47.51 -33.09
N CYS J 311 -13.60 47.80 -31.79
CA CYS J 311 -14.64 48.75 -31.35
C CYS J 311 -14.44 50.21 -31.83
N ILE J 312 -13.23 50.74 -31.84
CA ILE J 312 -12.94 52.10 -32.33
C ILE J 312 -13.30 52.28 -33.80
N VAL J 313 -12.81 51.38 -34.65
CA VAL J 313 -12.79 51.52 -36.13
C VAL J 313 -13.99 50.85 -36.80
N SER J 314 -14.66 49.92 -36.13
CA SER J 314 -15.59 48.97 -36.74
C SER J 314 -16.59 49.53 -37.74
N ARG J 315 -16.62 48.94 -38.95
CA ARG J 315 -17.58 49.28 -40.00
C ARG J 315 -19.06 49.00 -39.68
N GLN J 316 -19.34 48.34 -38.57
CA GLN J 316 -20.69 47.92 -38.17
C GLN J 316 -21.06 48.23 -36.72
N LEU J 317 -20.18 48.91 -35.96
CA LEU J 317 -20.62 49.69 -34.83
C LEU J 317 -21.47 50.86 -35.33
N CYS J 318 -22.77 50.64 -35.43
CA CYS J 318 -23.59 51.52 -36.26
C CYS J 318 -23.89 52.89 -35.70
N LEU J 319 -23.51 53.18 -34.44
CA LEU J 319 -23.80 54.40 -33.69
C LEU J 319 -25.06 55.12 -34.12
N ARG J 320 -26.07 54.26 -34.34
CA ARG J 320 -27.15 54.57 -35.25
C ARG J 320 -28.20 55.50 -34.65
N PRO J 321 -28.49 55.40 -33.34
CA PRO J 321 -29.24 56.38 -32.59
C PRO J 321 -28.64 57.76 -32.44
N ASP J 322 -29.19 58.48 -31.48
CA ASP J 322 -28.47 59.44 -30.64
C ASP J 322 -27.00 59.06 -30.53
N VAL J 323 -26.20 60.01 -31.03
CA VAL J 323 -24.77 59.84 -31.16
C VAL J 323 -24.17 59.46 -29.83
N ASP J 324 -24.60 60.10 -28.76
CA ASP J 324 -24.28 59.80 -27.38
C ASP J 324 -24.09 58.32 -27.08
N ASN J 325 -25.01 57.43 -27.46
CA ASN J 325 -24.79 55.99 -27.27
C ASN J 325 -23.55 55.46 -28.00
N HIS J 326 -23.46 55.67 -29.33
CA HIS J 326 -22.37 54.99 -30.06
C HIS J 326 -21.14 55.70 -30.64
N TRP J 327 -21.22 57.02 -30.84
CA TRP J 327 -20.09 57.88 -30.53
C TRP J 327 -19.51 57.47 -29.17
N ALA J 328 -20.27 57.43 -28.05
CA ALA J 328 -19.64 56.98 -26.81
C ALA J 328 -19.08 55.56 -26.77
N LEU J 329 -19.46 54.63 -27.65
CA LEU J 329 -18.68 53.38 -27.74
C LEU J 329 -17.35 53.50 -28.49
N ARG J 330 -17.33 54.17 -29.66
CA ARG J 330 -16.04 54.43 -30.33
C ARG J 330 -15.08 55.23 -29.44
N ASP J 331 -15.58 56.31 -28.86
CA ASP J 331 -14.87 57.21 -27.95
C ASP J 331 -14.35 56.48 -26.72
N PHE J 332 -15.19 55.73 -26.00
CA PHE J 332 -14.78 54.99 -24.81
C PHE J 332 -13.71 53.93 -25.12
N ALA J 333 -13.94 53.18 -26.21
CA ALA J 333 -12.94 52.25 -26.74
C ALA J 333 -11.60 52.95 -27.04
N ALA J 334 -11.64 54.13 -27.67
CA ALA J 334 -10.44 54.91 -27.96
C ALA J 334 -9.68 55.37 -26.73
N ARG J 335 -10.39 55.72 -25.66
CA ARG J 335 -9.83 56.11 -24.36
C ARG J 335 -9.11 54.97 -23.64
N LEU J 336 -9.62 53.75 -23.80
CA LEU J 336 -8.91 52.55 -23.37
C LEU J 336 -7.66 52.25 -24.22
N VAL J 337 -7.74 52.33 -25.56
CA VAL J 337 -6.53 52.31 -26.39
C VAL J 337 -5.55 53.42 -26.02
N ALA J 338 -6.01 54.63 -25.69
CA ALA J 338 -5.13 55.71 -25.27
C ALA J 338 -4.41 55.45 -23.94
N GLN J 339 -5.11 54.93 -22.93
CA GLN J 339 -4.46 54.40 -21.73
C GLN J 339 -3.39 53.38 -22.11
N ILE J 340 -3.77 52.35 -22.86
CA ILE J 340 -2.86 51.25 -23.19
C ILE J 340 -1.60 51.74 -23.90
N CYS J 341 -1.72 52.70 -24.83
CA CYS J 341 -0.58 53.34 -25.47
C CYS J 341 0.30 54.04 -24.44
N LYS J 342 -0.27 54.93 -23.64
CA LYS J 342 0.45 55.77 -22.66
C LYS J 342 1.11 55.01 -21.51
N HIS J 343 0.73 53.75 -21.31
CA HIS J 343 1.21 52.84 -20.25
C HIS J 343 2.20 51.80 -20.80
N PHE J 344 1.99 51.29 -22.03
CA PHE J 344 2.75 50.15 -22.57
C PHE J 344 3.65 50.45 -23.79
N SER J 345 3.45 51.59 -24.48
CA SER J 345 4.16 51.90 -25.73
C SER J 345 5.68 51.85 -25.61
N THR J 346 6.23 52.44 -24.54
CA THR J 346 7.65 52.40 -24.19
C THR J 346 8.17 50.97 -24.10
N THR J 347 7.44 50.12 -23.36
CA THR J 347 7.85 48.77 -22.96
C THR J 347 7.81 47.77 -24.10
N THR J 348 6.94 47.98 -25.09
CA THR J 348 6.59 46.93 -26.06
C THR J 348 7.09 47.20 -27.50
N ASN J 349 7.38 48.45 -27.86
CA ASN J 349 7.74 48.95 -29.22
C ASN J 349 6.70 48.65 -30.36
N ASN J 350 6.40 47.36 -30.56
CA ASN J 350 5.40 46.82 -31.48
C ASN J 350 4.06 47.61 -31.42
N ILE J 351 3.64 47.90 -30.19
CA ILE J 351 2.33 48.44 -29.88
C ILE J 351 2.04 49.80 -30.52
N GLN J 352 2.93 50.78 -30.33
CA GLN J 352 2.76 52.10 -30.94
C GLN J 352 2.62 52.01 -32.45
N SER J 353 3.58 51.37 -33.14
CA SER J 353 3.50 51.36 -34.62
C SER J 353 2.25 50.64 -35.15
N ARG J 354 1.87 49.52 -34.51
CA ARG J 354 0.64 48.80 -34.87
C ARG J 354 -0.61 49.66 -34.77
N ILE J 355 -0.74 50.41 -33.67
CA ILE J 355 -1.93 51.24 -33.41
C ILE J 355 -1.95 52.46 -34.34
N THR J 356 -0.86 53.24 -34.35
CA THR J 356 -0.76 54.44 -35.19
C THR J 356 -0.95 54.15 -36.68
N LYS J 357 -0.38 53.06 -37.21
CA LYS J 357 -0.62 52.64 -38.58
C LYS J 357 -2.09 52.31 -38.85
N THR J 358 -2.78 51.58 -37.98
CA THR J 358 -4.21 51.23 -38.20
C THR J 358 -5.13 52.45 -38.12
N PHE J 359 -4.87 53.35 -37.18
CA PHE J 359 -5.67 54.57 -37.05
C PHE J 359 -5.40 55.59 -38.15
N THR J 360 -4.13 55.85 -38.47
CA THR J 360 -3.79 56.74 -39.57
C THR J 360 -4.37 56.23 -40.89
N LYS J 361 -4.26 54.92 -41.16
CA LYS J 361 -4.85 54.31 -42.35
C LYS J 361 -6.35 54.55 -42.44
N SER J 362 -7.07 54.32 -41.33
CA SER J 362 -8.51 54.61 -41.27
C SER J 362 -8.82 56.09 -41.57
N TRP J 363 -8.31 57.01 -40.73
CA TRP J 363 -8.59 58.44 -40.83
C TRP J 363 -8.30 59.03 -42.23
N VAL J 364 -7.30 58.51 -42.91
CA VAL J 364 -6.81 59.02 -44.20
C VAL J 364 -7.40 58.26 -45.40
N ASP J 365 -8.14 57.17 -45.16
CA ASP J 365 -8.91 56.51 -46.20
C ASP J 365 -10.27 57.21 -46.45
N GLU J 366 -10.26 58.13 -47.40
CA GLU J 366 -11.26 58.19 -48.46
C GLU J 366 -11.67 56.75 -48.85
N LYS J 367 -12.90 56.33 -48.52
CA LYS J 367 -13.52 54.99 -48.67
C LYS J 367 -13.73 54.25 -47.33
N THR J 368 -13.56 54.96 -46.22
CA THR J 368 -13.92 54.51 -44.87
C THR J 368 -14.93 55.49 -44.27
N PRO J 369 -16.14 55.05 -43.89
CA PRO J 369 -17.21 55.96 -43.49
C PRO J 369 -16.86 56.99 -42.42
N TRP J 370 -17.57 58.14 -42.41
CA TRP J 370 -17.48 59.14 -41.34
C TRP J 370 -17.28 58.56 -39.96
N THR J 371 -18.06 57.54 -39.65
CA THR J 371 -18.02 56.87 -38.36
C THR J 371 -16.70 56.20 -38.00
N THR J 372 -16.11 55.51 -38.98
CA THR J 372 -14.79 54.88 -38.86
C THR J 372 -13.67 55.92 -38.76
N ARG J 373 -13.82 57.01 -39.51
CA ARG J 373 -12.84 58.09 -39.55
C ARG J 373 -12.76 58.88 -38.25
N TYR J 374 -13.88 59.47 -37.82
CA TYR J 374 -14.08 60.08 -36.51
C TYR J 374 -13.59 59.20 -35.37
N GLY J 375 -13.88 57.90 -35.39
CA GLY J 375 -13.30 57.00 -34.38
C GLY J 375 -11.77 56.99 -34.39
N SER J 376 -11.19 56.82 -35.57
CA SER J 376 -9.74 56.76 -35.70
C SER J 376 -9.00 58.06 -35.31
N ILE J 377 -9.59 59.21 -35.65
CA ILE J 377 -9.00 60.52 -35.32
C ILE J 377 -9.20 60.94 -33.88
N ALA J 378 -10.33 60.59 -33.26
CA ALA J 378 -10.50 60.68 -31.82
C ALA J 378 -9.41 59.87 -31.08
N GLY J 379 -9.18 58.62 -31.51
CA GLY J 379 -8.13 57.79 -30.93
C GLY J 379 -6.74 58.41 -31.05
N LEU J 380 -6.38 58.80 -32.29
CA LEU J 380 -5.12 59.52 -32.55
C LEU J 380 -4.96 60.73 -31.63
N ALA J 381 -5.98 61.59 -31.62
CA ALA J 381 -6.01 62.82 -30.85
C ALA J 381 -5.66 62.61 -29.38
N GLU J 382 -6.24 61.57 -28.77
CA GLU J 382 -6.05 61.25 -27.36
C GLU J 382 -4.82 60.37 -27.06
N LEU J 383 -4.14 59.77 -28.06
CA LEU J 383 -2.94 58.94 -27.76
C LEU J 383 -1.83 59.64 -26.99
N GLY J 384 -1.56 60.90 -27.35
CA GLY J 384 -0.38 61.61 -26.89
C GLY J 384 -0.32 62.97 -27.60
N HIS J 385 0.04 64.01 -26.87
CA HIS J 385 0.33 65.32 -27.50
C HIS J 385 1.33 65.22 -28.63
N ASP J 386 2.30 64.33 -28.52
CA ASP J 386 3.38 64.27 -29.51
C ASP J 386 2.95 63.52 -30.78
N VAL J 387 2.01 62.57 -30.64
CA VAL J 387 1.20 62.01 -31.72
C VAL J 387 0.27 63.05 -32.37
N ILE J 388 -0.42 63.90 -31.59
CA ILE J 388 -1.23 64.96 -32.19
C ILE J 388 -0.37 65.82 -33.11
N LYS J 389 0.78 66.31 -32.60
CA LYS J 389 1.58 67.22 -33.41
C LYS J 389 1.99 66.46 -34.68
N THR J 390 2.60 65.27 -34.51
CA THR J 390 3.29 64.54 -35.59
C THR J 390 2.45 63.86 -36.65
N LEU J 391 1.35 63.23 -36.28
CA LEU J 391 0.46 62.59 -37.24
C LEU J 391 -0.63 63.57 -37.64
N ILE J 392 -1.31 64.10 -36.63
CA ILE J 392 -2.57 64.78 -36.82
C ILE J 392 -2.43 66.25 -37.23
N LEU J 393 -1.37 66.98 -36.86
CA LEU J 393 -1.22 68.32 -37.41
C LEU J 393 -0.86 68.32 -38.92
N PRO J 394 0.17 67.56 -39.37
CA PRO J 394 0.50 67.52 -40.79
C PRO J 394 -0.61 66.90 -41.65
N ARG J 395 -1.23 65.83 -41.15
CA ARG J 395 -2.41 65.32 -41.84
C ARG J 395 -3.59 66.30 -41.86
N LEU J 396 -3.75 67.20 -40.88
CA LEU J 396 -4.91 68.09 -40.78
C LEU J 396 -5.28 68.74 -42.09
N GLN J 397 -4.39 69.55 -42.68
CA GLN J 397 -4.83 70.27 -43.91
C GLN J 397 -5.12 69.30 -45.08
N GLN J 398 -4.37 68.20 -45.17
CA GLN J 398 -4.58 67.24 -46.28
C GLN J 398 -5.96 66.54 -46.21
N GLU J 399 -6.33 66.14 -45.00
CA GLU J 399 -7.60 65.51 -44.70
C GLU J 399 -8.74 66.47 -44.76
N GLY J 400 -8.63 67.75 -44.39
CA GLY J 400 -9.71 68.69 -44.67
C GLY J 400 -9.90 69.02 -46.12
N GLU J 401 -8.88 69.10 -46.99
CA GLU J 401 -9.25 69.21 -48.41
C GLU J 401 -9.86 67.88 -48.91
N ARG J 402 -8.99 66.86 -49.13
CA ARG J 402 -9.38 65.62 -49.79
C ARG J 402 -10.71 65.11 -49.20
N ILE J 403 -10.58 64.85 -47.92
CA ILE J 403 -11.60 64.16 -47.17
C ILE J 403 -12.07 65.03 -45.99
N ARG J 404 -12.24 66.37 -46.24
CA ARG J 404 -13.51 67.00 -45.84
C ARG J 404 -14.48 65.96 -46.28
N SER J 405 -14.58 65.79 -47.61
CA SER J 405 -15.56 64.87 -48.19
C SER J 405 -16.76 64.76 -47.32
N VAL J 406 -17.33 65.87 -46.87
CA VAL J 406 -17.86 66.02 -45.48
C VAL J 406 -17.91 64.80 -44.51
N LEU J 407 -16.84 64.62 -43.71
CA LEU J 407 -16.52 63.45 -42.90
C LEU J 407 -16.10 62.17 -43.64
N ASP J 408 -15.74 62.26 -44.92
CA ASP J 408 -16.08 61.20 -45.92
C ASP J 408 -17.62 60.90 -45.94
N GLY J 409 -18.36 61.28 -47.03
CA GLY J 409 -19.44 62.31 -46.85
C GLY J 409 -20.76 62.17 -47.71
N PRO J 410 -22.08 62.33 -47.25
CA PRO J 410 -22.86 61.95 -46.02
C PRO J 410 -22.35 60.56 -45.54
N VAL J 411 -22.69 60.22 -44.30
CA VAL J 411 -21.75 59.68 -43.33
C VAL J 411 -22.00 60.70 -42.22
N LEU J 412 -21.43 61.88 -42.52
CA LEU J 412 -21.72 63.26 -42.10
C LEU J 412 -23.05 63.61 -41.44
N SER J 413 -23.86 64.28 -42.22
CA SER J 413 -24.59 65.51 -41.91
C SER J 413 -24.22 66.20 -40.57
N ASN J 414 -25.19 66.39 -39.68
CA ASN J 414 -24.95 66.89 -38.33
C ASN J 414 -24.00 66.07 -37.47
N ILE J 415 -23.37 65.04 -38.02
CA ILE J 415 -22.31 64.28 -37.40
C ILE J 415 -20.94 64.44 -38.04
N ASP J 416 -20.84 65.24 -39.10
CA ASP J 416 -19.72 66.17 -39.30
C ASP J 416 -20.00 67.54 -38.67
N ARG J 417 -21.25 67.94 -38.42
CA ARG J 417 -21.44 69.15 -37.59
C ARG J 417 -21.01 68.99 -36.14
N ILE J 418 -21.42 67.92 -35.47
CA ILE J 418 -21.00 67.59 -34.10
C ILE J 418 -19.70 66.81 -34.09
N GLY J 419 -19.42 66.00 -35.11
CA GLY J 419 -18.23 65.16 -35.12
C GLY J 419 -17.02 65.74 -35.83
N ALA J 420 -17.25 66.71 -36.72
CA ALA J 420 -16.23 67.64 -37.20
C ALA J 420 -16.27 69.00 -36.50
N ASP J 421 -17.29 69.36 -35.69
CA ASP J 421 -17.01 70.25 -34.55
C ASP J 421 -16.05 69.57 -33.59
N HIS J 422 -16.38 68.42 -32.98
CA HIS J 422 -15.48 67.73 -32.06
C HIS J 422 -14.10 67.50 -32.65
N VAL J 423 -13.97 67.11 -33.91
CA VAL J 423 -12.67 67.01 -34.54
C VAL J 423 -11.98 68.36 -34.62
N GLN J 424 -12.63 69.45 -35.03
CA GLN J 424 -11.98 70.77 -35.06
C GLN J 424 -11.66 71.37 -33.68
N SER J 425 -12.40 70.98 -32.66
CA SER J 425 -12.26 71.34 -31.26
C SER J 425 -11.07 70.61 -30.65
N LEU J 426 -10.98 69.30 -30.82
CA LEU J 426 -9.91 68.45 -30.32
C LEU J 426 -8.59 68.68 -31.08
N LEU J 427 -8.67 69.07 -32.34
CA LEU J 427 -7.58 69.59 -33.15
C LEU J 427 -7.15 70.96 -32.68
N LEU J 428 -8.04 71.90 -32.39
CA LEU J 428 -7.67 73.22 -31.91
C LEU J 428 -7.03 73.17 -30.53
N LYS J 429 -7.46 72.22 -29.70
CA LYS J 429 -7.15 72.10 -28.28
C LYS J 429 -6.14 70.99 -28.00
N HIS J 430 -5.61 70.38 -29.06
CA HIS J 430 -4.31 69.71 -29.04
C HIS J 430 -3.25 70.41 -29.88
N CYS J 431 -3.62 71.20 -30.89
CA CYS J 431 -2.76 72.18 -31.57
C CYS J 431 -2.27 73.25 -30.62
N ALA J 432 -3.17 73.90 -29.87
CA ALA J 432 -2.80 74.92 -28.90
C ALA J 432 -1.84 74.43 -27.81
N PRO J 433 -2.02 73.26 -27.18
CA PRO J 433 -1.03 72.76 -26.23
C PRO J 433 0.20 72.12 -26.85
N VAL J 434 0.21 71.64 -28.10
CA VAL J 434 1.48 71.19 -28.70
C VAL J 434 2.37 72.32 -29.18
N LEU J 435 1.77 73.45 -29.55
CA LEU J 435 2.45 74.72 -29.64
C LEU J 435 2.95 75.13 -28.24
N ALA J 436 2.08 75.33 -27.26
CA ALA J 436 2.46 75.77 -25.90
C ALA J 436 3.46 74.87 -25.15
N ILE K 213 19.16 39.85 -18.98
CA ILE K 213 20.49 39.33 -19.25
C ILE K 213 20.41 37.80 -19.42
N HIS K 214 19.84 37.14 -18.41
CA HIS K 214 19.70 35.69 -18.35
C HIS K 214 18.60 35.09 -19.24
N GLU K 215 17.87 35.90 -20.02
CA GLU K 215 17.03 35.38 -21.10
C GLU K 215 17.85 35.11 -22.38
N LEU K 216 18.96 35.83 -22.60
CA LEU K 216 19.46 35.93 -23.98
C LEU K 216 20.62 35.01 -24.32
N SER K 217 20.37 33.70 -24.30
CA SER K 217 21.33 32.65 -24.68
C SER K 217 22.67 32.71 -23.93
N VAL K 218 23.44 31.64 -24.02
CA VAL K 218 24.67 31.53 -23.24
C VAL K 218 25.77 32.41 -23.82
N GLU K 219 25.95 32.41 -25.13
CA GLU K 219 27.00 33.15 -25.83
C GLU K 219 26.76 34.67 -25.85
N GLN K 220 25.54 35.10 -26.18
CA GLN K 220 25.13 36.50 -26.08
C GLN K 220 25.13 36.98 -24.63
N GLN K 221 24.62 36.20 -23.65
CA GLN K 221 24.75 36.59 -22.24
C GLN K 221 26.21 36.78 -21.80
N LEU K 222 27.13 35.89 -22.19
CA LEU K 222 28.54 35.99 -21.85
C LEU K 222 29.12 37.30 -22.36
N TYR K 223 28.94 37.64 -23.64
CA TYR K 223 29.50 38.89 -24.16
C TYR K 223 28.90 40.17 -23.57
N TYR K 224 27.59 40.16 -23.28
CA TYR K 224 26.96 41.18 -22.46
C TYR K 224 27.64 41.33 -21.08
N LYS K 225 27.81 40.20 -20.37
CA LYS K 225 28.38 40.16 -19.02
C LYS K 225 29.76 40.79 -19.02
N GLU K 226 30.63 40.30 -19.89
CA GLU K 226 32.00 40.78 -20.08
C GLU K 226 32.09 42.31 -20.21
N ILE K 227 31.14 42.94 -20.92
CA ILE K 227 31.12 44.41 -21.06
C ILE K 227 30.60 45.13 -19.80
N THR K 228 29.61 44.55 -19.11
CA THR K 228 29.13 45.11 -17.84
C THR K 228 30.17 45.04 -16.70
N GLU K 229 30.84 43.90 -16.64
CA GLU K 229 31.96 43.60 -15.75
C GLU K 229 33.05 44.68 -15.86
N ALA K 230 33.36 45.09 -17.09
CA ALA K 230 34.24 46.22 -17.41
C ALA K 230 33.69 47.61 -17.04
N CYS K 231 32.39 47.79 -16.85
CA CYS K 231 31.86 49.06 -16.31
C CYS K 231 32.20 49.31 -14.85
N VAL K 232 32.02 48.32 -13.98
CA VAL K 232 32.24 48.57 -12.55
C VAL K 232 33.67 48.24 -12.10
N GLY K 233 34.39 47.42 -12.88
CA GLY K 233 35.76 47.05 -12.61
C GLY K 233 36.68 48.24 -12.32
N SER K 234 37.48 48.10 -11.26
CA SER K 234 38.56 49.04 -10.87
C SER K 234 39.65 49.26 -11.92
N CYS K 235 39.73 48.36 -12.89
CA CYS K 235 40.50 48.52 -14.11
C CYS K 235 39.97 49.66 -14.98
N GLU K 236 40.25 50.94 -14.63
CA GLU K 236 39.75 52.04 -15.47
C GLU K 236 40.23 51.99 -16.94
N ALA K 237 41.38 51.36 -17.21
CA ALA K 237 41.76 50.98 -18.55
C ALA K 237 40.74 50.05 -19.26
N LYS K 238 40.21 49.04 -18.56
CA LYS K 238 39.21 48.10 -19.10
C LYS K 238 37.83 48.71 -19.29
N ARG K 239 37.40 49.66 -18.45
CA ARG K 239 36.16 50.39 -18.78
C ARG K 239 36.35 51.22 -20.05
N ALA K 240 37.46 51.93 -20.23
CA ALA K 240 37.72 52.65 -21.47
C ALA K 240 37.74 51.74 -22.72
N GLU K 241 38.40 50.58 -22.64
CA GLU K 241 38.29 49.52 -23.66
C GLU K 241 36.85 49.05 -23.89
N ALA K 242 36.07 48.77 -22.85
CA ALA K 242 34.66 48.43 -23.01
C ALA K 242 33.80 49.48 -23.76
N LEU K 243 34.18 50.75 -23.64
CA LEU K 243 33.56 51.85 -24.39
C LEU K 243 33.87 51.70 -25.90
N GLN K 244 35.12 51.40 -26.22
CA GLN K 244 35.56 51.16 -27.59
C GLN K 244 34.80 50.00 -28.24
N SER K 245 34.76 48.86 -27.56
CA SER K 245 33.98 47.67 -27.91
C SER K 245 32.55 48.02 -28.27
N ILE K 246 31.83 48.69 -27.38
CA ILE K 246 30.43 49.08 -27.62
C ILE K 246 30.21 50.04 -28.80
N ALA K 247 31.24 50.75 -29.28
CA ALA K 247 31.17 51.53 -30.52
C ALA K 247 31.62 50.80 -31.81
N THR K 248 32.28 49.64 -31.70
CA THR K 248 33.03 49.05 -32.82
C THR K 248 32.51 47.67 -33.25
N ASP K 249 32.04 46.86 -32.30
CA ASP K 249 31.46 45.56 -32.59
C ASP K 249 30.20 45.65 -33.45
N PRO K 250 30.15 44.87 -34.55
CA PRO K 250 28.92 44.57 -35.25
C PRO K 250 28.11 43.50 -34.50
N GLY K 251 26.92 43.17 -35.01
CA GLY K 251 26.13 42.04 -34.50
C GLY K 251 25.35 42.31 -33.21
N LEU K 252 25.76 43.33 -32.46
CA LEU K 252 25.19 43.77 -31.19
C LEU K 252 23.69 44.09 -31.17
N TYR K 253 22.98 44.14 -32.29
CA TYR K 253 21.60 44.66 -32.38
C TYR K 253 20.61 44.05 -31.36
N GLN K 254 20.75 42.77 -31.02
CA GLN K 254 19.96 42.16 -29.92
C GLN K 254 20.37 42.60 -28.47
N MET K 255 21.61 43.04 -28.34
CA MET K 255 22.23 43.41 -27.08
C MET K 255 22.31 44.94 -26.86
N LEU K 256 21.86 45.73 -27.85
CA LEU K 256 20.93 46.85 -27.61
C LEU K 256 19.70 46.30 -26.86
N PRO K 257 18.59 47.00 -26.78
CA PRO K 257 17.97 47.35 -25.49
C PRO K 257 18.27 46.71 -24.11
N ARG K 258 18.97 45.58 -23.93
CA ARG K 258 19.61 45.18 -22.66
C ARG K 258 20.78 46.04 -22.18
N PHE K 259 21.77 46.32 -23.04
CA PHE K 259 22.46 47.60 -22.94
C PHE K 259 21.43 48.70 -23.19
N SER K 260 21.72 49.97 -23.04
CA SER K 260 20.68 50.97 -22.74
C SER K 260 19.75 50.62 -21.57
N THR K 261 18.92 49.55 -21.54
CA THR K 261 18.13 49.30 -20.31
C THR K 261 18.96 49.23 -19.02
N PHE K 262 20.05 48.46 -19.05
CA PHE K 262 21.00 48.43 -17.94
C PHE K 262 21.76 49.74 -17.74
N ILE K 263 22.08 50.50 -18.81
CA ILE K 263 22.69 51.83 -18.57
C ILE K 263 21.66 52.76 -17.91
N SER K 264 20.47 52.90 -18.51
CA SER K 264 19.40 53.77 -18.04
C SER K 264 18.89 53.36 -16.65
N GLU K 265 18.67 52.07 -16.43
CA GLU K 265 18.38 51.58 -15.07
C GLU K 265 19.45 51.98 -14.05
N GLY K 266 20.73 51.85 -14.40
CA GLY K 266 21.84 52.29 -13.55
C GLY K 266 21.93 53.78 -13.30
N VAL K 267 21.54 54.60 -14.25
CA VAL K 267 21.45 56.07 -14.18
C VAL K 267 20.25 56.51 -13.38
N ARG K 268 19.09 55.87 -13.55
CA ARG K 268 17.95 56.09 -12.65
C ARG K 268 18.37 55.83 -11.21
N VAL K 269 18.76 54.58 -10.94
CA VAL K 269 19.18 54.10 -9.63
C VAL K 269 20.30 54.98 -9.06
N ASN K 270 21.34 55.25 -9.83
CA ASN K 270 22.48 56.00 -9.33
C ASN K 270 22.26 57.51 -9.23
N VAL K 271 21.29 58.09 -9.94
CA VAL K 271 20.81 59.45 -9.61
C VAL K 271 20.15 59.41 -8.23
N VAL K 272 19.37 58.36 -7.96
CA VAL K 272 18.75 58.16 -6.63
C VAL K 272 19.69 57.46 -5.63
N GLN K 273 20.95 57.21 -6.00
CA GLN K 273 22.05 56.92 -5.06
C GLN K 273 23.16 57.99 -5.09
N ASN K 274 23.03 59.02 -5.93
CA ASN K 274 24.02 60.07 -6.18
C ASN K 274 25.44 59.64 -6.60
N ASN K 275 25.57 58.46 -7.20
CA ASN K 275 26.87 57.89 -7.54
C ASN K 275 27.41 58.46 -8.85
N LEU K 276 28.04 59.62 -8.71
CA LEU K 276 28.69 60.38 -9.78
C LEU K 276 29.75 59.60 -10.56
N ALA K 277 30.42 58.67 -9.89
CA ALA K 277 31.50 57.90 -10.49
C ALA K 277 30.91 56.94 -11.53
N LEU K 278 29.93 56.14 -11.13
CA LEU K 278 29.21 55.27 -12.07
C LEU K 278 28.50 56.05 -13.17
N LEU K 279 27.88 57.17 -12.80
CA LEU K 279 27.21 58.04 -13.75
C LEU K 279 28.18 58.60 -14.82
N ILE K 280 29.45 58.89 -14.49
CA ILE K 280 30.39 59.28 -15.54
C ILE K 280 30.74 58.14 -16.48
N TYR K 281 30.91 56.91 -16.00
CA TYR K 281 31.14 55.74 -16.86
C TYR K 281 29.93 55.34 -17.70
N LEU K 282 28.72 55.61 -17.22
CA LEU K 282 27.49 55.35 -17.97
C LEU K 282 27.25 56.40 -19.06
N MET K 283 27.52 57.69 -18.80
CA MET K 283 27.54 58.72 -19.85
C MET K 283 28.51 58.38 -20.99
N ARG K 284 29.74 57.98 -20.65
CA ARG K 284 30.73 57.50 -21.62
C ARG K 284 30.22 56.30 -22.43
N MET K 285 29.53 55.34 -21.80
CA MET K 285 28.97 54.18 -22.50
C MET K 285 27.84 54.58 -23.46
N VAL K 286 27.00 55.54 -23.09
CA VAL K 286 26.01 56.10 -24.02
C VAL K 286 26.66 56.71 -25.27
N LYS K 287 27.82 57.35 -25.11
CA LYS K 287 28.58 57.89 -26.23
C LYS K 287 29.02 56.82 -27.22
N ALA K 288 29.55 55.72 -26.72
CA ALA K 288 29.91 54.54 -27.50
C ALA K 288 28.73 54.02 -28.32
N LEU K 289 27.62 53.65 -27.68
CA LEU K 289 26.39 53.27 -28.38
C LEU K 289 26.02 54.27 -29.48
N MET K 290 25.94 55.57 -29.13
CA MET K 290 25.62 56.67 -30.04
C MET K 290 26.56 56.82 -31.24
N ASP K 291 27.75 56.24 -31.15
CA ASP K 291 28.78 56.31 -32.19
C ASP K 291 28.84 55.01 -33.01
N ASN K 292 28.20 53.92 -32.53
CA ASN K 292 28.28 52.59 -33.14
C ASN K 292 27.42 52.54 -34.42
N PRO K 293 28.02 52.56 -35.62
CA PRO K 293 27.24 52.61 -36.87
C PRO K 293 26.46 51.32 -37.18
N THR K 294 26.72 50.26 -36.42
CA THR K 294 26.04 48.95 -36.47
C THR K 294 24.91 48.83 -35.45
N LEU K 295 24.46 49.95 -34.87
CA LEU K 295 23.33 49.98 -33.97
C LEU K 295 22.34 51.09 -34.33
N TYR K 296 21.10 50.71 -34.62
CA TYR K 296 20.06 51.66 -35.00
C TYR K 296 19.57 52.50 -33.82
N LEU K 297 20.43 53.40 -33.33
CA LEU K 297 20.27 54.12 -32.06
C LEU K 297 19.07 55.05 -31.93
N GLU K 298 18.47 55.48 -33.05
CA GLU K 298 17.47 56.56 -33.08
C GLU K 298 16.39 56.43 -32.00
N LYS K 299 15.76 55.24 -31.94
CA LYS K 299 14.62 54.97 -31.06
C LYS K 299 14.93 55.37 -29.60
N TYR K 300 16.17 55.13 -29.23
CA TYR K 300 16.66 55.36 -27.89
C TYR K 300 17.33 56.73 -27.69
N VAL K 301 17.52 57.52 -28.76
CA VAL K 301 17.83 58.96 -28.64
C VAL K 301 16.91 59.68 -27.68
N HIS K 302 15.59 59.54 -27.84
CA HIS K 302 14.62 60.16 -26.89
C HIS K 302 14.65 59.63 -25.45
N GLU K 303 15.17 58.42 -25.22
CA GLU K 303 15.54 58.00 -23.83
C GLU K 303 16.88 58.59 -23.32
N LEU K 304 17.86 58.63 -24.20
CA LEU K 304 19.21 59.03 -23.84
C LEU K 304 19.38 60.53 -23.65
N ILE K 305 18.67 61.33 -24.46
CA ILE K 305 18.64 62.77 -24.26
C ILE K 305 18.09 63.21 -22.91
N PRO K 306 16.89 62.82 -22.45
CA PRO K 306 16.42 63.26 -21.15
C PRO K 306 17.23 62.69 -19.98
N ALA K 307 17.80 61.48 -20.06
CA ALA K 307 18.78 61.11 -19.01
C ALA K 307 20.00 62.05 -18.97
N VAL K 308 20.53 62.39 -20.15
CA VAL K 308 21.71 63.26 -20.25
C VAL K 308 21.39 64.71 -19.82
N MET K 309 20.30 65.28 -20.32
CA MET K 309 19.75 66.57 -19.89
C MET K 309 19.38 66.59 -18.40
N THR K 310 18.76 65.53 -17.88
CA THR K 310 18.52 65.42 -16.45
C THR K 310 19.83 65.53 -15.69
N CYS K 311 20.93 64.95 -16.18
CA CYS K 311 22.24 65.21 -15.54
C CYS K 311 22.77 66.64 -15.69
N ILE K 312 22.60 67.30 -16.82
CA ILE K 312 23.02 68.69 -17.02
C ILE K 312 22.30 69.67 -16.10
N VAL K 313 20.97 69.73 -16.25
CA VAL K 313 20.11 70.78 -15.67
C VAL K 313 19.38 70.34 -14.41
N SER K 314 19.29 69.04 -14.15
CA SER K 314 18.36 68.46 -13.18
C SER K 314 18.43 68.97 -11.74
N ARG K 315 17.28 69.37 -11.19
CA ARG K 315 17.14 69.80 -9.79
C ARG K 315 17.39 68.73 -8.75
N GLN K 316 17.77 67.52 -9.16
CA GLN K 316 17.96 66.37 -8.27
C GLN K 316 19.31 65.66 -8.41
N LEU K 317 20.06 65.94 -9.47
CA LEU K 317 21.51 65.76 -9.41
C LEU K 317 22.09 66.66 -8.32
N CYS K 318 22.11 66.16 -7.09
CA CYS K 318 22.24 67.07 -5.96
C CYS K 318 23.57 67.74 -5.79
N LEU K 319 24.60 67.36 -6.56
CA LEU K 319 26.00 67.82 -6.50
C LEU K 319 26.39 68.40 -5.14
N ARG K 320 25.78 67.78 -4.14
CA ARG K 320 25.52 68.43 -2.86
C ARG K 320 26.78 68.62 -2.01
N PRO K 321 27.81 67.76 -2.17
CA PRO K 321 29.13 67.99 -1.66
C PRO K 321 29.92 69.17 -2.21
N ASP K 322 31.22 69.09 -1.99
CA ASP K 322 32.25 69.57 -2.90
C ASP K 322 31.76 69.51 -4.34
N VAL K 323 31.68 70.73 -4.90
CA VAL K 323 31.13 70.95 -6.21
C VAL K 323 31.89 70.16 -7.24
N ASP K 324 33.22 70.14 -7.14
CA ASP K 324 34.13 69.34 -7.92
C ASP K 324 33.59 67.97 -8.32
N ASN K 325 33.05 67.16 -7.41
CA ASN K 325 32.44 65.88 -7.80
C ASN K 325 31.34 66.04 -8.84
N HIS K 326 30.31 66.88 -8.57
CA HIS K 326 29.15 66.88 -9.47
C HIS K 326 28.83 68.00 -10.47
N TRP K 327 29.40 69.19 -10.27
CA TRP K 327 29.90 69.96 -11.39
C TRP K 327 30.55 69.01 -12.40
N ALA K 328 31.52 68.13 -12.03
CA ALA K 328 32.04 67.23 -13.06
C ALA K 328 31.07 66.23 -13.69
N LEU K 329 29.90 65.95 -13.13
CA LEU K 329 28.89 65.21 -13.93
C LEU K 329 28.02 66.07 -14.85
N ARG K 330 27.60 67.27 -14.38
CA ARG K 330 26.89 68.20 -15.29
C ARG K 330 27.71 68.52 -16.55
N ASP K 331 28.98 68.84 -16.34
CA ASP K 331 29.96 69.17 -17.37
C ASP K 331 30.07 68.06 -18.42
N PHE K 332 30.38 66.83 -18.04
CA PHE K 332 30.49 65.71 -18.98
C PHE K 332 29.17 65.40 -19.68
N ALA K 333 28.08 65.34 -18.90
CA ALA K 333 26.73 65.25 -19.43
C ALA K 333 26.46 66.29 -20.54
N ALA K 334 26.81 67.56 -20.30
CA ALA K 334 26.65 68.63 -21.27
C ALA K 334 27.47 68.44 -22.53
N ARG K 335 28.66 67.83 -22.43
CA ARG K 335 29.54 67.50 -23.55
C ARG K 335 29.02 66.38 -24.42
N LEU K 336 28.30 65.43 -23.82
CA LEU K 336 27.52 64.44 -24.58
C LEU K 336 26.26 65.01 -25.23
N VAL K 337 25.52 65.89 -24.55
CA VAL K 337 24.45 66.65 -25.22
C VAL K 337 24.97 67.45 -26.42
N ALA K 338 26.19 67.97 -26.39
CA ALA K 338 26.76 68.70 -27.53
C ALA K 338 26.99 67.84 -28.76
N GLN K 339 27.43 66.58 -28.58
CA GLN K 339 27.42 65.59 -29.68
C GLN K 339 26.00 65.36 -30.18
N ILE K 340 25.10 64.89 -29.31
CA ILE K 340 23.75 64.53 -29.71
C ILE K 340 23.05 65.66 -30.47
N CYS K 341 23.26 66.92 -30.07
CA CYS K 341 22.76 68.07 -30.80
C CYS K 341 23.37 68.13 -32.21
N LYS K 342 24.70 68.07 -32.31
CA LYS K 342 25.44 68.22 -33.58
C LYS K 342 25.27 67.06 -34.57
N HIS K 343 24.72 65.94 -34.12
CA HIS K 343 24.48 64.72 -34.89
C HIS K 343 23.00 64.55 -35.29
N PHE K 344 22.06 64.79 -34.37
CA PHE K 344 20.62 64.49 -34.58
C PHE K 344 19.71 65.70 -34.81
N SER K 345 20.17 66.93 -34.53
CA SER K 345 19.33 68.13 -34.58
C SER K 345 18.61 68.34 -35.92
N THR K 346 19.32 68.13 -37.02
CA THR K 346 18.78 68.14 -38.39
C THR K 346 17.66 67.13 -38.57
N THR K 347 17.91 65.88 -38.14
CA THR K 347 17.07 64.72 -38.42
C THR K 347 15.78 64.70 -37.62
N THR K 348 15.76 65.33 -36.45
CA THR K 348 14.69 65.13 -35.46
C THR K 348 13.81 66.36 -35.22
N ASN K 349 14.26 67.58 -35.55
CA ASN K 349 13.65 68.90 -35.28
C ASN K 349 13.33 69.20 -33.77
N ASN K 350 12.54 68.33 -33.14
CA ASN K 350 12.19 68.33 -31.71
C ASN K 350 13.40 68.60 -30.80
N ILE K 351 14.51 67.95 -31.13
CA ILE K 351 15.70 67.88 -30.31
C ILE K 351 16.35 69.24 -30.05
N GLN K 352 16.69 69.99 -31.11
CA GLN K 352 17.27 71.33 -30.96
C GLN K 352 16.39 72.24 -30.11
N SER K 353 15.13 72.46 -30.52
CA SER K 353 14.31 73.42 -29.75
C SER K 353 14.09 72.98 -28.30
N ARG K 354 13.89 71.68 -28.05
CA ARG K 354 13.75 71.13 -26.70
C ARG K 354 14.95 71.46 -25.80
N ILE K 355 16.16 71.37 -26.36
CA ILE K 355 17.39 71.59 -25.59
C ILE K 355 17.66 73.09 -25.41
N THR K 356 17.72 73.82 -26.52
CA THR K 356 17.97 75.28 -26.50
C THR K 356 16.96 76.06 -25.66
N LYS K 357 15.66 75.77 -25.79
CA LYS K 357 14.65 76.37 -24.92
C LYS K 357 14.86 76.05 -23.45
N THR K 358 15.18 74.81 -23.07
CA THR K 358 15.39 74.47 -21.64
C THR K 358 16.69 75.07 -21.07
N PHE K 359 17.73 75.15 -21.89
CA PHE K 359 18.99 75.76 -21.45
C PHE K 359 18.94 77.29 -21.38
N THR K 360 18.37 77.94 -22.39
CA THR K 360 18.20 79.39 -22.36
C THR K 360 17.31 79.81 -21.19
N LYS K 361 16.13 79.18 -21.06
CA LYS K 361 15.23 79.45 -19.94
C LYS K 361 15.93 79.29 -18.58
N SER K 362 16.69 78.21 -18.41
CA SER K 362 17.49 78.01 -17.19
C SER K 362 18.48 79.15 -16.96
N TRP K 363 19.45 79.33 -17.87
CA TRP K 363 20.52 80.33 -17.72
C TRP K 363 20.01 81.74 -17.40
N VAL K 364 18.90 82.14 -18.00
CA VAL K 364 18.34 83.49 -17.92
C VAL K 364 17.36 83.64 -16.74
N ASP K 365 16.99 82.55 -16.08
CA ASP K 365 16.23 82.61 -14.82
C ASP K 365 17.16 82.80 -13.61
N GLU K 366 17.34 84.05 -13.24
CA GLU K 366 17.21 84.51 -11.86
C GLU K 366 16.00 83.79 -11.20
N LYS K 367 16.27 82.88 -10.26
CA LYS K 367 15.33 81.97 -9.53
C LYS K 367 15.52 80.48 -9.90
N THR K 368 16.55 80.17 -10.68
CA THR K 368 17.02 78.82 -10.96
C THR K 368 18.44 78.65 -10.40
N PRO K 369 18.68 77.69 -9.49
CA PRO K 369 19.95 77.60 -8.78
C PRO K 369 21.22 77.61 -9.63
N TRP K 370 22.31 78.21 -9.11
CA TRP K 370 23.64 78.14 -9.72
C TRP K 370 23.92 76.86 -10.48
N THR K 371 23.61 75.74 -9.85
CA THR K 371 23.83 74.43 -10.42
C THR K 371 23.13 74.16 -11.75
N THR K 372 21.88 74.59 -11.86
CA THR K 372 21.07 74.53 -13.08
C THR K 372 21.58 75.51 -14.15
N ARG K 373 21.95 76.71 -13.70
CA ARG K 373 22.42 77.78 -14.57
C ARG K 373 23.75 77.45 -15.25
N TYR K 374 24.82 77.42 -14.47
CA TYR K 374 26.16 76.93 -14.85
C TYR K 374 26.09 75.70 -15.75
N GLY K 375 25.25 74.72 -15.42
CA GLY K 375 25.06 73.59 -16.34
C GLY K 375 24.48 73.99 -17.70
N SER K 376 23.45 74.84 -17.66
CA SER K 376 22.81 75.28 -18.90
C SER K 376 23.68 76.16 -19.82
N ILE K 377 24.47 77.07 -19.22
CA ILE K 377 25.36 77.95 -19.98
C ILE K 377 26.61 77.26 -20.48
N ALA K 378 27.14 76.27 -19.77
CA ALA K 378 28.15 75.37 -20.29
C ALA K 378 27.65 74.63 -21.56
N GLY K 379 26.43 74.09 -21.50
CA GLY K 379 25.80 73.43 -22.65
C GLY K 379 25.63 74.38 -23.84
N LEU K 380 24.97 75.51 -23.59
CA LEU K 380 24.81 76.56 -24.60
C LEU K 380 26.14 76.90 -25.27
N ALA K 381 27.12 77.32 -24.48
CA ALA K 381 28.44 77.73 -24.91
C ALA K 381 29.09 76.73 -25.87
N GLU K 382 28.98 75.45 -25.53
CA GLU K 382 29.57 74.35 -26.29
C GLU K 382 28.69 73.81 -27.44
N LEU K 383 27.42 74.24 -27.59
CA LEU K 383 26.58 73.74 -28.71
C LEU K 383 27.07 74.12 -30.10
N GLY K 384 27.35 75.39 -30.31
CA GLY K 384 27.60 75.95 -31.63
C GLY K 384 27.85 77.45 -31.50
N HIS K 385 28.74 77.99 -32.34
CA HIS K 385 28.91 79.43 -32.44
C HIS K 385 27.61 80.17 -32.75
N ASP K 386 26.75 79.57 -33.56
CA ASP K 386 25.56 80.27 -34.02
C ASP K 386 24.51 80.39 -32.91
N VAL K 387 24.47 79.41 -32.00
CA VAL K 387 23.84 79.50 -30.67
C VAL K 387 24.53 80.50 -29.75
N ILE K 388 25.87 80.52 -29.69
CA ILE K 388 26.57 81.55 -28.90
C ILE K 388 26.15 82.93 -29.36
N LYS K 389 26.27 83.21 -30.67
CA LYS K 389 25.98 84.56 -31.15
C LYS K 389 24.56 84.91 -30.72
N THR K 390 23.57 84.11 -31.17
CA THR K 390 22.15 84.44 -31.07
C THR K 390 21.48 84.42 -29.70
N LEU K 391 21.84 83.48 -28.84
CA LEU K 391 21.30 83.41 -27.48
C LEU K 391 22.24 84.13 -26.54
N ILE K 392 23.51 83.72 -26.60
CA ILE K 392 24.46 84.04 -25.55
C ILE K 392 25.18 85.37 -25.75
N LEU K 393 25.34 85.91 -26.97
CA LEU K 393 25.89 87.25 -27.08
C LEU K 393 24.91 88.35 -26.59
N PRO K 394 23.64 88.40 -27.07
CA PRO K 394 22.71 89.40 -26.59
C PRO K 394 22.37 89.25 -25.10
N ARG K 395 22.24 88.00 -24.64
CA ARG K 395 22.10 87.81 -23.20
C ARG K 395 23.38 88.08 -22.42
N LEU K 396 24.58 87.98 -23.00
CA LEU K 396 25.84 88.12 -22.27
C LEU K 396 25.87 89.32 -21.33
N GLN K 397 25.79 90.54 -21.86
CA GLN K 397 25.92 91.69 -20.94
C GLN K 397 24.82 91.72 -19.87
N GLN K 398 23.60 91.29 -20.23
CA GLN K 398 22.49 91.31 -19.26
C GLN K 398 22.66 90.30 -18.12
N GLU K 399 23.07 89.08 -18.49
CA GLU K 399 23.34 88.00 -17.57
C GLU K 399 24.57 88.23 -16.75
N GLY K 400 25.64 88.84 -17.24
CA GLY K 400 26.74 89.23 -16.36
C GLY K 400 26.41 90.35 -15.41
N GLU K 401 25.61 91.37 -15.75
CA GLU K 401 25.20 92.25 -14.63
C GLU K 401 24.17 91.55 -13.73
N ARG K 402 22.93 91.42 -14.23
CA ARG K 402 21.80 90.95 -13.41
C ARG K 402 22.23 89.76 -12.55
N ILE K 403 22.55 88.72 -13.30
CA ILE K 403 22.77 87.42 -12.75
C ILE K 403 24.21 86.93 -13.08
N ARG K 404 25.20 87.87 -12.92
CA ARG K 404 26.40 87.49 -12.15
C ARG K 404 25.75 86.90 -10.95
N SER K 405 25.00 87.73 -10.21
CA SER K 405 24.38 87.31 -8.95
C SER K 405 25.18 86.23 -8.31
N VAL K 406 26.48 86.40 -8.16
CA VAL K 406 27.49 85.31 -8.39
C VAL K 406 27.04 83.85 -8.63
N LEU K 407 26.81 83.50 -9.90
CA LEU K 407 26.17 82.28 -10.40
C LEU K 407 24.62 82.19 -10.28
N ASP K 408 23.96 83.30 -9.94
CA ASP K 408 22.77 83.27 -9.05
C ASP K 408 23.10 82.65 -7.65
N GLY K 409 23.28 83.48 -6.59
CA GLY K 409 24.63 83.53 -5.93
C GLY K 409 24.71 83.67 -4.36
N PRO K 410 25.57 82.99 -3.48
CA PRO K 410 26.14 81.60 -3.36
C PRO K 410 25.03 80.61 -3.80
N TYR L 172 -25.01 43.32 -3.24
CA TYR L 172 -23.69 43.75 -3.65
C TYR L 172 -22.66 43.37 -2.60
N GLN L 173 -22.97 43.63 -1.33
CA GLN L 173 -22.08 43.30 -0.23
C GLN L 173 -21.76 41.81 -0.25
N VAL L 174 -22.79 40.98 -0.39
CA VAL L 174 -22.62 39.55 -0.42
C VAL L 174 -21.66 39.15 -1.54
N LEU L 175 -21.87 39.72 -2.73
CA LEU L 175 -21.02 39.42 -3.87
C LEU L 175 -19.57 39.74 -3.54
N ARG L 176 -19.34 40.92 -2.95
CA ARG L 176 -18.00 41.34 -2.58
C ARG L 176 -17.37 40.32 -1.66
N GLU L 177 -18.11 39.89 -0.64
CA GLU L 177 -17.62 38.91 0.32
C GLU L 177 -17.19 37.64 -0.40
N LYS L 178 -18.04 37.16 -1.31
CA LYS L 178 -17.75 35.96 -2.07
C LYS L 178 -16.43 36.12 -2.82
N ALA L 179 -16.26 37.25 -3.50
CA ALA L 179 -15.06 37.52 -4.24
C ALA L 179 -13.83 37.43 -3.33
N ALA L 180 -13.92 38.06 -2.16
CA ALA L 180 -12.83 38.06 -1.20
C ALA L 180 -12.47 36.62 -0.83
N SER L 181 -13.48 35.81 -0.54
CA SER L 181 -13.27 34.42 -0.18
C SER L 181 -12.50 33.70 -1.28
N GLN L 182 -12.95 33.90 -2.53
CA GLN L 182 -12.31 33.27 -3.67
C GLN L 182 -10.83 33.64 -3.72
N ARG L 183 -10.54 34.94 -3.56
CA ARG L 183 -9.18 35.42 -3.58
C ARG L 183 -8.35 34.71 -2.52
N ARG L 184 -8.89 34.60 -1.30
CA ARG L 184 -8.19 33.95 -0.22
C ARG L 184 -7.86 32.51 -0.60
N ASP L 185 -8.84 31.80 -1.16
CA ASP L 185 -8.64 30.42 -1.58
C ASP L 185 -7.49 30.33 -2.56
N VAL L 186 -7.48 31.22 -3.56
CA VAL L 186 -6.45 31.24 -4.56
C VAL L 186 -5.08 31.40 -3.91
N GLU L 187 -4.97 32.35 -2.97
CA GLU L 187 -3.73 32.60 -2.27
C GLU L 187 -3.26 31.33 -1.57
N ARG L 188 -4.17 30.66 -0.88
CA ARG L 188 -3.84 29.43 -0.17
C ARG L 188 -3.27 28.41 -1.14
N ALA L 189 -3.93 28.23 -2.28
CA ALA L 189 -3.48 27.28 -3.29
C ALA L 189 -2.05 27.60 -3.72
N LEU L 190 -1.79 28.88 -3.99
CA LEU L 190 -0.47 29.32 -4.40
C LEU L 190 0.56 28.93 -3.35
N THR L 191 0.26 29.20 -2.09
CA THR L 191 1.16 28.87 -0.99
C THR L 191 1.47 27.39 -1.00
N ARG L 192 0.43 26.56 -1.14
CA ARG L 192 0.60 25.12 -1.17
C ARG L 192 1.56 24.72 -2.28
N PHE L 193 1.35 25.28 -3.47
CA PHE L 193 2.20 24.98 -4.61
C PHE L 193 3.65 25.30 -4.28
N MET L 194 3.88 26.48 -3.71
CA MET L 194 5.22 26.91 -3.34
C MET L 194 5.86 25.89 -2.42
N ALA L 195 5.12 25.46 -1.40
CA ALA L 195 5.61 24.49 -0.43
C ALA L 195 6.04 23.22 -1.15
N LYS L 196 5.19 22.73 -2.06
CA LYS L 196 5.47 21.52 -2.81
C LYS L 196 6.79 21.68 -3.56
N THR L 197 6.96 22.81 -4.24
CA THR L 197 8.17 23.08 -5.00
C THR L 197 9.39 22.99 -4.08
N GLY L 198 9.31 23.58 -3.01
#